data_5ISG
#
_entry.id   5ISG
#
_cell.length_a   74.689
_cell.length_b   98.160
_cell.length_c   205.108
_cell.angle_alpha   90.00
_cell.angle_beta   90.00
_cell.angle_gamma   90.00
#
_symmetry.space_group_name_H-M   'P 21 21 2'
#
loop_
_entity.id
_entity.type
_entity.pdbx_description
1 polymer 'Histone-arginine methyltransferase CARM1'
2 non-polymer 1,2-DIMETHOXYETHANE
3 non-polymer 1,2-ETHANEDIOL
4 non-polymer 1-(2-METHOXY-ETHOXY)-2-{2-[2-(2-METHOXY-ETHOXY]-ETHOXY}-ETHANE
5 non-polymer DI(HYDROXYETHYL)ETHER
6 non-polymer "5'-{[(3S)-3-amino-3-carboxypropyl](3-aminopropyl)amino}-5'-deoxyadenosine"
7 non-polymer 1-METHOXY-2-(2-METHOXYETHOXY)ETHANE
8 water water
#
_entity_poly.entity_id   1
_entity_poly.type   'polypeptide(L)'
_entity_poly.pdbx_seq_one_letter_code
;GHMGHTLERSVFSERTEESSAVQYFQFYGYLSQQQNMMQDYVRTGTYQRAILQNHTDFKDKIVLDVGCGSGILSFFAAQA
GARKIYAVEASTMAQHAEVLVKSNNLTDRIVVIPGKVEEVSLPEQVDIIISEPMGYMLFNERMLESYLHAKKYLKPSGNM
FPTIGDVHLAPFTDEQLYMEQFTKANFWYQPSFHGVDLSALRGAAVDEYFRQPVVDTFDIRILMAKSVKYTVNFLEAKEG
DLHRIEIPFKFHMLHSGLVHGLAFWFDVAFIGSIMTVWLSTAPTEPLTHWYQVRCLFQSPLFAKAGDTLSGTCLLIANKR
QSYDISIVAQVDQTGSKSSNLLDLKNPFFRYTGTTPSPPPG
;
_entity_poly.pdbx_strand_id   A,B,C,D
#
# COMPACT_ATOMS: atom_id res chain seq x y z
N SER A 10 -38.98 -1.55 -24.86
CA SER A 10 -38.27 -0.30 -25.07
C SER A 10 -37.45 -0.34 -26.34
N VAL A 11 -36.93 0.82 -26.76
CA VAL A 11 -36.07 0.86 -27.93
C VAL A 11 -34.78 0.09 -27.67
N PHE A 12 -34.27 0.13 -26.44
CA PHE A 12 -33.05 -0.59 -26.13
C PHE A 12 -33.27 -2.10 -26.20
N SER A 13 -34.33 -2.59 -25.54
CA SER A 13 -34.54 -4.04 -25.48
C SER A 13 -34.80 -4.63 -26.86
N GLU A 14 -35.34 -3.84 -27.79
CA GLU A 14 -35.65 -4.36 -29.11
C GLU A 14 -34.44 -4.41 -30.03
N ARG A 15 -33.38 -3.66 -29.73
CA ARG A 15 -32.16 -3.69 -30.53
C ARG A 15 -31.04 -4.48 -29.88
N THR A 16 -31.26 -5.01 -28.68
CA THR A 16 -30.21 -5.67 -27.91
C THR A 16 -30.67 -7.02 -27.43
N GLU A 17 -29.88 -8.06 -27.69
CA GLU A 17 -30.13 -9.37 -27.10
C GLU A 17 -29.91 -9.30 -25.59
N GLU A 18 -30.79 -9.97 -24.84
CA GLU A 18 -30.72 -9.90 -23.39
C GLU A 18 -29.33 -10.29 -22.88
N SER A 19 -28.79 -11.39 -23.40
CA SER A 19 -27.50 -11.88 -22.92
C SER A 19 -26.42 -10.81 -23.06
N SER A 20 -26.40 -10.11 -24.20
CA SER A 20 -25.41 -9.06 -24.41
C SER A 20 -25.60 -7.92 -23.40
N ALA A 21 -26.86 -7.48 -23.21
CA ALA A 21 -27.12 -6.37 -22.30
C ALA A 21 -26.68 -6.71 -20.88
N VAL A 22 -26.98 -7.93 -20.42
CA VAL A 22 -26.59 -8.33 -19.07
C VAL A 22 -25.08 -8.22 -18.92
N GLN A 23 -24.33 -8.89 -19.80
CA GLN A 23 -22.87 -8.82 -19.75
C GLN A 23 -22.38 -7.39 -19.85
N TYR A 24 -23.02 -6.59 -20.70
CA TYR A 24 -22.60 -5.22 -20.92
C TYR A 24 -22.69 -4.39 -19.64
N PHE A 25 -23.85 -4.44 -18.97
CA PHE A 25 -24.06 -3.64 -17.78
C PHE A 25 -23.43 -4.25 -16.53
N GLN A 26 -23.22 -5.57 -16.50
CA GLN A 26 -22.40 -6.15 -15.44
C GLN A 26 -20.97 -5.64 -15.55
N PHE A 27 -20.42 -5.61 -16.77
CA PHE A 27 -19.09 -5.09 -16.98
C PHE A 27 -18.94 -3.68 -16.40
N TYR A 28 -19.86 -2.78 -16.75
CA TYR A 28 -19.76 -1.40 -16.30
C TYR A 28 -20.19 -1.20 -14.86
N GLY A 29 -20.68 -2.25 -14.19
CA GLY A 29 -20.96 -2.16 -12.77
C GLY A 29 -19.74 -2.27 -11.88
N TYR A 30 -18.57 -2.56 -12.44
CA TYR A 30 -17.34 -2.69 -11.66
C TYR A 30 -16.68 -1.34 -11.50
N LEU A 31 -16.30 -1.01 -10.27
CA LEU A 31 -15.54 0.21 -10.02
C LEU A 31 -14.20 0.20 -10.74
N SER A 32 -13.62 -0.99 -10.93
CA SER A 32 -12.33 -1.08 -11.61
C SER A 32 -12.44 -0.66 -13.07
N GLN A 33 -13.58 -0.91 -13.70
CA GLN A 33 -13.77 -0.48 -15.09
C GLN A 33 -14.03 1.01 -15.19
N GLN A 34 -14.87 1.55 -14.29
CA GLN A 34 -15.01 3.00 -14.21
C GLN A 34 -13.67 3.66 -13.97
N GLN A 35 -12.89 3.10 -13.04
CA GLN A 35 -11.57 3.64 -12.73
C GLN A 35 -10.68 3.63 -13.97
N ASN A 36 -10.72 2.54 -14.74
CA ASN A 36 -9.90 2.46 -15.95
C ASN A 36 -10.20 3.61 -16.90
N MET A 37 -11.48 3.93 -17.06
CA MET A 37 -11.86 5.03 -17.95
C MET A 37 -11.53 6.39 -17.33
N MET A 38 -11.73 6.53 -16.02
CA MET A 38 -11.41 7.77 -15.35
C MET A 38 -9.91 8.05 -15.37
N GLN A 39 -9.09 7.00 -15.35
CA GLN A 39 -7.64 7.18 -15.37
C GLN A 39 -7.07 7.44 -16.75
N ASP A 40 -7.92 7.46 -17.78
CA ASP A 40 -7.50 7.94 -19.11
C ASP A 40 -7.49 9.45 -19.05
N TYR A 41 -6.32 10.02 -18.75
CA TYR A 41 -6.22 11.45 -18.50
C TYR A 41 -6.65 12.25 -19.72
N VAL A 42 -6.29 11.79 -20.91
CA VAL A 42 -6.67 12.49 -22.14
C VAL A 42 -8.20 12.59 -22.23
N ARG A 43 -8.87 11.47 -22.04
CA ARG A 43 -10.33 11.46 -22.11
C ARG A 43 -10.95 12.34 -21.03
N THR A 44 -10.61 12.05 -19.77
CA THR A 44 -11.24 12.76 -18.66
C THR A 44 -10.86 14.23 -18.64
N GLY A 45 -9.59 14.54 -18.89
CA GLY A 45 -9.16 15.93 -18.88
C GLY A 45 -9.77 16.75 -20.00
N THR A 46 -9.86 16.17 -21.20
CA THR A 46 -10.45 16.89 -22.32
C THR A 46 -11.92 17.18 -22.08
N TYR A 47 -12.67 16.19 -21.56
CA TYR A 47 -14.07 16.43 -21.23
C TYR A 47 -14.20 17.58 -20.25
N GLN A 48 -13.37 17.60 -19.21
CA GLN A 48 -13.43 18.68 -18.22
C GLN A 48 -13.12 20.03 -18.87
N ARG A 49 -12.03 20.09 -19.64
CA ARG A 49 -11.70 21.32 -20.36
C ARG A 49 -12.88 21.78 -21.21
N ALA A 50 -13.46 20.87 -21.99
CA ALA A 50 -14.56 21.25 -22.88
C ALA A 50 -15.72 21.84 -22.09
N ILE A 51 -16.06 21.24 -20.95
CA ILE A 51 -17.19 21.72 -20.16
C ILE A 51 -16.83 23.02 -19.46
N LEU A 52 -15.66 23.07 -18.80
CA LEU A 52 -15.32 24.24 -18.00
C LEU A 52 -15.00 25.45 -18.88
N GLN A 53 -14.35 25.22 -20.03
CA GLN A 53 -14.02 26.34 -20.91
C GLN A 53 -15.23 26.87 -21.66
N ASN A 54 -16.35 26.14 -21.64
CA ASN A 54 -17.61 26.63 -22.18
C ASN A 54 -18.62 26.77 -21.06
N HIS A 55 -18.22 27.39 -19.96
CA HIS A 55 -19.09 27.50 -18.79
C HIS A 55 -20.42 28.17 -19.13
N THR A 56 -20.45 29.01 -20.18
CA THR A 56 -21.69 29.68 -20.55
C THR A 56 -22.72 28.74 -21.15
N ASP A 57 -22.29 27.58 -21.63
CA ASP A 57 -23.23 26.56 -22.09
C ASP A 57 -23.79 25.71 -20.95
N PHE A 58 -23.30 25.92 -19.73
CA PHE A 58 -23.73 25.14 -18.58
C PHE A 58 -24.25 25.96 -17.41
N LYS A 59 -23.72 27.16 -17.19
CA LYS A 59 -24.09 27.93 -16.01
C LYS A 59 -25.60 28.14 -15.95
N ASP A 60 -26.20 27.72 -14.85
CA ASP A 60 -27.63 27.85 -14.61
C ASP A 60 -28.48 27.13 -15.64
N LYS A 61 -27.92 26.12 -16.30
CA LYS A 61 -28.65 25.32 -17.28
C LYS A 61 -29.11 24.01 -16.65
N ILE A 62 -29.98 23.30 -17.38
CA ILE A 62 -30.40 21.95 -17.03
C ILE A 62 -29.69 20.98 -17.95
N VAL A 63 -29.05 19.96 -17.35
CA VAL A 63 -28.15 19.07 -18.07
C VAL A 63 -28.65 17.64 -17.93
N LEU A 64 -28.47 16.85 -18.98
CA LEU A 64 -28.70 15.41 -18.96
C LEU A 64 -27.38 14.71 -19.24
N ASP A 65 -26.97 13.82 -18.33
CA ASP A 65 -25.77 13.01 -18.49
C ASP A 65 -26.21 11.58 -18.79
N VAL A 66 -26.02 11.17 -20.04
CA VAL A 66 -26.49 9.85 -20.50
C VAL A 66 -25.40 8.83 -20.19
N GLY A 67 -25.69 7.94 -19.25
CA GLY A 67 -24.71 6.95 -18.84
C GLY A 67 -23.63 7.55 -17.97
N CYS A 68 -24.02 8.10 -16.82
CA CYS A 68 -23.10 8.88 -16.00
C CYS A 68 -22.02 8.02 -15.36
N GLY A 69 -22.20 6.70 -15.33
CA GLY A 69 -21.25 5.84 -14.65
C GLY A 69 -21.01 6.29 -13.22
N SER A 70 -19.75 6.62 -12.91
CA SER A 70 -19.42 7.14 -11.58
C SER A 70 -20.05 8.51 -11.33
N GLY A 71 -20.42 9.24 -12.39
CA GLY A 71 -20.94 10.58 -12.26
C GLY A 71 -19.95 11.67 -12.59
N ILE A 72 -18.73 11.32 -13.00
CA ILE A 72 -17.66 12.30 -13.17
C ILE A 72 -18.10 13.45 -14.07
N LEU A 73 -18.79 13.16 -15.17
CA LEU A 73 -19.18 14.22 -16.10
C LEU A 73 -20.25 15.13 -15.49
N SER A 74 -21.13 14.57 -14.66
CA SER A 74 -22.12 15.41 -13.98
C SER A 74 -21.44 16.36 -13.01
N PHE A 75 -20.38 15.90 -12.34
CA PHE A 75 -19.64 16.78 -11.45
C PHE A 75 -18.92 17.88 -12.21
N PHE A 76 -18.43 17.58 -13.41
CA PHE A 76 -17.87 18.62 -14.26
C PHE A 76 -18.92 19.66 -14.63
N ALA A 77 -20.12 19.20 -15.00
CA ALA A 77 -21.20 20.13 -15.32
C ALA A 77 -21.55 20.97 -14.10
N ALA A 78 -21.54 20.37 -12.90
CA ALA A 78 -21.79 21.13 -11.69
C ALA A 78 -20.67 22.15 -11.44
N GLN A 79 -19.41 21.75 -11.64
CA GLN A 79 -18.31 22.69 -11.51
C GLN A 79 -18.49 23.89 -12.44
N ALA A 80 -19.12 23.68 -13.60
CA ALA A 80 -19.36 24.77 -14.55
C ALA A 80 -20.55 25.63 -14.20
N GLY A 81 -21.24 25.34 -13.09
CA GLY A 81 -22.34 26.16 -12.63
C GLY A 81 -23.72 25.70 -13.03
N ALA A 82 -23.88 24.44 -13.44
CA ALA A 82 -25.18 23.97 -13.90
C ALA A 82 -26.21 24.03 -12.77
N ARG A 83 -27.44 24.36 -13.15
CA ARG A 83 -28.53 24.46 -12.19
C ARG A 83 -29.03 23.10 -11.74
N LYS A 84 -29.14 22.15 -12.69
CA LYS A 84 -29.69 20.83 -12.40
C LYS A 84 -29.12 19.84 -13.40
N ILE A 85 -28.69 18.69 -12.92
CA ILE A 85 -28.11 17.64 -13.77
C ILE A 85 -28.85 16.35 -13.48
N TYR A 86 -29.49 15.80 -14.50
CA TYR A 86 -30.08 14.47 -14.44
C TYR A 86 -29.06 13.47 -14.96
N ALA A 87 -28.54 12.63 -14.08
CA ALA A 87 -27.51 11.65 -14.41
C ALA A 87 -28.17 10.27 -14.48
N VAL A 88 -28.18 9.68 -15.67
CA VAL A 88 -28.87 8.42 -15.94
C VAL A 88 -27.83 7.32 -16.11
N GLU A 89 -28.02 6.22 -15.39
CA GLU A 89 -27.09 5.10 -15.40
C GLU A 89 -27.86 3.81 -15.17
N ALA A 90 -27.66 2.83 -16.06
CA ALA A 90 -28.44 1.61 -16.04
C ALA A 90 -27.81 0.48 -15.24
N SER A 91 -26.49 0.50 -15.03
CA SER A 91 -25.84 -0.54 -14.27
C SER A 91 -25.95 -0.25 -12.77
N THR A 92 -25.44 -1.17 -11.95
CA THR A 92 -25.44 -0.97 -10.51
C THR A 92 -24.49 0.14 -10.08
N MET A 93 -23.69 0.68 -11.00
CA MET A 93 -22.87 1.84 -10.70
C MET A 93 -23.71 3.04 -10.30
N ALA A 94 -24.99 3.05 -10.67
CA ALA A 94 -25.87 4.15 -10.26
C ALA A 94 -25.89 4.32 -8.75
N GLN A 95 -25.88 3.20 -8.01
CA GLN A 95 -25.89 3.29 -6.56
C GLN A 95 -24.60 3.91 -6.02
N HIS A 96 -23.48 3.68 -6.70
CA HIS A 96 -22.23 4.29 -6.26
C HIS A 96 -22.19 5.77 -6.61
N ALA A 97 -22.75 6.15 -7.76
CA ALA A 97 -22.80 7.56 -8.12
C ALA A 97 -23.65 8.34 -7.13
N GLU A 98 -24.79 7.77 -6.70
CA GLU A 98 -25.61 8.42 -5.70
C GLU A 98 -24.84 8.65 -4.42
N VAL A 99 -23.99 7.70 -4.03
CA VAL A 99 -23.16 7.86 -2.84
C VAL A 99 -22.19 9.04 -3.02
N LEU A 100 -21.67 9.21 -4.23
CA LEU A 100 -20.74 10.31 -4.46
C LEU A 100 -21.46 11.66 -4.50
N VAL A 101 -22.67 11.70 -5.07
CA VAL A 101 -23.43 12.95 -5.10
C VAL A 101 -23.72 13.40 -3.67
N LYS A 102 -24.03 12.46 -2.78
CA LYS A 102 -24.29 12.79 -1.38
C LYS A 102 -23.03 13.27 -0.69
N SER A 103 -21.94 12.51 -0.80
CA SER A 103 -20.70 12.86 -0.12
C SER A 103 -20.09 14.16 -0.64
N ASN A 104 -20.41 14.55 -1.86
CA ASN A 104 -19.94 15.83 -2.41
C ASN A 104 -20.97 16.95 -2.25
N ASN A 105 -22.01 16.73 -1.43
CA ASN A 105 -22.98 17.77 -1.08
C ASN A 105 -23.58 18.42 -2.33
N LEU A 106 -23.98 17.59 -3.29
CA LEU A 106 -24.56 18.07 -4.53
C LEU A 106 -25.95 17.48 -4.78
N THR A 107 -26.60 16.98 -3.73
CA THR A 107 -27.94 16.41 -3.90
C THR A 107 -28.96 17.45 -4.35
N ASP A 108 -28.68 18.74 -4.15
CA ASP A 108 -29.59 19.78 -4.61
C ASP A 108 -29.49 20.01 -6.11
N ARG A 109 -28.40 19.58 -6.75
CA ARG A 109 -28.14 19.88 -8.14
C ARG A 109 -28.06 18.66 -9.05
N ILE A 110 -27.62 17.51 -8.55
CA ILE A 110 -27.47 16.30 -9.35
C ILE A 110 -28.48 15.27 -8.88
N VAL A 111 -29.32 14.82 -9.81
CA VAL A 111 -30.32 13.80 -9.53
C VAL A 111 -29.93 12.56 -10.33
N VAL A 112 -29.52 11.50 -9.64
CA VAL A 112 -29.19 10.25 -10.29
C VAL A 112 -30.46 9.47 -10.54
N ILE A 113 -30.66 9.05 -11.78
CA ILE A 113 -31.85 8.31 -12.20
C ILE A 113 -31.40 6.91 -12.62
N PRO A 114 -31.61 5.89 -11.81
CA PRO A 114 -31.17 4.54 -12.19
C PRO A 114 -32.07 3.96 -13.28
N GLY A 115 -31.45 3.47 -14.34
CA GLY A 115 -32.19 2.87 -15.42
C GLY A 115 -31.62 3.20 -16.78
N LYS A 116 -32.22 2.62 -17.82
CA LYS A 116 -31.78 2.89 -19.19
C LYS A 116 -32.45 4.16 -19.70
N VAL A 117 -31.67 4.97 -20.41
CA VAL A 117 -32.17 6.26 -20.87
C VAL A 117 -33.36 6.10 -21.80
N GLU A 118 -33.52 4.92 -22.41
CA GLU A 118 -34.67 4.63 -23.25
C GLU A 118 -35.91 4.24 -22.46
N GLU A 119 -35.79 4.11 -21.14
CA GLU A 119 -36.87 3.54 -20.33
C GLU A 119 -37.27 4.43 -19.17
N VAL A 120 -36.33 5.23 -18.64
CA VAL A 120 -36.63 6.10 -17.52
C VAL A 120 -37.50 7.26 -18.00
N SER A 121 -38.04 8.02 -17.05
CA SER A 121 -38.80 9.22 -17.36
C SER A 121 -38.10 10.41 -16.72
N LEU A 122 -37.88 11.43 -17.51
CA LEU A 122 -37.25 12.66 -17.00
C LEU A 122 -38.32 13.69 -16.68
N PRO A 123 -38.20 14.42 -15.57
CA PRO A 123 -39.29 15.32 -15.17
C PRO A 123 -39.41 16.58 -16.02
N GLU A 124 -38.39 16.95 -16.78
CA GLU A 124 -38.43 18.16 -17.58
C GLU A 124 -37.48 18.04 -18.76
N GLN A 125 -37.56 19.01 -19.66
CA GLN A 125 -36.64 19.10 -20.77
C GLN A 125 -35.32 19.74 -20.31
N VAL A 126 -34.25 19.44 -21.04
CA VAL A 126 -32.91 19.85 -20.65
C VAL A 126 -32.34 20.77 -21.73
N ASP A 127 -31.37 21.58 -21.31
CA ASP A 127 -30.72 22.51 -22.24
C ASP A 127 -29.60 21.87 -23.03
N ILE A 128 -28.88 20.92 -22.42
CA ILE A 128 -27.70 20.33 -23.06
C ILE A 128 -27.59 18.88 -22.58
N ILE A 129 -27.14 18.01 -23.47
CA ILE A 129 -26.88 16.61 -23.16
C ILE A 129 -25.39 16.38 -23.21
N ILE A 130 -24.85 15.79 -22.15
CA ILE A 130 -23.45 15.38 -22.11
C ILE A 130 -23.42 13.85 -22.04
N SER A 131 -22.36 13.27 -22.58
CA SER A 131 -22.20 11.83 -22.56
C SER A 131 -20.84 11.49 -23.12
N GLU A 132 -20.37 10.29 -22.76
CA GLU A 132 -19.18 9.68 -23.36
C GLU A 132 -19.64 8.35 -23.92
N PRO A 133 -20.21 8.33 -25.13
CA PRO A 133 -20.72 7.08 -25.71
C PRO A 133 -19.81 6.42 -26.74
N MET A 134 -18.56 6.87 -26.88
CA MET A 134 -17.69 6.37 -27.94
C MET A 134 -17.09 5.03 -27.53
N GLY A 135 -17.18 4.05 -28.42
CA GLY A 135 -16.46 2.81 -28.31
C GLY A 135 -15.34 2.72 -29.32
N TYR A 136 -14.70 1.55 -29.35
CA TYR A 136 -13.73 1.27 -30.41
C TYR A 136 -14.32 1.63 -31.76
N MET A 137 -13.51 2.23 -32.61
CA MET A 137 -13.97 2.62 -33.94
C MET A 137 -15.18 3.55 -33.85
N LEU A 138 -15.28 4.26 -32.72
CA LEU A 138 -16.38 5.18 -32.44
C LEU A 138 -17.68 4.46 -32.12
N PHE A 139 -18.13 3.57 -33.02
CA PHE A 139 -19.49 3.05 -32.99
C PHE A 139 -19.66 1.81 -32.12
N ASN A 140 -18.59 1.15 -31.71
CA ASN A 140 -18.74 -0.09 -30.96
C ASN A 140 -19.51 0.17 -29.67
N GLU A 141 -20.31 -0.84 -29.28
CA GLU A 141 -21.17 -0.80 -28.10
C GLU A 141 -22.54 -0.21 -28.42
N ARG A 142 -22.65 0.53 -29.51
CA ARG A 142 -23.93 1.10 -29.95
C ARG A 142 -24.52 2.04 -28.91
N MET A 143 -23.68 2.64 -28.08
CA MET A 143 -24.19 3.59 -27.10
C MET A 143 -24.51 4.94 -27.70
N LEU A 144 -23.97 5.25 -28.88
CA LEU A 144 -24.34 6.51 -29.55
C LEU A 144 -25.84 6.56 -29.82
N GLU A 145 -26.46 5.42 -30.07
CA GLU A 145 -27.91 5.40 -30.28
C GLU A 145 -28.66 5.80 -29.03
N SER A 146 -28.15 5.41 -27.85
CA SER A 146 -28.75 5.89 -26.61
C SER A 146 -28.55 7.40 -26.47
N TYR A 147 -27.37 7.89 -26.85
CA TYR A 147 -27.09 9.32 -26.82
C TYR A 147 -28.06 10.09 -27.71
N LEU A 148 -28.28 9.60 -28.93
CA LEU A 148 -29.21 10.26 -29.84
C LEU A 148 -30.65 10.10 -29.37
N HIS A 149 -31.01 8.90 -28.92
CA HIS A 149 -32.34 8.68 -28.39
C HIS A 149 -32.69 9.73 -27.34
N ALA A 150 -31.74 10.06 -26.47
CA ALA A 150 -31.97 11.01 -25.39
C ALA A 150 -32.33 12.40 -25.88
N LYS A 151 -32.19 12.68 -27.17
CA LYS A 151 -32.58 13.99 -27.70
C LYS A 151 -34.09 14.22 -27.60
N LYS A 152 -34.88 13.19 -27.31
CA LYS A 152 -36.30 13.41 -27.06
C LYS A 152 -36.51 14.32 -25.85
N TYR A 153 -35.48 14.53 -25.03
CA TYR A 153 -35.54 15.42 -23.88
C TYR A 153 -34.83 16.75 -24.11
N LEU A 154 -34.29 16.97 -25.31
CA LEU A 154 -33.52 18.18 -25.58
C LEU A 154 -34.41 19.29 -26.14
N LYS A 155 -34.26 20.49 -25.58
CA LYS A 155 -34.98 21.64 -26.09
C LYS A 155 -34.54 21.96 -27.51
N PRO A 156 -35.39 22.64 -28.29
CA PRO A 156 -35.05 22.88 -29.70
C PRO A 156 -33.71 23.58 -29.92
N SER A 157 -33.29 24.47 -29.04
CA SER A 157 -31.98 25.12 -29.14
C SER A 157 -30.92 24.42 -28.32
N GLY A 158 -31.19 23.21 -27.85
CA GLY A 158 -30.26 22.53 -26.99
C GLY A 158 -28.99 22.12 -27.72
N ASN A 159 -27.98 21.78 -26.95
CA ASN A 159 -26.68 21.42 -27.48
C ASN A 159 -26.33 19.99 -27.08
N MET A 160 -25.28 19.47 -27.71
CA MET A 160 -24.80 18.11 -27.48
C MET A 160 -23.30 18.16 -27.25
N PHE A 161 -22.85 17.55 -26.16
CA PHE A 161 -21.42 17.48 -25.80
C PHE A 161 -21.02 16.02 -25.63
N PRO A 162 -20.32 15.42 -26.60
CA PRO A 162 -19.77 15.97 -27.84
C PRO A 162 -20.84 16.34 -28.88
N THR A 163 -20.46 17.23 -29.80
CA THR A 163 -21.38 17.76 -30.80
C THR A 163 -21.30 16.98 -32.11
N ILE A 164 -20.10 16.59 -32.53
CA ILE A 164 -19.90 15.86 -33.78
C ILE A 164 -18.84 14.79 -33.55
N GLY A 165 -18.86 13.79 -34.42
CA GLY A 165 -17.88 12.72 -34.39
C GLY A 165 -17.32 12.45 -35.77
N ASP A 166 -16.00 12.35 -35.88
CA ASP A 166 -15.32 12.09 -37.14
C ASP A 166 -14.68 10.71 -37.06
N VAL A 167 -15.02 9.85 -38.01
CA VAL A 167 -14.35 8.56 -38.19
C VAL A 167 -13.35 8.72 -39.32
N HIS A 168 -12.09 8.38 -39.06
CA HIS A 168 -11.03 8.47 -40.05
C HIS A 168 -10.61 7.07 -40.50
N LEU A 169 -10.53 6.88 -41.81
CA LEU A 169 -10.08 5.64 -42.42
C LEU A 169 -8.82 5.92 -43.22
N ALA A 170 -7.85 5.00 -43.17
CA ALA A 170 -6.65 5.16 -43.98
C ALA A 170 -6.01 3.82 -44.29
N PRO A 171 -5.51 3.62 -45.51
CA PRO A 171 -4.84 2.35 -45.82
C PRO A 171 -3.47 2.28 -45.15
N PHE A 172 -3.10 1.07 -44.75
CA PHE A 172 -1.81 0.84 -44.10
C PHE A 172 -1.11 -0.37 -44.69
N THR A 173 0.21 -0.40 -44.51
CA THR A 173 1.03 -1.55 -44.82
C THR A 173 1.68 -2.04 -43.54
N ASP A 174 1.52 -3.33 -43.24
CA ASP A 174 2.14 -3.93 -42.05
C ASP A 174 2.32 -5.42 -42.34
N GLU A 175 3.46 -5.76 -42.93
CA GLU A 175 3.73 -7.15 -43.31
C GLU A 175 3.72 -8.06 -42.08
N GLN A 176 4.22 -7.58 -40.94
CA GLN A 176 4.31 -8.42 -39.75
C GLN A 176 2.92 -8.77 -39.23
N LEU A 177 2.04 -7.77 -39.13
CA LEU A 177 0.68 -8.03 -38.65
C LEU A 177 -0.02 -9.04 -39.54
N TYR A 178 0.05 -8.84 -40.86
CA TYR A 178 -0.59 -9.78 -41.79
C TYR A 178 -0.05 -11.18 -41.60
N MET A 179 1.28 -11.33 -41.55
CA MET A 179 1.89 -12.65 -41.46
C MET A 179 1.53 -13.35 -40.16
N GLU A 180 1.41 -12.58 -39.07
CA GLU A 180 1.06 -13.16 -37.78
C GLU A 180 -0.22 -13.99 -37.84
N GLN A 181 -1.17 -13.59 -38.69
CA GLN A 181 -2.43 -14.32 -38.77
C GLN A 181 -2.20 -15.76 -39.23
N PHE A 182 -1.38 -15.94 -40.26
CA PHE A 182 -1.13 -17.28 -40.79
C PHE A 182 -0.20 -18.07 -39.90
N THR A 183 0.75 -17.41 -39.23
CA THR A 183 1.54 -18.11 -38.23
C THR A 183 0.65 -18.73 -37.16
N LYS A 184 -0.38 -17.99 -36.72
CA LYS A 184 -1.29 -18.51 -35.72
C LYS A 184 -2.20 -19.59 -36.30
N ALA A 185 -2.76 -19.35 -37.49
CA ALA A 185 -3.69 -20.31 -38.07
C ALA A 185 -2.98 -21.58 -38.52
N ASN A 186 -1.68 -21.51 -38.83
CA ASN A 186 -0.97 -22.68 -39.32
C ASN A 186 -0.73 -23.71 -38.23
N PHE A 187 -1.06 -23.40 -36.97
CA PHE A 187 -1.12 -24.44 -35.96
C PHE A 187 -1.99 -25.60 -36.43
N TRP A 188 -3.07 -25.30 -37.14
CA TRP A 188 -4.00 -26.32 -37.59
C TRP A 188 -3.51 -27.09 -38.80
N TYR A 189 -2.47 -26.62 -39.48
CA TYR A 189 -1.96 -27.29 -40.69
C TYR A 189 -0.81 -28.23 -40.31
N GLN A 190 -1.18 -29.29 -39.59
CA GLN A 190 -0.22 -30.34 -39.31
C GLN A 190 -0.94 -31.69 -39.33
N PRO A 191 -0.33 -32.71 -39.92
CA PRO A 191 -1.05 -33.97 -40.16
C PRO A 191 -1.12 -34.90 -38.97
N SER A 192 -0.35 -34.66 -37.90
CA SER A 192 -0.36 -35.56 -36.75
C SER A 192 -0.09 -34.77 -35.47
N PHE A 193 -1.10 -34.01 -35.03
CA PHE A 193 -1.08 -33.40 -33.72
C PHE A 193 -1.53 -34.46 -32.72
N HIS A 194 -0.59 -35.07 -32.02
CA HIS A 194 -0.90 -36.18 -31.13
C HIS A 194 -1.65 -37.28 -31.86
N GLY A 195 -1.26 -37.50 -33.12
CA GLY A 195 -1.89 -38.52 -33.95
C GLY A 195 -3.10 -38.06 -34.71
N VAL A 196 -3.43 -36.76 -34.69
CA VAL A 196 -4.65 -36.24 -35.28
C VAL A 196 -4.28 -35.26 -36.38
N ASP A 197 -4.93 -35.41 -37.54
CA ASP A 197 -4.75 -34.50 -38.67
C ASP A 197 -5.71 -33.32 -38.49
N LEU A 198 -5.15 -32.13 -38.24
CA LEU A 198 -5.94 -30.94 -38.00
C LEU A 198 -6.15 -30.08 -39.24
N SER A 199 -5.53 -30.44 -40.36
CA SER A 199 -5.40 -29.51 -41.49
C SER A 199 -6.74 -29.07 -42.04
N ALA A 200 -7.78 -29.89 -41.90
CA ALA A 200 -9.07 -29.54 -42.50
C ALA A 200 -9.67 -28.27 -41.90
N LEU A 201 -9.22 -27.84 -40.72
CA LEU A 201 -9.75 -26.65 -40.07
C LEU A 201 -8.87 -25.43 -40.23
N ARG A 202 -7.76 -25.54 -40.98
CA ARG A 202 -6.88 -24.40 -41.15
C ARG A 202 -7.60 -23.24 -41.85
N GLY A 203 -8.42 -23.54 -42.85
CA GLY A 203 -9.18 -22.49 -43.52
C GLY A 203 -10.11 -21.76 -42.57
N ALA A 204 -10.86 -22.51 -41.78
CA ALA A 204 -11.77 -21.89 -40.82
C ALA A 204 -11.00 -21.06 -39.80
N ALA A 205 -9.82 -21.54 -39.38
CA ALA A 205 -9.01 -20.79 -38.42
C ALA A 205 -8.51 -19.48 -39.04
N VAL A 206 -8.02 -19.54 -40.28
CA VAL A 206 -7.63 -18.31 -40.98
C VAL A 206 -8.78 -17.33 -41.01
N ASP A 207 -9.96 -17.80 -41.44
CA ASP A 207 -11.12 -16.92 -41.52
C ASP A 207 -11.43 -16.29 -40.17
N GLU A 208 -11.35 -17.09 -39.10
CA GLU A 208 -11.68 -16.58 -37.77
C GLU A 208 -10.72 -15.47 -37.35
N TYR A 209 -9.42 -15.67 -37.56
CA TYR A 209 -8.45 -14.66 -37.16
C TYR A 209 -8.62 -13.37 -37.95
N PHE A 210 -8.85 -13.48 -39.27
CA PHE A 210 -9.01 -12.28 -40.08
C PHE A 210 -10.31 -11.53 -39.78
N ARG A 211 -11.31 -12.20 -39.23
CA ARG A 211 -12.55 -11.54 -38.83
C ARG A 211 -12.38 -10.67 -37.59
N GLN A 212 -11.19 -10.60 -37.00
CA GLN A 212 -10.99 -9.86 -35.76
C GLN A 212 -10.36 -8.51 -36.05
N PRO A 213 -11.01 -7.38 -35.74
CA PRO A 213 -10.31 -6.10 -35.78
C PRO A 213 -9.18 -6.09 -34.77
N VAL A 214 -8.03 -5.57 -35.17
CA VAL A 214 -6.85 -5.54 -34.33
C VAL A 214 -6.82 -4.21 -33.60
N VAL A 215 -6.89 -4.26 -32.27
CA VAL A 215 -6.85 -3.07 -31.42
C VAL A 215 -5.43 -2.92 -30.91
N ASP A 216 -4.76 -1.87 -31.35
CA ASP A 216 -3.46 -1.47 -30.80
C ASP A 216 -3.09 -0.14 -31.45
N THR A 217 -1.85 0.29 -31.25
CA THR A 217 -1.35 1.51 -31.86
C THR A 217 -0.22 1.15 -32.82
N PHE A 218 0.23 2.15 -33.58
CA PHE A 218 1.19 1.87 -34.64
C PHE A 218 1.90 3.17 -35.01
N ASP A 219 3.06 3.00 -35.66
CA ASP A 219 3.80 4.13 -36.20
C ASP A 219 3.05 4.71 -37.38
N ILE A 220 2.94 6.04 -37.42
CA ILE A 220 2.17 6.68 -38.49
C ILE A 220 2.77 6.49 -39.86
N ARG A 221 4.02 6.02 -39.94
CA ARG A 221 4.67 5.82 -41.23
C ARG A 221 4.15 4.60 -41.96
N ILE A 222 3.32 3.76 -41.33
CA ILE A 222 2.68 2.67 -42.05
C ILE A 222 1.49 3.13 -42.87
N LEU A 223 1.03 4.36 -42.67
CA LEU A 223 -0.09 4.90 -43.43
C LEU A 223 0.36 5.24 -44.84
N MET A 224 -0.46 4.86 -45.82
N MET A 224 -0.46 4.86 -45.82
CA MET A 224 -0.12 4.98 -47.22
CA MET A 224 -0.10 5.00 -47.23
C MET A 224 -0.85 6.12 -47.93
C MET A 224 -0.82 6.15 -47.92
N ALA A 225 -1.75 6.81 -47.25
CA ALA A 225 -2.50 7.90 -47.86
C ALA A 225 -3.16 8.73 -46.77
N LYS A 226 -3.58 9.93 -47.16
CA LYS A 226 -4.31 10.79 -46.25
C LYS A 226 -5.66 10.16 -45.90
N SER A 227 -6.04 10.28 -44.64
CA SER A 227 -7.24 9.62 -44.16
C SER A 227 -8.49 10.23 -44.81
N VAL A 228 -9.51 9.39 -44.98
CA VAL A 228 -10.84 9.83 -45.35
C VAL A 228 -11.65 9.98 -44.07
N LYS A 229 -12.55 10.96 -44.06
CA LYS A 229 -13.30 11.33 -42.88
C LYS A 229 -14.78 11.12 -43.11
N TYR A 230 -15.45 10.58 -42.10
CA TYR A 230 -16.91 10.42 -42.12
C TYR A 230 -17.46 11.05 -40.85
N THR A 231 -18.27 12.10 -41.01
CA THR A 231 -18.74 12.90 -39.88
C THR A 231 -20.17 12.51 -39.51
N VAL A 232 -20.41 12.36 -38.21
CA VAL A 232 -21.76 12.24 -37.67
C VAL A 232 -22.04 13.51 -36.87
N ASN A 233 -23.08 14.24 -37.26
CA ASN A 233 -23.51 15.43 -36.53
C ASN A 233 -24.59 14.98 -35.53
N PHE A 234 -24.21 14.90 -34.26
CA PHE A 234 -25.11 14.39 -33.24
C PHE A 234 -26.33 15.29 -33.04
N LEU A 235 -26.22 16.58 -33.37
CA LEU A 235 -27.38 17.46 -33.28
C LEU A 235 -28.44 17.10 -34.32
N GLU A 236 -28.01 16.66 -35.51
CA GLU A 236 -28.91 16.40 -36.61
C GLU A 236 -29.24 14.92 -36.81
N ALA A 237 -28.37 14.02 -36.35
CA ALA A 237 -28.55 12.60 -36.65
C ALA A 237 -29.66 11.99 -35.79
N LYS A 238 -30.21 10.90 -36.31
CA LYS A 238 -31.19 10.09 -35.59
C LYS A 238 -30.61 8.71 -35.31
N GLU A 239 -31.18 8.04 -34.31
CA GLU A 239 -30.80 6.66 -33.99
C GLU A 239 -30.70 5.82 -35.26
N GLY A 240 -31.73 5.90 -36.11
CA GLY A 240 -31.78 5.04 -37.27
C GLY A 240 -30.61 5.23 -38.21
N ASP A 241 -30.01 6.42 -38.21
CA ASP A 241 -28.87 6.69 -39.08
C ASP A 241 -27.68 5.81 -38.74
N LEU A 242 -27.62 5.25 -37.54
CA LEU A 242 -26.48 4.46 -37.09
C LEU A 242 -26.66 2.95 -37.27
N HIS A 243 -27.82 2.51 -37.76
CA HIS A 243 -28.03 1.07 -37.96
C HIS A 243 -27.30 0.57 -39.20
N ARG A 244 -27.13 1.43 -40.20
CA ARG A 244 -26.42 1.11 -41.42
C ARG A 244 -25.55 2.29 -41.77
N ILE A 245 -24.24 2.11 -41.74
CA ILE A 245 -23.28 3.19 -41.95
C ILE A 245 -22.44 2.84 -43.16
N GLU A 246 -22.67 3.54 -44.27
CA GLU A 246 -21.95 3.31 -45.51
C GLU A 246 -20.89 4.40 -45.66
N ILE A 247 -19.63 4.00 -45.62
CA ILE A 247 -18.52 4.95 -45.73
C ILE A 247 -17.77 4.67 -47.03
N PRO A 248 -18.11 5.34 -48.13
CA PRO A 248 -17.31 5.20 -49.34
C PRO A 248 -15.98 5.90 -49.16
N PHE A 249 -14.96 5.42 -49.88
CA PHE A 249 -13.64 6.01 -49.76
C PHE A 249 -12.92 5.99 -51.10
N LYS A 250 -12.05 6.98 -51.28
CA LYS A 250 -11.21 7.10 -52.46
C LYS A 250 -9.87 7.63 -51.97
N PHE A 251 -8.90 6.73 -51.82
CA PHE A 251 -7.58 7.09 -51.33
C PHE A 251 -6.63 7.36 -52.48
N HIS A 252 -5.82 8.39 -52.34
CA HIS A 252 -4.78 8.73 -53.31
C HIS A 252 -3.44 8.35 -52.69
N MET A 253 -2.85 7.29 -53.21
CA MET A 253 -1.71 6.65 -52.54
C MET A 253 -0.50 7.57 -52.57
N LEU A 254 0.00 7.92 -51.38
CA LEU A 254 1.21 8.71 -51.26
C LEU A 254 2.47 7.86 -51.36
N HIS A 255 2.36 6.56 -51.11
CA HIS A 255 3.49 5.65 -51.14
C HIS A 255 3.12 4.41 -51.92
N SER A 256 4.13 3.77 -52.50
CA SER A 256 3.97 2.50 -53.17
C SER A 256 4.18 1.36 -52.17
N GLY A 257 3.43 0.29 -52.35
CA GLY A 257 3.60 -0.88 -51.52
C GLY A 257 2.33 -1.70 -51.47
N LEU A 258 2.36 -2.71 -50.60
CA LEU A 258 1.23 -3.59 -50.39
C LEU A 258 0.34 -3.00 -49.29
N VAL A 259 -0.93 -2.78 -49.61
CA VAL A 259 -1.92 -2.34 -48.65
C VAL A 259 -2.52 -3.58 -47.98
N HIS A 260 -2.34 -3.70 -46.67
CA HIS A 260 -2.81 -4.87 -45.94
C HIS A 260 -4.15 -4.67 -45.25
N GLY A 261 -4.71 -3.46 -45.27
CA GLY A 261 -5.99 -3.23 -44.64
C GLY A 261 -6.21 -1.74 -44.41
N LEU A 262 -7.23 -1.45 -43.61
CA LEU A 262 -7.63 -0.08 -43.29
C LEU A 262 -7.48 0.14 -41.79
N ALA A 263 -6.89 1.27 -41.42
CA ALA A 263 -6.76 1.68 -40.04
C ALA A 263 -7.85 2.69 -39.70
N PHE A 264 -8.38 2.59 -38.49
CA PHE A 264 -9.49 3.41 -38.06
C PHE A 264 -9.13 4.16 -36.78
N TRP A 265 -9.60 5.40 -36.70
CA TRP A 265 -9.57 6.17 -35.47
C TRP A 265 -10.66 7.22 -35.58
N PHE A 266 -10.89 7.94 -34.48
CA PHE A 266 -11.99 8.90 -34.48
C PHE A 266 -11.63 10.11 -33.64
N ASP A 267 -12.29 11.22 -33.96
CA ASP A 267 -12.27 12.44 -33.16
C ASP A 267 -13.70 12.82 -32.81
N VAL A 268 -13.85 13.53 -31.70
CA VAL A 268 -15.10 14.20 -31.37
C VAL A 268 -14.78 15.65 -31.02
N ALA A 269 -15.74 16.53 -31.28
CA ALA A 269 -15.58 17.95 -31.03
C ALA A 269 -16.71 18.45 -30.15
N PHE A 270 -16.36 19.20 -29.11
CA PHE A 270 -17.33 19.85 -28.23
C PHE A 270 -17.45 21.29 -28.70
N ILE A 271 -18.51 21.59 -29.44
CA ILE A 271 -18.68 22.88 -30.10
C ILE A 271 -19.53 23.74 -29.15
N GLY A 272 -18.85 24.52 -28.31
CA GLY A 272 -19.51 25.38 -27.36
C GLY A 272 -19.57 26.83 -27.82
N SER A 273 -20.18 27.66 -26.96
CA SER A 273 -20.35 29.07 -27.28
C SER A 273 -19.04 29.83 -27.22
N ILE A 274 -18.12 29.40 -26.35
CA ILE A 274 -16.85 30.10 -26.20
C ILE A 274 -15.78 29.52 -27.13
N MET A 275 -15.70 28.19 -27.24
CA MET A 275 -14.67 27.58 -28.06
C MET A 275 -15.05 26.15 -28.39
N THR A 276 -14.40 25.60 -29.40
CA THR A 276 -14.52 24.20 -29.77
C THR A 276 -13.31 23.45 -29.21
N VAL A 277 -13.56 22.37 -28.49
CA VAL A 277 -12.51 21.52 -27.94
C VAL A 277 -12.58 20.17 -28.63
N TRP A 278 -11.41 19.64 -29.01
CA TRP A 278 -11.31 18.38 -29.71
C TRP A 278 -10.75 17.30 -28.79
N LEU A 279 -11.34 16.11 -28.87
CA LEU A 279 -10.78 14.90 -28.29
C LEU A 279 -10.45 13.96 -29.43
N SER A 280 -9.17 13.62 -29.58
CA SER A 280 -8.69 12.85 -30.72
C SER A 280 -8.03 11.56 -30.24
N THR A 281 -8.31 10.47 -30.97
CA THR A 281 -7.63 9.19 -30.78
C THR A 281 -6.70 8.87 -31.95
N ALA A 282 -6.29 9.89 -32.71
CA ALA A 282 -5.47 9.66 -33.88
C ALA A 282 -4.11 9.10 -33.47
N PRO A 283 -3.44 8.36 -34.36
CA PRO A 283 -2.11 7.83 -34.03
C PRO A 283 -1.05 8.92 -33.91
N THR A 284 -1.34 10.14 -34.34
CA THR A 284 -0.43 11.27 -34.16
C THR A 284 -0.58 11.94 -32.80
N GLU A 285 -1.58 11.55 -32.01
CA GLU A 285 -1.87 12.16 -30.73
C GLU A 285 -1.54 11.20 -29.59
N PRO A 286 -1.43 11.70 -28.36
CA PRO A 286 -1.14 10.80 -27.23
C PRO A 286 -2.18 9.70 -27.11
N LEU A 287 -1.73 8.53 -26.66
CA LEU A 287 -2.53 7.33 -26.68
C LEU A 287 -3.68 7.40 -25.68
N THR A 288 -4.80 6.79 -26.04
CA THR A 288 -5.97 6.68 -25.19
C THR A 288 -6.35 5.21 -25.08
N HIS A 289 -7.31 4.92 -24.20
CA HIS A 289 -7.76 3.55 -24.02
C HIS A 289 -8.54 3.03 -25.22
N TRP A 290 -8.82 3.87 -26.21
CA TRP A 290 -9.38 3.42 -27.48
C TRP A 290 -8.31 2.97 -28.46
N TYR A 291 -7.06 3.35 -28.25
CA TYR A 291 -5.98 3.03 -29.18
C TYR A 291 -6.39 3.38 -30.60
N GLN A 292 -6.03 2.54 -31.57
CA GLN A 292 -6.60 2.57 -32.91
C GLN A 292 -7.02 1.16 -33.28
N VAL A 293 -7.75 1.04 -34.37
CA VAL A 293 -8.27 -0.24 -34.83
C VAL A 293 -7.84 -0.45 -36.28
N ARG A 294 -7.38 -1.65 -36.59
CA ARG A 294 -7.00 -2.01 -37.96
C ARG A 294 -7.80 -3.23 -38.39
N CYS A 295 -8.35 -3.17 -39.59
CA CYS A 295 -9.05 -4.27 -40.23
C CYS A 295 -8.23 -4.71 -41.43
N LEU A 296 -7.77 -5.96 -41.41
CA LEU A 296 -6.93 -6.48 -42.48
C LEU A 296 -7.78 -6.87 -43.68
N PHE A 297 -7.19 -6.74 -44.86
CA PHE A 297 -7.74 -7.35 -46.05
C PHE A 297 -7.34 -8.83 -46.11
N GLN A 298 -8.22 -9.65 -46.67
CA GLN A 298 -7.89 -11.07 -46.82
C GLN A 298 -6.68 -11.24 -47.72
N SER A 299 -6.61 -10.46 -48.79
CA SER A 299 -5.46 -10.47 -49.70
C SER A 299 -4.96 -9.03 -49.82
N PRO A 300 -3.67 -8.78 -49.69
CA PRO A 300 -3.17 -7.41 -49.85
C PRO A 300 -3.31 -6.94 -51.29
N LEU A 301 -3.30 -5.62 -51.44
CA LEU A 301 -3.42 -4.98 -52.73
C LEU A 301 -2.15 -4.18 -53.00
N PHE A 302 -1.56 -4.37 -54.18
CA PHE A 302 -0.41 -3.58 -54.56
C PHE A 302 -0.89 -2.26 -55.16
N ALA A 303 -0.32 -1.16 -54.68
CA ALA A 303 -0.66 0.16 -55.18
C ALA A 303 0.62 0.96 -55.40
N LYS A 304 0.69 1.64 -56.53
CA LYS A 304 1.76 2.59 -56.80
C LYS A 304 1.37 3.96 -56.27
N ALA A 305 2.37 4.71 -55.82
CA ALA A 305 2.16 6.11 -55.50
C ALA A 305 1.51 6.81 -56.67
N GLY A 306 0.37 7.43 -56.43
CA GLY A 306 -0.42 8.05 -57.47
C GLY A 306 -1.62 7.24 -57.91
N ASP A 307 -1.64 5.95 -57.62
CA ASP A 307 -2.82 5.13 -57.87
C ASP A 307 -3.95 5.54 -56.92
N THR A 308 -5.14 5.04 -57.21
CA THR A 308 -6.33 5.32 -56.42
C THR A 308 -6.88 4.02 -55.85
N LEU A 309 -7.13 4.03 -54.54
CA LEU A 309 -7.75 2.90 -53.85
C LEU A 309 -9.16 3.33 -53.48
N SER A 310 -10.15 2.72 -54.16
CA SER A 310 -11.55 3.12 -54.01
C SER A 310 -12.36 1.92 -53.54
N GLY A 311 -13.36 2.20 -52.71
CA GLY A 311 -14.23 1.15 -52.22
C GLY A 311 -15.18 1.67 -51.17
N THR A 312 -15.64 0.76 -50.31
CA THR A 312 -16.67 1.09 -49.34
C THR A 312 -16.44 0.31 -48.06
N CYS A 313 -16.64 0.99 -46.93
CA CYS A 313 -16.69 0.35 -45.62
C CYS A 313 -18.13 0.44 -45.11
N LEU A 314 -18.79 -0.71 -44.98
CA LEU A 314 -20.19 -0.77 -44.60
C LEU A 314 -20.30 -1.39 -43.21
N LEU A 315 -20.83 -0.61 -42.26
CA LEU A 315 -21.01 -1.06 -40.87
C LEU A 315 -22.48 -1.35 -40.66
N ILE A 316 -22.81 -2.58 -40.29
CA ILE A 316 -24.18 -3.03 -40.07
C ILE A 316 -24.32 -3.41 -38.61
N ALA A 317 -25.18 -2.70 -37.89
CA ALA A 317 -25.36 -2.96 -36.47
C ALA A 317 -26.00 -4.33 -36.27
N ASN A 318 -25.59 -5.00 -35.19
CA ASN A 318 -26.17 -6.27 -34.78
C ASN A 318 -26.71 -6.12 -33.36
N LYS A 319 -27.42 -7.15 -32.90
CA LYS A 319 -28.07 -7.10 -31.60
C LYS A 319 -27.14 -7.50 -30.46
N ARG A 320 -25.86 -7.76 -30.76
CA ARG A 320 -24.84 -7.88 -29.72
C ARG A 320 -24.17 -6.56 -29.41
N GLN A 321 -24.87 -5.45 -29.65
CA GLN A 321 -24.36 -4.11 -29.33
C GLN A 321 -23.08 -3.79 -30.08
N SER A 322 -22.91 -4.32 -31.29
CA SER A 322 -21.71 -4.07 -32.07
C SER A 322 -22.10 -3.99 -33.54
N TYR A 323 -21.12 -4.21 -34.42
CA TYR A 323 -21.31 -4.05 -35.84
C TYR A 323 -20.63 -5.18 -36.59
N ASP A 324 -21.26 -5.59 -37.69
CA ASP A 324 -20.60 -6.40 -38.71
C ASP A 324 -20.00 -5.45 -39.74
N ILE A 325 -18.71 -5.61 -40.00
CA ILE A 325 -17.96 -4.70 -40.86
C ILE A 325 -17.72 -5.39 -42.18
N SER A 326 -18.13 -4.75 -43.27
CA SER A 326 -17.83 -5.20 -44.63
C SER A 326 -16.97 -4.15 -45.29
N ILE A 327 -15.78 -4.56 -45.76
CA ILE A 327 -14.86 -3.67 -46.45
C ILE A 327 -14.55 -4.27 -47.82
N VAL A 328 -14.71 -3.45 -48.85
CA VAL A 328 -14.39 -3.83 -50.23
C VAL A 328 -13.56 -2.71 -50.82
N ALA A 329 -12.41 -3.07 -51.40
CA ALA A 329 -11.47 -2.09 -51.93
C ALA A 329 -10.87 -2.62 -53.22
N GLN A 330 -10.55 -1.69 -54.13
CA GLN A 330 -9.90 -2.06 -55.37
C GLN A 330 -8.94 -0.95 -55.79
N VAL A 331 -7.84 -1.36 -56.39
CA VAL A 331 -6.91 -0.43 -57.03
C VAL A 331 -7.48 -0.06 -58.39
N ASP A 332 -7.81 1.22 -58.57
CA ASP A 332 -8.53 1.63 -59.78
C ASP A 332 -7.71 1.39 -61.03
N GLN A 333 -6.39 1.60 -60.95
CA GLN A 333 -5.54 1.51 -62.14
C GLN A 333 -5.28 0.07 -62.57
N THR A 334 -5.55 -0.91 -61.70
CA THR A 334 -5.29 -2.31 -62.03
C THR A 334 -6.51 -3.22 -61.92
N GLY A 335 -7.55 -2.81 -61.18
CA GLY A 335 -8.68 -3.67 -60.95
C GLY A 335 -8.48 -4.73 -59.90
N SER A 336 -7.30 -4.81 -59.29
CA SER A 336 -7.08 -5.76 -58.20
C SER A 336 -8.01 -5.44 -57.05
N LYS A 337 -8.69 -6.47 -56.54
CA LYS A 337 -9.80 -6.31 -55.61
C LYS A 337 -9.55 -7.13 -54.36
N SER A 338 -10.09 -6.64 -53.24
CA SER A 338 -10.03 -7.37 -51.99
C SER A 338 -11.24 -7.03 -51.12
N SER A 339 -11.65 -8.01 -50.31
CA SER A 339 -12.78 -7.88 -49.40
C SER A 339 -12.34 -8.27 -48.00
N ASN A 340 -13.23 -8.05 -47.04
CA ASN A 340 -13.13 -8.72 -45.76
C ASN A 340 -14.40 -8.44 -44.96
N LEU A 341 -14.76 -9.41 -44.12
CA LEU A 341 -15.87 -9.31 -43.19
C LEU A 341 -15.32 -9.42 -41.78
N LEU A 342 -15.64 -8.44 -40.93
CA LEU A 342 -15.11 -8.41 -39.59
C LEU A 342 -16.24 -8.29 -38.58
N ASP A 343 -16.02 -8.88 -37.42
CA ASP A 343 -16.96 -8.84 -36.30
C ASP A 343 -16.34 -7.96 -35.23
N LEU A 344 -16.82 -6.73 -35.14
CA LEU A 344 -16.26 -5.76 -34.20
C LEU A 344 -16.48 -6.16 -32.74
N LYS A 345 -17.31 -7.16 -32.48
CA LYS A 345 -17.61 -7.57 -31.11
C LYS A 345 -16.49 -8.39 -30.50
N ASN A 346 -15.69 -9.08 -31.33
CA ASN A 346 -14.61 -9.95 -30.86
C ASN A 346 -13.29 -9.43 -31.43
N PRO A 347 -12.79 -8.30 -30.94
CA PRO A 347 -11.52 -7.78 -31.44
C PRO A 347 -10.35 -8.52 -30.80
N PHE A 348 -9.22 -8.46 -31.50
CA PHE A 348 -7.96 -8.97 -30.96
C PHE A 348 -7.22 -7.79 -30.33
N PHE A 349 -7.05 -7.83 -29.01
CA PHE A 349 -6.29 -6.79 -28.32
C PHE A 349 -4.83 -7.16 -28.42
N ARG A 350 -4.12 -6.47 -29.33
CA ARG A 350 -2.74 -6.79 -29.65
C ARG A 350 -1.73 -5.93 -28.91
N TYR A 351 -2.17 -4.83 -28.31
CA TYR A 351 -1.25 -3.91 -27.66
C TYR A 351 -0.45 -4.60 -26.57
N THR A 352 0.83 -4.27 -26.49
CA THR A 352 1.72 -4.84 -25.48
C THR A 352 2.36 -3.74 -24.65
N ARG B 9 -36.50 -27.20 -19.29
CA ARG B 9 -36.67 -27.81 -17.98
C ARG B 9 -35.55 -28.79 -17.69
N SER B 10 -34.39 -28.55 -18.31
CA SER B 10 -33.21 -29.37 -18.07
C SER B 10 -32.49 -28.89 -16.81
N VAL B 11 -31.68 -29.78 -16.22
CA VAL B 11 -30.97 -29.40 -15.02
C VAL B 11 -29.97 -28.29 -15.31
N PHE B 12 -29.46 -28.23 -16.55
CA PHE B 12 -28.55 -27.16 -16.91
C PHE B 12 -29.26 -25.81 -16.91
N SER B 13 -30.37 -25.72 -17.65
CA SER B 13 -31.11 -24.46 -17.70
C SER B 13 -31.63 -24.06 -16.33
N GLU B 14 -31.94 -25.04 -15.47
CA GLU B 14 -32.46 -24.73 -14.16
C GLU B 14 -31.38 -24.21 -13.21
N ARG B 15 -30.10 -24.49 -13.49
CA ARG B 15 -29.02 -24.01 -12.64
C ARG B 15 -28.21 -22.88 -13.29
N THR B 16 -28.56 -22.46 -14.50
CA THR B 16 -27.75 -21.51 -15.26
C THR B 16 -28.60 -20.37 -15.79
N GLU B 17 -28.12 -19.15 -15.63
CA GLU B 17 -28.73 -18.00 -16.28
C GLU B 17 -28.39 -17.98 -17.76
N GLU B 18 -29.38 -17.66 -18.59
CA GLU B 18 -29.19 -17.74 -20.04
C GLU B 18 -28.06 -16.84 -20.51
N SER B 19 -27.95 -15.64 -19.92
CA SER B 19 -26.88 -14.74 -20.33
C SER B 19 -25.51 -15.38 -20.11
N SER B 20 -25.32 -16.07 -18.99
CA SER B 20 -24.05 -16.73 -18.72
C SER B 20 -23.82 -17.86 -19.73
N ALA B 21 -24.86 -18.66 -20.00
CA ALA B 21 -24.70 -19.80 -20.89
C ALA B 21 -24.36 -19.34 -22.32
N VAL B 22 -25.03 -18.28 -22.79
CA VAL B 22 -24.76 -17.78 -24.14
C VAL B 22 -23.30 -17.34 -24.25
N GLN B 23 -22.85 -16.53 -23.30
CA GLN B 23 -21.45 -16.09 -23.30
C GLN B 23 -20.49 -17.27 -23.18
N TYR B 24 -20.84 -18.24 -22.32
CA TYR B 24 -19.96 -19.38 -22.09
C TYR B 24 -19.73 -20.16 -23.38
N PHE B 25 -20.81 -20.48 -24.10
CA PHE B 25 -20.70 -21.34 -25.28
C PHE B 25 -20.27 -20.57 -26.52
N GLN B 26 -20.47 -19.26 -26.57
CA GLN B 26 -19.84 -18.46 -27.61
C GLN B 26 -18.32 -18.47 -27.44
N PHE B 27 -17.85 -18.36 -26.19
CA PHE B 27 -16.42 -18.38 -25.92
C PHE B 27 -15.78 -19.66 -26.44
N TYR B 28 -16.39 -20.81 -26.18
CA TYR B 28 -15.82 -22.08 -26.60
C TYR B 28 -16.11 -22.42 -28.05
N GLY B 29 -16.82 -21.55 -28.77
CA GLY B 29 -16.98 -21.72 -30.20
C GLY B 29 -15.82 -21.23 -31.04
N TYR B 30 -14.87 -20.52 -30.46
CA TYR B 30 -13.75 -19.95 -31.20
C TYR B 30 -12.62 -20.95 -31.31
N LEU B 31 -12.12 -21.15 -32.54
CA LEU B 31 -11.00 -22.05 -32.76
C LEU B 31 -9.75 -21.56 -32.04
N SER B 32 -9.58 -20.25 -31.89
CA SER B 32 -8.41 -19.74 -31.19
C SER B 32 -8.37 -20.23 -29.74
N GLN B 33 -9.53 -20.40 -29.11
CA GLN B 33 -9.55 -20.91 -27.75
C GLN B 33 -9.23 -22.39 -27.72
N GLN B 34 -9.79 -23.16 -28.66
CA GLN B 34 -9.42 -24.56 -28.78
C GLN B 34 -7.91 -24.71 -28.96
N GLN B 35 -7.33 -23.91 -29.86
CA GLN B 35 -5.89 -23.94 -30.06
C GLN B 35 -5.15 -23.66 -28.76
N ASN B 36 -5.61 -22.67 -28.00
CA ASN B 36 -4.94 -22.33 -26.74
C ASN B 36 -4.91 -23.53 -25.80
N MET B 37 -6.03 -24.25 -25.70
CA MET B 37 -6.09 -25.41 -24.81
C MET B 37 -5.25 -26.56 -25.35
N MET B 38 -5.34 -26.81 -26.66
CA MET B 38 -4.60 -27.93 -27.23
C MET B 38 -3.10 -27.72 -27.12
N GLN B 39 -2.63 -26.48 -27.19
CA GLN B 39 -1.20 -26.19 -27.10
C GLN B 39 -0.68 -26.25 -25.68
N ASP B 40 -1.54 -26.47 -24.68
CA ASP B 40 -1.07 -26.81 -23.35
C ASP B 40 -0.56 -28.26 -23.38
N TYR B 41 0.74 -28.45 -23.62
CA TYR B 41 1.24 -29.81 -23.85
C TYR B 41 1.10 -30.68 -22.61
N VAL B 42 1.25 -30.10 -21.41
CA VAL B 42 1.09 -30.89 -20.20
C VAL B 42 -0.31 -31.50 -20.14
N ARG B 43 -1.33 -30.69 -20.40
CA ARG B 43 -2.70 -31.17 -20.38
C ARG B 43 -2.93 -32.19 -21.48
N THR B 44 -2.66 -31.80 -22.73
CA THR B 44 -2.96 -32.67 -23.86
C THR B 44 -2.14 -33.96 -23.79
N GLY B 45 -0.86 -33.84 -23.43
CA GLY B 45 -0.01 -35.02 -23.38
C GLY B 45 -0.36 -35.95 -22.24
N THR B 46 -0.73 -35.39 -21.08
CA THR B 46 -1.10 -36.24 -19.94
C THR B 46 -2.41 -36.97 -20.21
N TYR B 47 -3.36 -36.31 -20.88
CA TYR B 47 -4.60 -36.98 -21.25
C TYR B 47 -4.34 -38.12 -22.22
N GLN B 48 -3.49 -37.90 -23.22
CA GLN B 48 -3.19 -38.96 -24.17
C GLN B 48 -2.47 -40.11 -23.49
N ARG B 49 -1.57 -39.81 -22.55
CA ARG B 49 -0.87 -40.86 -21.84
C ARG B 49 -1.81 -41.64 -20.93
N ALA B 50 -2.74 -40.95 -20.27
CA ALA B 50 -3.71 -41.64 -19.43
C ALA B 50 -4.58 -42.60 -20.22
N ILE B 51 -5.00 -42.19 -21.42
CA ILE B 51 -5.91 -43.01 -22.22
C ILE B 51 -5.16 -44.14 -22.91
N LEU B 52 -4.01 -43.86 -23.50
CA LEU B 52 -3.29 -44.89 -24.26
C LEU B 52 -2.62 -45.90 -23.35
N GLN B 53 -2.05 -45.45 -22.22
CA GLN B 53 -1.44 -46.40 -21.29
C GLN B 53 -2.49 -47.32 -20.66
N ASN B 54 -3.74 -46.88 -20.59
CA ASN B 54 -4.85 -47.71 -20.11
C ASN B 54 -5.76 -48.12 -21.27
N HIS B 55 -5.15 -48.44 -22.41
CA HIS B 55 -5.91 -48.72 -23.62
C HIS B 55 -6.89 -49.86 -23.45
N THR B 56 -6.66 -50.78 -22.51
CA THR B 56 -7.59 -51.88 -22.31
C THR B 56 -8.90 -51.42 -21.66
N ASP B 57 -8.90 -50.24 -21.04
CA ASP B 57 -10.14 -49.65 -20.55
C ASP B 57 -10.97 -49.02 -21.67
N PHE B 58 -10.42 -48.96 -22.88
CA PHE B 58 -11.12 -48.42 -24.03
C PHE B 58 -11.30 -49.41 -25.15
N LYS B 59 -10.42 -50.41 -25.27
CA LYS B 59 -10.46 -51.35 -26.39
C LYS B 59 -11.84 -51.97 -26.52
N ASP B 60 -12.47 -51.77 -27.67
CA ASP B 60 -13.79 -52.31 -27.99
C ASP B 60 -14.85 -51.88 -26.99
N LYS B 61 -14.64 -50.75 -26.31
CA LYS B 61 -15.59 -50.22 -25.36
C LYS B 61 -16.42 -49.11 -26.00
N ILE B 62 -17.47 -48.72 -25.28
CA ILE B 62 -18.32 -47.61 -25.69
C ILE B 62 -18.00 -46.43 -24.79
N VAL B 63 -17.74 -45.27 -25.40
CA VAL B 63 -17.19 -44.12 -24.69
C VAL B 63 -18.15 -42.94 -24.83
N LEU B 64 -18.22 -42.12 -23.79
CA LEU B 64 -18.88 -40.83 -23.83
C LEU B 64 -17.85 -39.77 -23.53
N ASP B 65 -17.69 -38.80 -24.42
CA ASP B 65 -16.81 -37.65 -24.22
C ASP B 65 -17.69 -36.43 -23.97
N VAL B 66 -17.71 -35.97 -22.72
CA VAL B 66 -18.58 -34.88 -22.30
C VAL B 66 -17.87 -33.57 -22.62
N GLY B 67 -18.45 -32.80 -23.55
CA GLY B 67 -17.86 -31.54 -23.95
C GLY B 67 -16.61 -31.72 -24.76
N CYS B 68 -16.74 -32.36 -25.93
CA CYS B 68 -15.57 -32.79 -26.71
C CYS B 68 -14.82 -31.63 -27.35
N GLY B 69 -15.45 -30.47 -27.49
CA GLY B 69 -14.77 -29.35 -28.14
C GLY B 69 -14.33 -29.76 -29.54
N SER B 70 -13.04 -29.61 -29.80
CA SER B 70 -12.48 -30.00 -31.09
C SER B 70 -12.55 -31.50 -31.32
N GLY B 71 -12.65 -32.29 -30.25
CA GLY B 71 -12.72 -33.73 -30.36
C GLY B 71 -11.47 -34.46 -29.93
N ILE B 72 -10.47 -33.76 -29.41
CA ILE B 72 -9.15 -34.36 -29.20
C ILE B 72 -9.24 -35.60 -28.33
N LEU B 73 -10.00 -35.52 -27.22
CA LEU B 73 -10.10 -36.67 -26.33
C LEU B 73 -10.81 -37.84 -27.00
N SER B 74 -11.76 -37.56 -27.89
CA SER B 74 -12.43 -38.64 -28.60
C SER B 74 -11.47 -39.34 -29.57
N PHE B 75 -10.56 -38.58 -30.18
CA PHE B 75 -9.56 -39.19 -31.04
C PHE B 75 -8.60 -40.07 -30.23
N PHE B 76 -8.25 -39.64 -29.01
CA PHE B 76 -7.43 -40.48 -28.15
C PHE B 76 -8.14 -41.79 -27.83
N ALA B 77 -9.43 -41.72 -27.50
CA ALA B 77 -10.19 -42.94 -27.26
C ALA B 77 -10.26 -43.81 -28.52
N ALA B 78 -10.33 -43.18 -29.69
CA ALA B 78 -10.32 -43.95 -30.93
C ALA B 78 -8.96 -44.59 -31.17
N GLN B 79 -7.89 -43.87 -30.85
CA GLN B 79 -6.56 -44.46 -30.96
C GLN B 79 -6.40 -45.66 -30.03
N ALA B 80 -7.03 -45.61 -28.85
CA ALA B 80 -6.98 -46.71 -27.91
C ALA B 80 -7.89 -47.88 -28.29
N GLY B 81 -8.64 -47.78 -29.38
CA GLY B 81 -9.42 -48.89 -29.88
C GLY B 81 -10.88 -48.91 -29.50
N ALA B 82 -11.43 -47.80 -29.00
CA ALA B 82 -12.82 -47.77 -28.58
C ALA B 82 -13.74 -48.18 -29.74
N ARG B 83 -14.78 -48.95 -29.40
CA ARG B 83 -15.73 -49.39 -30.40
C ARG B 83 -16.54 -48.23 -30.94
N LYS B 84 -17.05 -47.37 -30.05
CA LYS B 84 -17.89 -46.25 -30.44
C LYS B 84 -17.73 -45.16 -29.40
N ILE B 85 -17.63 -43.91 -29.87
CA ILE B 85 -17.44 -42.75 -29.01
C ILE B 85 -18.54 -41.76 -29.33
N TYR B 86 -19.33 -41.41 -28.32
CA TYR B 86 -20.35 -40.37 -28.46
C TYR B 86 -19.74 -39.08 -27.91
N ALA B 87 -19.49 -38.12 -28.80
CA ALA B 87 -18.81 -36.87 -28.46
C ALA B 87 -19.87 -35.77 -28.39
N VAL B 88 -20.22 -35.37 -27.17
CA VAL B 88 -21.26 -34.37 -26.95
C VAL B 88 -20.62 -33.00 -26.82
N GLU B 89 -21.19 -32.01 -27.53
CA GLU B 89 -20.67 -30.65 -27.51
C GLU B 89 -21.81 -29.69 -27.79
N ALA B 90 -21.94 -28.64 -26.96
CA ALA B 90 -23.04 -27.70 -27.06
C ALA B 90 -22.70 -26.46 -27.89
N SER B 91 -21.43 -26.08 -27.97
CA SER B 91 -21.05 -24.91 -28.74
C SER B 91 -21.05 -25.25 -30.24
N THR B 92 -20.85 -24.22 -31.06
CA THR B 92 -20.72 -24.43 -32.49
C THR B 92 -19.45 -25.18 -32.86
N MET B 93 -18.52 -25.35 -31.92
CA MET B 93 -17.35 -26.19 -32.18
C MET B 93 -17.74 -27.58 -32.62
N ALA B 94 -18.94 -28.04 -32.27
CA ALA B 94 -19.39 -29.37 -32.66
C ALA B 94 -19.26 -29.57 -34.17
N GLN B 95 -19.51 -28.52 -34.95
CA GLN B 95 -19.43 -28.65 -36.40
C GLN B 95 -17.99 -28.81 -36.87
N HIS B 96 -17.04 -28.14 -36.20
CA HIS B 96 -15.63 -28.34 -36.55
C HIS B 96 -15.15 -29.72 -36.14
N ALA B 97 -15.65 -30.24 -35.01
CA ALA B 97 -15.31 -31.60 -34.62
C ALA B 97 -15.75 -32.60 -35.68
N GLU B 98 -16.96 -32.43 -36.21
CA GLU B 98 -17.44 -33.31 -37.27
C GLU B 98 -16.50 -33.27 -38.47
N VAL B 99 -16.02 -32.09 -38.84
CA VAL B 99 -15.11 -31.98 -39.98
C VAL B 99 -13.84 -32.79 -39.72
N LEU B 100 -13.30 -32.71 -38.51
CA LEU B 100 -12.09 -33.47 -38.19
C LEU B 100 -12.37 -34.97 -38.20
N VAL B 101 -13.54 -35.39 -37.71
CA VAL B 101 -13.86 -36.82 -37.72
C VAL B 101 -13.87 -37.35 -39.14
N LYS B 102 -14.45 -36.60 -40.07
CA LYS B 102 -14.51 -37.04 -41.46
C LYS B 102 -13.12 -37.04 -42.09
N SER B 103 -12.36 -35.96 -41.92
CA SER B 103 -11.05 -35.88 -42.54
C SER B 103 -10.05 -36.85 -41.93
N ASN B 104 -10.30 -37.34 -40.72
CA ASN B 104 -9.49 -38.38 -40.11
C ASN B 104 -10.09 -39.78 -40.30
N ASN B 105 -11.12 -39.90 -41.13
CA ASN B 105 -11.71 -41.20 -41.48
C ASN B 105 -12.10 -42.01 -40.24
N LEU B 106 -12.81 -41.36 -39.33
CA LEU B 106 -13.29 -42.01 -38.11
C LEU B 106 -14.79 -41.85 -37.93
N THR B 107 -15.52 -41.72 -39.04
CA THR B 107 -16.97 -41.53 -38.96
C THR B 107 -17.67 -42.76 -38.42
N ASP B 108 -17.07 -43.94 -38.59
CA ASP B 108 -17.66 -45.19 -38.12
C ASP B 108 -17.46 -45.42 -36.63
N ARG B 109 -16.71 -44.55 -35.94
CA ARG B 109 -16.39 -44.79 -34.53
C ARG B 109 -16.66 -43.58 -33.66
N ILE B 110 -16.49 -42.37 -34.19
CA ILE B 110 -16.76 -41.14 -33.44
C ILE B 110 -18.04 -40.53 -33.99
N VAL B 111 -19.04 -40.38 -33.11
CA VAL B 111 -20.32 -39.78 -33.46
C VAL B 111 -20.47 -38.52 -32.64
N VAL B 112 -20.49 -37.37 -33.30
CA VAL B 112 -20.68 -36.09 -32.63
C VAL B 112 -22.17 -35.89 -32.37
N ILE B 113 -22.53 -35.63 -31.12
CA ILE B 113 -23.91 -35.33 -30.75
C ILE B 113 -23.99 -33.86 -30.34
N PRO B 114 -24.48 -32.97 -31.20
CA PRO B 114 -24.54 -31.56 -30.81
C PRO B 114 -25.59 -31.31 -29.75
N GLY B 115 -25.23 -30.51 -28.76
CA GLY B 115 -26.14 -30.13 -27.70
C GLY B 115 -25.50 -30.32 -26.34
N LYS B 116 -26.30 -30.04 -25.31
CA LYS B 116 -25.86 -30.15 -23.93
C LYS B 116 -26.09 -31.57 -23.44
N VAL B 117 -25.12 -32.09 -22.67
CA VAL B 117 -25.21 -33.47 -22.21
C VAL B 117 -26.42 -33.67 -21.31
N GLU B 118 -26.90 -32.61 -20.68
CA GLU B 118 -28.12 -32.68 -19.88
C GLU B 118 -29.37 -32.71 -20.72
N GLU B 119 -29.27 -32.47 -22.04
CA GLU B 119 -30.43 -32.31 -22.89
C GLU B 119 -30.46 -33.26 -24.10
N VAL B 120 -29.33 -33.86 -24.47
CA VAL B 120 -29.30 -34.76 -25.62
C VAL B 120 -29.83 -36.12 -25.20
N SER B 121 -30.02 -37.01 -26.18
CA SER B 121 -30.39 -38.39 -25.93
C SER B 121 -29.35 -39.29 -26.58
N LEU B 122 -28.74 -40.17 -25.79
CA LEU B 122 -27.77 -41.10 -26.33
C LEU B 122 -28.43 -42.43 -26.65
N PRO B 123 -27.92 -43.15 -27.65
CA PRO B 123 -28.57 -44.41 -28.07
C PRO B 123 -28.28 -45.60 -27.17
N GLU B 124 -27.33 -45.50 -26.25
CA GLU B 124 -26.99 -46.65 -25.42
C GLU B 124 -26.20 -46.17 -24.20
N GLN B 125 -26.09 -47.06 -23.22
CA GLN B 125 -25.23 -46.83 -22.07
C GLN B 125 -23.77 -47.05 -22.47
N VAL B 126 -22.86 -46.44 -21.72
CA VAL B 126 -21.45 -46.42 -22.07
C VAL B 126 -20.65 -47.12 -20.99
N ASP B 127 -19.47 -47.61 -21.40
CA ASP B 127 -18.56 -48.28 -20.49
C ASP B 127 -17.69 -47.30 -19.72
N ILE B 128 -17.39 -46.14 -20.29
CA ILE B 128 -16.50 -45.17 -19.66
C ILE B 128 -16.86 -43.78 -20.15
N ILE B 129 -16.76 -42.80 -19.25
CA ILE B 129 -16.95 -41.40 -19.57
C ILE B 129 -15.60 -40.71 -19.49
N ILE B 130 -15.26 -39.94 -20.52
CA ILE B 130 -14.07 -39.11 -20.51
C ILE B 130 -14.49 -37.66 -20.66
N SER B 131 -13.74 -36.77 -20.03
CA SER B 131 -14.05 -35.35 -20.09
C SER B 131 -12.86 -34.57 -19.54
N GLU B 132 -12.88 -33.27 -19.78
CA GLU B 132 -11.93 -32.33 -19.21
C GLU B 132 -12.74 -31.19 -18.59
N PRO B 133 -13.39 -31.45 -17.45
CA PRO B 133 -14.31 -30.46 -16.87
C PRO B 133 -13.71 -29.54 -15.82
N MET B 134 -12.38 -29.49 -15.68
CA MET B 134 -11.75 -28.73 -14.62
C MET B 134 -11.57 -27.28 -15.05
N GLY B 135 -12.02 -26.35 -14.21
CA GLY B 135 -11.72 -24.95 -14.36
C GLY B 135 -10.70 -24.47 -13.34
N TYR B 136 -10.53 -23.16 -13.30
CA TYR B 136 -9.73 -22.55 -12.24
C TYR B 136 -10.26 -23.03 -10.89
N MET B 137 -9.35 -23.33 -9.96
CA MET B 137 -9.69 -23.91 -8.68
C MET B 137 -10.49 -25.20 -8.84
N LEU B 138 -10.36 -25.85 -10.00
CA LEU B 138 -11.08 -27.08 -10.31
C LEU B 138 -12.56 -26.84 -10.61
N PHE B 139 -13.24 -26.10 -9.75
CA PHE B 139 -14.70 -26.05 -9.77
C PHE B 139 -15.28 -24.95 -10.65
N ASN B 140 -14.49 -23.97 -11.07
CA ASN B 140 -15.03 -22.91 -11.91
C ASN B 140 -15.62 -23.48 -13.19
N GLU B 141 -16.67 -22.82 -13.69
CA GLU B 141 -17.41 -23.20 -14.89
C GLU B 141 -18.52 -24.18 -14.59
N ARG B 142 -18.46 -24.85 -13.43
CA ARG B 142 -19.49 -25.79 -13.01
C ARG B 142 -19.65 -26.96 -13.99
N MET B 143 -18.58 -27.29 -14.72
CA MET B 143 -18.66 -28.39 -15.68
C MET B 143 -18.54 -29.75 -15.01
N LEU B 144 -18.03 -29.80 -13.77
CA LEU B 144 -18.03 -31.07 -13.05
C LEU B 144 -19.44 -31.63 -12.88
N GLU B 145 -20.43 -30.74 -12.74
CA GLU B 145 -21.81 -31.21 -12.56
C GLU B 145 -22.36 -31.82 -13.84
N SER B 146 -21.99 -31.25 -15.00
CA SER B 146 -22.34 -31.90 -16.25
C SER B 146 -21.64 -33.24 -16.39
N TYR B 147 -20.39 -33.31 -15.93
CA TYR B 147 -19.64 -34.57 -15.94
C TYR B 147 -20.32 -35.62 -15.07
N LEU B 148 -20.71 -35.22 -13.85
CA LEU B 148 -21.41 -36.15 -12.96
C LEU B 148 -22.81 -36.46 -13.45
N HIS B 149 -23.50 -35.46 -13.99
CA HIS B 149 -24.83 -35.70 -14.55
C HIS B 149 -24.79 -36.80 -15.60
N ALA B 150 -23.75 -36.81 -16.43
CA ALA B 150 -23.65 -37.78 -17.52
C ALA B 150 -23.54 -39.21 -17.03
N LYS B 151 -23.29 -39.42 -15.74
CA LYS B 151 -23.24 -40.78 -15.20
C LYS B 151 -24.57 -41.51 -15.35
N LYS B 152 -25.65 -40.81 -15.69
CA LYS B 152 -26.91 -41.49 -15.98
C LYS B 152 -26.79 -42.42 -17.18
N TYR B 153 -25.80 -42.21 -18.04
CA TYR B 153 -25.54 -43.09 -19.17
C TYR B 153 -24.49 -44.14 -18.86
N LEU B 154 -23.88 -44.11 -17.68
CA LEU B 154 -22.76 -44.98 -17.36
C LEU B 154 -23.26 -46.31 -16.83
N LYS B 155 -22.69 -47.40 -17.34
CA LYS B 155 -23.01 -48.72 -16.84
C LYS B 155 -22.61 -48.82 -15.36
N PRO B 156 -23.30 -49.66 -14.59
CA PRO B 156 -22.91 -49.83 -13.17
C PRO B 156 -21.44 -50.13 -12.97
N SER B 157 -20.85 -50.94 -13.87
CA SER B 157 -19.45 -51.32 -13.77
C SER B 157 -18.52 -50.36 -14.53
N GLY B 158 -19.02 -49.18 -14.89
CA GLY B 158 -18.26 -48.27 -15.71
C GLY B 158 -17.23 -47.45 -14.95
N ASN B 159 -16.37 -46.78 -15.70
CA ASN B 159 -15.28 -45.99 -15.16
C ASN B 159 -15.41 -44.54 -15.64
N MET B 160 -14.57 -43.67 -15.09
CA MET B 160 -14.58 -42.26 -15.46
C MET B 160 -13.14 -41.73 -15.48
N PHE B 161 -12.82 -41.00 -16.54
CA PHE B 161 -11.49 -40.43 -16.76
C PHE B 161 -11.63 -38.92 -16.92
N PRO B 162 -11.23 -38.10 -15.93
CA PRO B 162 -10.56 -38.45 -14.68
C PRO B 162 -11.47 -39.15 -13.68
N THR B 163 -10.87 -39.89 -12.75
CA THR B 163 -11.63 -40.66 -11.77
C THR B 163 -11.84 -39.90 -10.48
N ILE B 164 -10.84 -39.15 -10.02
CA ILE B 164 -10.94 -38.37 -8.80
C ILE B 164 -10.28 -37.01 -9.01
N GLY B 165 -10.52 -36.11 -8.07
CA GLY B 165 -9.92 -34.78 -8.09
C GLY B 165 -9.53 -34.33 -6.71
N ASP B 166 -8.29 -33.89 -6.55
CA ASP B 166 -7.79 -33.36 -5.28
C ASP B 166 -7.64 -31.85 -5.40
N VAL B 167 -8.25 -31.13 -4.47
CA VAL B 167 -8.01 -29.69 -4.32
C VAL B 167 -7.02 -29.51 -3.18
N HIS B 168 -5.96 -28.75 -3.45
CA HIS B 168 -4.94 -28.46 -2.45
C HIS B 168 -5.02 -27.00 -2.02
N LEU B 169 -4.94 -26.79 -0.70
CA LEU B 169 -4.96 -25.46 -0.11
C LEU B 169 -3.69 -25.26 0.72
N ALA B 170 -3.15 -24.05 0.71
CA ALA B 170 -2.00 -23.78 1.57
C ALA B 170 -1.88 -22.28 1.81
N PRO B 171 -1.48 -21.86 3.00
CA PRO B 171 -1.29 -20.42 3.25
C PRO B 171 0.00 -19.92 2.61
N PHE B 172 -0.04 -18.67 2.17
CA PHE B 172 1.10 -18.07 1.49
C PHE B 172 1.36 -16.68 2.06
N THR B 173 2.57 -16.19 1.80
CA THR B 173 2.94 -14.81 2.08
C THR B 173 3.44 -14.16 0.79
N ASP B 174 2.89 -13.00 0.47
CA ASP B 174 3.30 -12.26 -0.72
C ASP B 174 2.92 -10.79 -0.58
N GLU B 175 3.77 -10.02 0.11
CA GLU B 175 3.47 -8.61 0.35
C GLU B 175 3.34 -7.82 -0.94
N GLN B 176 4.11 -8.18 -1.97
CA GLN B 176 4.03 -7.47 -3.24
C GLN B 176 2.64 -7.58 -3.85
N LEU B 177 2.06 -8.79 -3.83
CA LEU B 177 0.72 -8.97 -4.38
C LEU B 177 -0.32 -8.22 -3.56
N TYR B 178 -0.22 -8.28 -2.23
CA TYR B 178 -1.15 -7.56 -1.37
C TYR B 178 -1.07 -6.06 -1.62
N MET B 179 0.15 -5.51 -1.65
CA MET B 179 0.31 -4.10 -1.94
C MET B 179 -0.18 -3.74 -3.33
N GLU B 180 0.07 -4.63 -4.30
CA GLU B 180 -0.35 -4.37 -5.67
C GLU B 180 -1.86 -4.15 -5.75
N GLN B 181 -2.64 -5.00 -5.07
CA GLN B 181 -4.09 -4.87 -5.12
C GLN B 181 -4.56 -3.66 -4.32
N PHE B 182 -3.93 -3.38 -3.17
CA PHE B 182 -4.31 -2.21 -2.40
C PHE B 182 -4.02 -0.92 -3.15
N THR B 183 -2.95 -0.89 -3.94
CA THR B 183 -2.62 0.29 -4.71
C THR B 183 -3.71 0.62 -5.71
N LYS B 184 -4.34 -0.41 -6.28
CA LYS B 184 -5.46 -0.18 -7.21
C LYS B 184 -6.65 0.42 -6.50
N ALA B 185 -6.97 -0.07 -5.30
CA ALA B 185 -8.11 0.46 -4.55
C ALA B 185 -7.81 1.85 -3.99
N ASN B 186 -6.53 2.20 -3.81
CA ASN B 186 -6.18 3.51 -3.30
C ASN B 186 -6.71 4.63 -4.18
N PHE B 187 -6.98 4.34 -5.46
CA PHE B 187 -7.57 5.34 -6.35
C PHE B 187 -8.82 5.94 -5.74
N TRP B 188 -9.65 5.11 -5.10
CA TRP B 188 -10.93 5.55 -4.57
C TRP B 188 -10.82 6.14 -3.17
N TYR B 189 -9.61 6.46 -2.72
CA TYR B 189 -9.41 7.27 -1.51
C TYR B 189 -9.24 8.75 -1.83
N GLN B 190 -9.02 9.10 -3.10
CA GLN B 190 -8.71 10.48 -3.46
C GLN B 190 -9.79 11.42 -2.93
N PRO B 191 -9.41 12.49 -2.22
CA PRO B 191 -10.41 13.50 -1.82
C PRO B 191 -10.76 14.48 -2.92
N SER B 192 -9.98 14.56 -4.00
CA SER B 192 -10.22 15.55 -5.04
C SER B 192 -9.65 15.04 -6.37
N PHE B 193 -10.32 14.04 -6.94
CA PHE B 193 -10.02 13.60 -8.31
C PHE B 193 -10.71 14.56 -9.27
N HIS B 194 -9.92 15.40 -9.94
CA HIS B 194 -10.46 16.46 -10.79
C HIS B 194 -11.48 17.30 -10.04
N GLY B 195 -11.27 17.48 -8.73
CA GLY B 195 -12.19 18.23 -7.91
C GLY B 195 -13.34 17.43 -7.32
N VAL B 196 -13.37 16.11 -7.53
CA VAL B 196 -14.42 15.25 -7.03
C VAL B 196 -13.87 14.42 -5.89
N ASP B 197 -14.66 14.31 -4.81
CA ASP B 197 -14.28 13.50 -3.65
C ASP B 197 -14.79 12.08 -3.84
N LEU B 198 -13.88 11.13 -3.96
CA LEU B 198 -14.21 9.73 -4.19
C LEU B 198 -14.13 8.88 -2.92
N SER B 199 -13.57 9.43 -1.84
CA SER B 199 -13.23 8.62 -0.67
C SER B 199 -14.40 7.79 -0.16
N ALA B 200 -15.63 8.28 -0.32
CA ALA B 200 -16.79 7.58 0.21
C ALA B 200 -16.93 6.18 -0.35
N LEU B 201 -16.31 5.88 -1.49
CA LEU B 201 -16.36 4.55 -2.09
C LEU B 201 -15.13 3.72 -1.82
N ARG B 202 -14.21 4.21 -0.99
CA ARG B 202 -12.97 3.48 -0.74
C ARG B 202 -13.25 2.08 -0.21
N GLY B 203 -14.28 1.94 0.63
CA GLY B 203 -14.63 0.62 1.14
C GLY B 203 -15.15 -0.30 0.04
N ALA B 204 -16.08 0.20 -0.77
CA ALA B 204 -16.61 -0.60 -1.86
C ALA B 204 -15.52 -1.04 -2.83
N ALA B 205 -14.50 -0.20 -3.02
CA ALA B 205 -13.44 -0.53 -3.98
C ALA B 205 -12.55 -1.63 -3.44
N VAL B 206 -12.12 -1.53 -2.18
CA VAL B 206 -11.31 -2.58 -1.58
C VAL B 206 -12.02 -3.92 -1.67
N ASP B 207 -13.30 -3.96 -1.32
CA ASP B 207 -14.06 -5.20 -1.40
C ASP B 207 -14.04 -5.76 -2.80
N GLU B 208 -14.22 -4.91 -3.81
CA GLU B 208 -14.28 -5.40 -5.19
C GLU B 208 -12.94 -5.98 -5.63
N TYR B 209 -11.85 -5.26 -5.36
CA TYR B 209 -10.54 -5.75 -5.78
C TYR B 209 -10.14 -7.02 -5.05
N PHE B 210 -10.36 -7.08 -3.73
CA PHE B 210 -10.02 -8.27 -2.97
C PHE B 210 -11.04 -9.39 -3.15
N ARG B 211 -12.10 -9.16 -3.90
CA ARG B 211 -13.02 -10.20 -4.33
C ARG B 211 -12.48 -11.02 -5.49
N GLN B 212 -11.36 -10.60 -6.08
CA GLN B 212 -10.84 -11.23 -7.29
C GLN B 212 -9.83 -12.31 -6.92
N PRO B 213 -10.08 -13.58 -7.23
CA PRO B 213 -9.00 -14.56 -7.15
C PRO B 213 -7.91 -14.22 -8.15
N VAL B 214 -6.66 -14.37 -7.72
CA VAL B 214 -5.51 -14.05 -8.54
C VAL B 214 -5.02 -15.33 -9.21
N VAL B 215 -5.09 -15.37 -10.54
CA VAL B 215 -4.64 -16.51 -11.32
C VAL B 215 -3.25 -16.20 -11.84
N ASP B 216 -2.27 -16.98 -11.37
CA ASP B 216 -0.89 -16.91 -11.84
C ASP B 216 -0.09 -17.99 -11.13
N THR B 217 1.23 -17.99 -11.32
CA THR B 217 2.09 -18.95 -10.66
C THR B 217 3.03 -18.21 -9.69
N PHE B 218 3.67 -18.98 -8.82
CA PHE B 218 4.47 -18.39 -7.76
C PHE B 218 5.53 -19.40 -7.31
N ASP B 219 6.53 -18.89 -6.62
CA ASP B 219 7.57 -19.73 -6.04
C ASP B 219 7.03 -20.47 -4.82
N ILE B 220 7.34 -21.77 -4.74
CA ILE B 220 6.81 -22.60 -3.66
C ILE B 220 7.31 -22.14 -2.29
N ARG B 221 8.36 -21.33 -2.24
CA ARG B 221 8.90 -20.88 -0.96
C ARG B 221 8.00 -19.86 -0.27
N ILE B 222 6.97 -19.34 -0.95
CA ILE B 222 6.03 -18.45 -0.28
C ILE B 222 5.00 -19.20 0.54
N LEU B 223 4.91 -20.52 0.37
CA LEU B 223 3.95 -21.32 1.12
C LEU B 223 4.47 -21.56 2.53
N MET B 224 3.60 -21.38 3.51
CA MET B 224 3.99 -21.37 4.91
C MET B 224 3.57 -22.63 5.67
N ALA B 225 3.00 -23.61 4.98
CA ALA B 225 2.61 -24.84 5.65
C ALA B 225 2.34 -25.91 4.60
N LYS B 226 2.41 -27.17 5.04
CA LYS B 226 2.04 -28.29 4.20
C LYS B 226 0.57 -28.17 3.79
N SER B 227 0.29 -28.44 2.53
CA SER B 227 -1.04 -28.20 2.00
C SER B 227 -2.07 -29.14 2.63
N VAL B 228 -3.33 -28.73 2.54
CA VAL B 228 -4.47 -29.54 2.96
C VAL B 228 -5.17 -30.04 1.70
N LYS B 229 -5.69 -31.27 1.76
CA LYS B 229 -6.25 -31.92 0.59
C LYS B 229 -7.75 -32.13 0.78
N TYR B 230 -8.51 -31.84 -0.28
CA TYR B 230 -9.93 -32.14 -0.35
C TYR B 230 -10.15 -32.96 -1.61
N THR B 231 -10.71 -34.16 -1.45
CA THR B 231 -10.80 -35.13 -2.53
C THR B 231 -12.25 -35.28 -2.98
N VAL B 232 -12.46 -35.23 -4.29
CA VAL B 232 -13.77 -35.47 -4.90
C VAL B 232 -13.66 -36.73 -5.74
N ASN B 233 -14.41 -37.76 -5.36
CA ASN B 233 -14.46 -39.01 -6.12
C ASN B 233 -15.57 -38.91 -7.15
N PHE B 234 -15.20 -38.79 -8.42
CA PHE B 234 -16.17 -38.58 -9.48
C PHE B 234 -17.04 -39.81 -9.74
N LEU B 235 -16.56 -40.99 -9.39
CA LEU B 235 -17.38 -42.19 -9.54
C LEU B 235 -18.51 -42.24 -8.52
N GLU B 236 -18.30 -41.67 -7.34
CA GLU B 236 -19.26 -41.78 -6.25
C GLU B 236 -20.11 -40.53 -6.06
N ALA B 237 -19.61 -39.35 -6.40
CA ALA B 237 -20.30 -38.12 -6.08
C ALA B 237 -21.52 -37.92 -6.99
N LYS B 238 -22.49 -37.17 -6.48
CA LYS B 238 -23.67 -36.79 -7.22
C LYS B 238 -23.65 -35.29 -7.52
N GLU B 239 -24.43 -34.89 -8.51
CA GLU B 239 -24.47 -33.48 -8.93
C GLU B 239 -24.70 -32.57 -7.73
N GLY B 240 -25.70 -32.88 -6.91
CA GLY B 240 -26.05 -32.03 -5.79
C GLY B 240 -24.93 -31.83 -4.81
N ASP B 241 -23.96 -32.74 -4.77
CA ASP B 241 -22.83 -32.61 -3.86
C ASP B 241 -21.99 -31.38 -4.16
N LEU B 242 -22.08 -30.83 -5.37
CA LEU B 242 -21.26 -29.70 -5.78
C LEU B 242 -21.99 -28.36 -5.67
N HIS B 243 -23.24 -28.35 -5.21
CA HIS B 243 -23.91 -27.07 -4.98
C HIS B 243 -23.32 -26.35 -3.79
N ARG B 244 -22.87 -27.09 -2.78
CA ARG B 244 -22.24 -26.52 -1.60
C ARG B 244 -21.03 -27.39 -1.26
N ILE B 245 -19.84 -26.80 -1.28
CA ILE B 245 -18.60 -27.52 -1.05
C ILE B 245 -17.92 -26.86 0.14
N GLU B 246 -17.82 -27.61 1.24
CA GLU B 246 -17.24 -27.11 2.49
C GLU B 246 -15.91 -27.80 2.71
N ILE B 247 -14.83 -27.03 2.74
CA ILE B 247 -13.47 -27.55 2.87
C ILE B 247 -12.89 -27.01 4.18
N PRO B 248 -12.97 -27.79 5.26
CA PRO B 248 -12.27 -27.38 6.48
C PRO B 248 -10.77 -27.53 6.31
N PHE B 249 -10.01 -26.73 7.07
CA PHE B 249 -8.56 -26.82 7.01
C PHE B 249 -7.96 -26.46 8.36
N LYS B 250 -6.83 -27.09 8.65
CA LYS B 250 -6.05 -26.81 9.85
C LYS B 250 -4.58 -26.93 9.45
N PHE B 251 -3.91 -25.79 9.31
CA PHE B 251 -2.52 -25.77 8.89
C PHE B 251 -1.61 -25.64 10.10
N HIS B 252 -0.55 -26.44 10.12
N HIS B 252 -0.56 -26.45 10.14
CA HIS B 252 0.51 -26.32 11.12
CA HIS B 252 0.50 -26.31 11.13
C HIS B 252 1.62 -25.47 10.53
C HIS B 252 1.60 -25.46 10.51
N MET B 253 1.72 -24.22 10.98
CA MET B 253 2.63 -23.27 10.36
C MET B 253 4.08 -23.72 10.50
N LEU B 254 4.79 -23.73 9.37
CA LEU B 254 6.20 -24.09 9.34
C LEU B 254 7.13 -22.89 9.40
N HIS B 255 6.64 -21.70 9.04
CA HIS B 255 7.42 -20.47 9.09
C HIS B 255 6.60 -19.39 9.79
N SER B 256 7.31 -18.42 10.34
CA SER B 256 6.69 -17.26 10.95
C SER B 256 6.56 -16.14 9.92
N GLY B 257 5.49 -15.37 10.03
CA GLY B 257 5.31 -14.23 9.17
C GLY B 257 3.83 -13.96 8.94
N LEU B 258 3.58 -13.08 7.97
CA LEU B 258 2.23 -12.71 7.61
C LEU B 258 1.65 -13.71 6.62
N VAL B 259 0.43 -14.16 6.87
CA VAL B 259 -0.32 -14.96 5.91
C VAL B 259 -1.24 -14.00 5.16
N HIS B 260 -0.96 -13.80 3.88
CA HIS B 260 -1.75 -12.88 3.07
C HIS B 260 -2.94 -13.55 2.39
N GLY B 261 -3.02 -14.88 2.42
CA GLY B 261 -4.15 -15.57 1.86
C GLY B 261 -3.88 -17.05 1.70
N LEU B 262 -4.77 -17.71 0.97
CA LEU B 262 -4.67 -19.13 0.67
C LEU B 262 -4.41 -19.35 -0.81
N ALA B 263 -3.51 -20.27 -1.12
CA ALA B 263 -3.22 -20.68 -2.49
C ALA B 263 -3.92 -21.98 -2.80
N PHE B 264 -4.43 -22.11 -4.03
CA PHE B 264 -5.22 -23.26 -4.45
C PHE B 264 -4.64 -23.85 -5.72
N TRP B 265 -4.62 -25.18 -5.78
CA TRP B 265 -4.34 -25.90 -7.02
C TRP B 265 -5.00 -27.27 -6.91
N PHE B 266 -4.95 -28.03 -8.01
CA PHE B 266 -5.67 -29.31 -8.02
C PHE B 266 -4.91 -30.35 -8.83
N ASP B 267 -5.08 -31.61 -8.42
CA ASP B 267 -4.66 -32.78 -9.17
C ASP B 267 -5.89 -33.60 -9.54
N VAL B 268 -5.84 -34.22 -10.71
CA VAL B 268 -6.82 -35.23 -11.09
C VAL B 268 -6.08 -36.53 -11.40
N ALA B 269 -6.73 -37.64 -11.12
CA ALA B 269 -6.16 -38.97 -11.32
C ALA B 269 -7.05 -39.77 -12.26
N PHE B 270 -6.43 -40.35 -13.28
CA PHE B 270 -7.09 -41.32 -14.17
C PHE B 270 -6.70 -42.71 -13.66
N ILE B 271 -7.61 -43.35 -12.95
CA ILE B 271 -7.34 -44.62 -12.28
C ILE B 271 -7.80 -45.71 -13.25
N GLY B 272 -6.87 -46.19 -14.07
CA GLY B 272 -7.17 -47.21 -15.05
C GLY B 272 -6.81 -48.61 -14.57
N SER B 273 -7.10 -49.58 -15.43
CA SER B 273 -6.81 -50.97 -15.11
C SER B 273 -5.30 -51.25 -15.13
N ILE B 274 -4.56 -50.55 -15.97
CA ILE B 274 -3.13 -50.80 -16.11
C ILE B 274 -2.31 -49.92 -15.18
N MET B 275 -2.66 -48.66 -15.05
CA MET B 275 -1.91 -47.75 -14.19
C MET B 275 -2.74 -46.51 -13.90
N THR B 276 -2.35 -45.82 -12.84
CA THR B 276 -2.95 -44.54 -12.47
C THR B 276 -2.05 -43.42 -12.95
N VAL B 277 -2.63 -42.49 -13.72
CA VAL B 277 -1.90 -41.37 -14.30
C VAL B 277 -2.44 -40.09 -13.66
N TRP B 278 -1.52 -39.23 -13.21
CA TRP B 278 -1.87 -38.00 -12.53
C TRP B 278 -1.64 -36.81 -13.45
N LEU B 279 -2.58 -35.87 -13.43
CA LEU B 279 -2.41 -34.55 -14.03
C LEU B 279 -2.45 -33.52 -12.91
N SER B 280 -1.33 -32.82 -12.70
CA SER B 280 -1.17 -31.92 -11.58
C SER B 280 -0.98 -30.49 -12.07
N THR B 281 -1.61 -29.55 -11.37
CA THR B 281 -1.39 -28.13 -11.57
C THR B 281 -0.66 -27.49 -10.39
N ALA B 282 0.06 -28.31 -9.62
CA ALA B 282 0.74 -27.80 -8.43
C ALA B 282 1.92 -26.91 -8.82
N PRO B 283 2.30 -25.97 -7.94
CA PRO B 283 3.43 -25.08 -8.28
C PRO B 283 4.78 -25.78 -8.30
N THR B 284 4.86 -27.03 -7.86
CA THR B 284 6.07 -27.84 -8.02
C THR B 284 6.13 -28.54 -9.36
N GLU B 285 5.10 -28.41 -10.18
CA GLU B 285 5.00 -29.15 -11.44
C GLU B 285 5.06 -28.19 -12.62
N PRO B 286 5.33 -28.69 -13.82
CA PRO B 286 5.33 -27.82 -15.00
C PRO B 286 4.01 -27.07 -15.13
N LEU B 287 4.09 -25.82 -15.57
CA LEU B 287 2.95 -24.93 -15.58
C LEU B 287 1.93 -25.37 -16.62
N THR B 288 0.64 -25.19 -16.29
CA THR B 288 -0.45 -25.44 -17.21
C THR B 288 -1.25 -24.16 -17.40
N HIS B 289 -2.22 -24.21 -18.31
CA HIS B 289 -3.08 -23.05 -18.54
C HIS B 289 -4.00 -22.79 -17.35
N TRP B 290 -4.07 -23.70 -16.38
CA TRP B 290 -4.78 -23.43 -15.14
C TRP B 290 -3.93 -22.63 -14.15
N TYR B 291 -2.61 -22.62 -14.33
CA TYR B 291 -1.72 -21.95 -13.38
C TYR B 291 -2.07 -22.36 -11.96
N GLN B 292 -2.03 -21.43 -11.02
CA GLN B 292 -2.56 -21.62 -9.67
C GLN B 292 -3.45 -20.44 -9.35
N VAL B 293 -4.24 -20.58 -8.27
CA VAL B 293 -5.19 -19.57 -7.85
C VAL B 293 -4.90 -19.19 -6.41
N ARG B 294 -4.89 -17.89 -6.13
CA ARG B 294 -4.65 -17.37 -4.79
C ARG B 294 -5.77 -16.41 -4.40
N CYS B 295 -6.28 -16.60 -3.19
CA CYS B 295 -7.31 -15.73 -2.62
C CYS B 295 -6.67 -14.91 -1.50
N LEU B 296 -6.73 -13.60 -1.62
CA LEU B 296 -6.13 -12.70 -0.64
C LEU B 296 -7.08 -12.42 0.51
N PHE B 297 -6.51 -12.29 1.71
CA PHE B 297 -7.24 -11.72 2.83
C PHE B 297 -7.24 -10.19 2.70
N GLN B 298 -8.36 -9.57 3.07
CA GLN B 298 -8.39 -8.12 3.10
C GLN B 298 -7.40 -7.57 4.13
N SER B 299 -7.07 -8.37 5.15
CA SER B 299 -6.08 -8.00 6.13
C SER B 299 -5.28 -9.26 6.45
N PRO B 300 -3.95 -9.21 6.36
CA PRO B 300 -3.16 -10.42 6.61
C PRO B 300 -3.14 -10.79 8.08
N LEU B 301 -2.91 -12.07 8.33
CA LEU B 301 -2.84 -12.63 9.67
C LEU B 301 -1.39 -12.97 10.00
N PHE B 302 -0.97 -12.61 11.20
CA PHE B 302 0.37 -12.97 11.66
C PHE B 302 0.33 -14.29 12.39
N ALA B 303 1.31 -15.15 12.10
CA ALA B 303 1.44 -16.43 12.77
C ALA B 303 2.91 -16.77 12.87
N LYS B 304 3.29 -17.42 13.97
CA LYS B 304 4.64 -17.91 14.16
C LYS B 304 4.69 -19.41 13.86
N ALA B 305 5.89 -19.89 13.58
CA ALA B 305 6.07 -21.32 13.35
C ALA B 305 5.57 -22.10 14.56
N GLY B 306 4.82 -23.16 14.30
CA GLY B 306 4.18 -23.93 15.34
C GLY B 306 2.75 -23.52 15.64
N ASP B 307 2.34 -22.32 15.23
CA ASP B 307 0.95 -21.93 15.37
C ASP B 307 0.06 -22.77 14.47
N THR B 308 -1.24 -22.64 14.67
CA THR B 308 -2.24 -23.34 13.88
C THR B 308 -3.17 -22.33 13.21
N LEU B 309 -3.39 -22.51 11.92
CA LEU B 309 -4.32 -21.68 11.15
C LEU B 309 -5.50 -22.57 10.76
N SER B 310 -6.67 -22.26 11.29
CA SER B 310 -7.86 -23.09 11.11
C SER B 310 -8.97 -22.25 10.50
N GLY B 311 -9.88 -22.94 9.81
CA GLY B 311 -11.02 -22.27 9.23
C GLY B 311 -11.66 -23.13 8.16
N THR B 312 -12.45 -22.47 7.31
CA THR B 312 -13.27 -23.13 6.31
C THR B 312 -13.22 -22.35 5.01
N CYS B 313 -13.14 -23.08 3.91
CA CYS B 313 -13.35 -22.53 2.58
C CYS B 313 -14.68 -23.08 2.06
N LEU B 314 -15.67 -22.21 1.96
CA LEU B 314 -17.02 -22.60 1.57
C LEU B 314 -17.30 -22.07 0.17
N LEU B 315 -17.62 -22.98 -0.75
CA LEU B 315 -17.96 -22.62 -2.12
C LEU B 315 -19.45 -22.86 -2.33
N ILE B 316 -20.17 -21.83 -2.74
CA ILE B 316 -21.60 -21.90 -3.00
C ILE B 316 -21.80 -21.68 -4.49
N ALA B 317 -22.39 -22.66 -5.15
CA ALA B 317 -22.63 -22.56 -6.59
C ALA B 317 -23.66 -21.48 -6.89
N ASN B 318 -23.39 -20.70 -7.93
CA ASN B 318 -24.29 -19.66 -8.38
C ASN B 318 -24.70 -19.92 -9.83
N LYS B 319 -25.70 -19.18 -10.29
CA LYS B 319 -26.27 -19.42 -11.60
C LYS B 319 -25.46 -18.83 -12.75
N ARG B 320 -24.30 -18.24 -12.46
CA ARG B 320 -23.37 -17.80 -13.48
C ARG B 320 -22.30 -18.84 -13.77
N GLN B 321 -22.58 -20.10 -13.49
CA GLN B 321 -21.65 -21.21 -13.77
C GLN B 321 -20.34 -21.06 -13.00
N SER B 322 -20.41 -20.52 -11.79
CA SER B 322 -19.22 -20.38 -10.97
C SER B 322 -19.63 -20.55 -9.51
N TYR B 323 -18.78 -20.07 -8.60
CA TYR B 323 -18.99 -20.22 -7.17
C TYR B 323 -18.73 -18.89 -6.47
N ASP B 324 -19.49 -18.66 -5.41
CA ASP B 324 -19.18 -17.61 -4.45
C ASP B 324 -18.36 -18.25 -3.33
N ILE B 325 -17.15 -17.76 -3.14
CA ILE B 325 -16.18 -18.39 -2.23
C ILE B 325 -16.17 -17.61 -0.93
N SER B 326 -16.44 -18.31 0.17
CA SER B 326 -16.33 -17.74 1.51
C SER B 326 -15.15 -18.42 2.21
N ILE B 327 -14.16 -17.63 2.58
CA ILE B 327 -12.97 -18.13 3.28
C ILE B 327 -12.91 -17.45 4.64
N VAL B 328 -12.95 -18.24 5.70
CA VAL B 328 -12.73 -17.77 7.06
C VAL B 328 -11.50 -18.48 7.59
N ALA B 329 -10.53 -17.72 8.08
CA ALA B 329 -9.30 -18.26 8.60
C ALA B 329 -9.01 -17.64 9.96
N GLN B 330 -8.42 -18.45 10.84
CA GLN B 330 -8.24 -18.03 12.23
C GLN B 330 -6.94 -18.62 12.76
N VAL B 331 -6.12 -17.76 13.37
CA VAL B 331 -4.95 -18.22 14.12
C VAL B 331 -5.46 -18.69 15.48
N ASP B 332 -5.35 -20.00 15.72
CA ASP B 332 -5.98 -20.59 16.91
C ASP B 332 -5.41 -20.02 18.20
N GLN B 333 -4.12 -19.69 18.22
CA GLN B 333 -3.49 -19.29 19.47
C GLN B 333 -3.87 -17.87 19.86
N THR B 334 -4.24 -17.02 18.90
CA THR B 334 -4.50 -15.62 19.16
C THR B 334 -5.94 -15.19 18.88
N GLY B 335 -6.71 -15.98 18.15
CA GLY B 335 -8.02 -15.52 17.72
C GLY B 335 -7.99 -14.50 16.62
N SER B 336 -6.84 -14.26 16.00
CA SER B 336 -6.76 -13.36 14.86
C SER B 336 -7.48 -14.00 13.66
N LYS B 337 -8.55 -13.35 13.21
CA LYS B 337 -9.49 -13.94 12.27
C LYS B 337 -9.58 -13.08 11.02
N SER B 338 -9.78 -13.74 9.88
CA SER B 338 -9.95 -13.05 8.61
C SER B 338 -11.08 -13.70 7.83
N SER B 339 -12.06 -12.88 7.43
CA SER B 339 -13.19 -13.32 6.63
C SER B 339 -13.11 -12.68 5.26
N ASN B 340 -13.44 -13.43 4.21
CA ASN B 340 -13.25 -12.96 2.85
C ASN B 340 -14.27 -13.60 1.92
N LEU B 341 -14.71 -12.80 0.95
CA LEU B 341 -15.65 -13.23 -0.08
C LEU B 341 -15.00 -13.03 -1.43
N LEU B 342 -15.09 -14.04 -2.29
CA LEU B 342 -14.44 -13.99 -3.59
C LEU B 342 -15.40 -14.48 -4.68
N ASP B 343 -15.30 -13.85 -5.84
CA ASP B 343 -16.16 -14.15 -6.99
C ASP B 343 -15.32 -14.92 -8.00
N LEU B 344 -15.44 -16.24 -7.98
CA LEU B 344 -14.56 -17.09 -8.78
C LEU B 344 -14.78 -16.91 -10.29
N LYS B 345 -15.92 -16.33 -10.69
CA LYS B 345 -16.18 -16.19 -12.12
C LYS B 345 -15.26 -15.18 -12.78
N ASN B 346 -14.81 -14.17 -12.02
CA ASN B 346 -14.08 -13.03 -12.56
C ASN B 346 -12.74 -12.88 -11.85
N PRO B 347 -11.75 -13.69 -12.22
CA PRO B 347 -10.43 -13.60 -11.57
C PRO B 347 -9.55 -12.54 -12.22
N PHE B 348 -8.49 -12.20 -11.49
CA PHE B 348 -7.46 -11.28 -11.96
C PHE B 348 -6.30 -12.09 -12.52
N PHE B 349 -6.09 -12.01 -13.83
CA PHE B 349 -5.01 -12.74 -14.50
C PHE B 349 -3.76 -11.89 -14.40
N ARG B 350 -2.84 -12.28 -13.52
CA ARG B 350 -1.66 -11.50 -13.20
C ARG B 350 -0.45 -11.85 -14.07
N TYR B 351 -0.40 -13.08 -14.59
CA TYR B 351 0.73 -13.50 -15.43
C TYR B 351 0.91 -12.56 -16.62
N SER C 10 -1.33 14.65 44.21
CA SER C 10 -1.48 13.20 44.14
C SER C 10 -0.14 12.50 44.36
N VAL C 11 -0.18 11.19 44.53
CA VAL C 11 1.06 10.42 44.70
C VAL C 11 1.92 10.54 43.45
N PHE C 12 1.29 10.54 42.27
CA PHE C 12 2.06 10.62 41.04
C PHE C 12 2.77 11.96 40.92
N SER C 13 2.03 13.07 41.09
CA SER C 13 2.64 14.38 40.92
C SER C 13 3.71 14.66 41.95
N GLU C 14 3.61 14.04 43.13
CA GLU C 14 4.62 14.27 44.17
C GLU C 14 5.94 13.57 43.87
N ARG C 15 5.93 12.53 43.03
CA ARG C 15 7.14 11.78 42.71
C ARG C 15 7.64 12.04 41.28
N THR C 16 7.01 12.94 40.54
CA THR C 16 7.35 13.14 39.13
C THR C 16 7.45 14.62 38.83
N GLU C 17 8.54 15.00 38.15
CA GLU C 17 8.66 16.36 37.62
C GLU C 17 7.68 16.55 36.46
N GLU C 18 7.05 17.72 36.41
CA GLU C 18 6.00 17.96 35.43
C GLU C 18 6.50 17.76 34.02
N SER C 19 7.69 18.26 33.70
CA SER C 19 8.23 18.14 32.34
C SER C 19 8.35 16.67 31.94
N SER C 20 8.86 15.83 32.84
CA SER C 20 8.94 14.40 32.55
C SER C 20 7.55 13.83 32.28
N ALA C 21 6.57 14.20 33.10
CA ALA C 21 5.21 13.69 32.92
C ALA C 21 4.64 14.11 31.57
N VAL C 22 4.83 15.37 31.19
CA VAL C 22 4.30 15.85 29.91
C VAL C 22 4.88 15.01 28.76
N GLN C 23 6.22 14.93 28.70
CA GLN C 23 6.86 14.15 27.66
C GLN C 23 6.40 12.69 27.70
N TYR C 24 6.30 12.13 28.90
CA TYR C 24 5.93 10.72 29.06
C TYR C 24 4.56 10.43 28.45
N PHE C 25 3.55 11.22 28.81
CA PHE C 25 2.20 10.94 28.33
C PHE C 25 1.97 11.45 26.92
N GLN C 26 2.72 12.45 26.46
CA GLN C 26 2.72 12.77 25.04
C GLN C 26 3.23 11.60 24.23
N PHE C 27 4.31 10.96 24.68
CA PHE C 27 4.87 9.81 24.00
C PHE C 27 3.81 8.73 23.78
N TYR C 28 3.11 8.33 24.84
CA TYR C 28 2.13 7.25 24.76
C TYR C 28 0.81 7.68 24.13
N GLY C 29 0.65 8.96 23.79
CA GLY C 29 -0.51 9.39 23.05
C GLY C 29 -0.46 9.11 21.56
N TYR C 30 0.65 8.57 21.07
CA TYR C 30 0.79 8.25 19.66
C TYR C 30 0.34 6.83 19.39
N LEU C 31 -0.53 6.67 18.38
CA LEU C 31 -0.92 5.32 17.97
C LEU C 31 0.27 4.52 17.49
N SER C 32 1.29 5.19 16.94
CA SER C 32 2.46 4.47 16.44
C SER C 32 3.25 3.83 17.58
N GLN C 33 3.24 4.45 18.76
CA GLN C 33 3.90 3.84 19.91
C GLN C 33 3.08 2.71 20.49
N GLN C 34 1.76 2.88 20.59
CA GLN C 34 0.90 1.75 20.97
C GLN C 34 1.06 0.59 19.99
N GLN C 35 1.11 0.91 18.69
CA GLN C 35 1.28 -0.13 17.68
C GLN C 35 2.61 -0.85 17.85
N ASN C 36 3.68 -0.09 18.13
CA ASN C 36 4.99 -0.71 18.30
C ASN C 36 4.95 -1.78 19.39
N MET C 37 4.20 -1.53 20.47
CA MET C 37 4.11 -2.49 21.56
C MET C 37 3.13 -3.60 21.24
N MET C 38 2.05 -3.30 20.53
CA MET C 38 1.10 -4.34 20.15
C MET C 38 1.72 -5.31 19.15
N GLN C 39 2.64 -4.84 18.31
CA GLN C 39 3.29 -5.69 17.32
C GLN C 39 4.38 -6.57 17.93
N ASP C 40 4.75 -6.37 19.19
CA ASP C 40 5.61 -7.31 19.89
C ASP C 40 4.80 -8.56 20.18
N TYR C 41 4.95 -9.58 19.32
CA TYR C 41 4.10 -10.76 19.41
C TYR C 41 4.31 -11.49 20.72
N VAL C 42 5.56 -11.61 21.18
CA VAL C 42 5.83 -12.28 22.45
C VAL C 42 5.04 -11.63 23.58
N ARG C 43 5.16 -10.30 23.71
CA ARG C 43 4.48 -9.57 24.76
C ARG C 43 2.97 -9.78 24.67
N THR C 44 2.37 -9.37 23.55
CA THR C 44 0.92 -9.39 23.43
C THR C 44 0.38 -10.81 23.45
N GLY C 45 1.07 -11.74 22.77
CA GLY C 45 0.60 -13.12 22.75
C GLY C 45 0.70 -13.80 24.10
N THR C 46 1.75 -13.49 24.86
CA THR C 46 1.90 -14.08 26.18
C THR C 46 0.85 -13.54 27.15
N TYR C 47 0.59 -12.23 27.10
CA TYR C 47 -0.47 -11.66 27.92
C TYR C 47 -1.81 -12.32 27.61
N GLN C 48 -2.13 -12.47 26.32
CA GLN C 48 -3.39 -13.08 25.94
C GLN C 48 -3.46 -14.52 26.43
N ARG C 49 -2.39 -15.30 26.22
CA ARG C 49 -2.36 -16.67 26.70
C ARG C 49 -2.54 -16.73 28.20
N ALA C 50 -1.87 -15.84 28.94
CA ALA C 50 -1.97 -15.84 30.40
C ALA C 50 -3.39 -15.56 30.85
N ILE C 51 -4.09 -14.65 30.17
CA ILE C 51 -5.44 -14.28 30.58
C ILE C 51 -6.43 -15.36 30.16
N LEU C 52 -6.34 -15.85 28.93
CA LEU C 52 -7.32 -16.81 28.43
C LEU C 52 -7.11 -18.19 29.05
N GLN C 53 -5.86 -18.64 29.16
CA GLN C 53 -5.60 -19.95 29.76
C GLN C 53 -5.95 -19.99 31.24
N ASN C 54 -6.11 -18.82 31.88
CA ASN C 54 -6.63 -18.75 33.24
C ASN C 54 -8.02 -18.10 33.22
N HIS C 55 -8.89 -18.59 32.35
CA HIS C 55 -10.20 -17.96 32.17
C HIS C 55 -10.99 -17.92 33.46
N THR C 56 -10.80 -18.90 34.35
CA THR C 56 -11.55 -18.93 35.59
C THR C 56 -11.19 -17.78 36.52
N ASP C 57 -10.02 -17.18 36.35
CA ASP C 57 -9.63 -16.02 37.15
C ASP C 57 -10.29 -14.74 36.69
N PHE C 58 -11.08 -14.77 35.61
CA PHE C 58 -11.67 -13.56 35.06
C PHE C 58 -13.18 -13.66 34.90
N LYS C 59 -13.69 -14.86 34.62
CA LYS C 59 -15.11 -15.01 34.26
C LYS C 59 -16.01 -14.44 35.35
N ASP C 60 -16.86 -13.49 34.97
CA ASP C 60 -17.86 -12.89 35.86
C ASP C 60 -17.21 -12.13 37.02
N LYS C 61 -15.99 -11.63 36.81
CA LYS C 61 -15.27 -10.91 37.86
C LYS C 61 -15.03 -9.47 37.44
N ILE C 62 -14.73 -8.63 38.43
CA ILE C 62 -14.46 -7.22 38.21
C ILE C 62 -12.96 -7.04 38.02
N VAL C 63 -12.58 -6.35 36.95
CA VAL C 63 -11.18 -6.21 36.53
C VAL C 63 -10.81 -4.74 36.49
N LEU C 64 -9.57 -4.44 36.89
CA LEU C 64 -8.97 -3.13 36.72
C LEU C 64 -7.75 -3.27 35.81
N ASP C 65 -7.74 -2.52 34.71
CA ASP C 65 -6.62 -2.48 33.79
C ASP C 65 -5.90 -1.15 33.97
N VAL C 66 -4.68 -1.19 34.51
CA VAL C 66 -3.94 0.02 34.87
C VAL C 66 -3.12 0.44 33.66
N GLY C 67 -3.46 1.60 33.09
CA GLY C 67 -2.77 2.07 31.91
C GLY C 67 -3.13 1.25 30.70
N CYS C 68 -4.41 1.28 30.32
CA CYS C 68 -4.92 0.38 29.29
C CYS C 68 -4.40 0.73 27.90
N GLY C 69 -3.94 1.96 27.69
CA GLY C 69 -3.47 2.35 26.37
C GLY C 69 -4.58 2.20 25.35
N SER C 70 -4.33 1.37 24.33
CA SER C 70 -5.34 1.10 23.32
C SER C 70 -6.51 0.31 23.87
N GLY C 71 -6.34 -0.34 25.02
CA GLY C 71 -7.36 -1.19 25.61
C GLY C 71 -7.15 -2.67 25.40
N ILE C 72 -6.07 -3.08 24.73
CA ILE C 72 -5.92 -4.45 24.27
C ILE C 72 -6.08 -5.45 25.42
N LEU C 73 -5.50 -5.15 26.58
CA LEU C 73 -5.59 -6.09 27.69
C LEU C 73 -7.00 -6.17 28.25
N SER C 74 -7.74 -5.05 28.24
CA SER C 74 -9.14 -5.10 28.66
C SER C 74 -9.96 -6.00 27.73
N PHE C 75 -9.65 -5.97 26.43
CA PHE C 75 -10.36 -6.84 25.49
C PHE C 75 -10.05 -8.30 25.75
N PHE C 76 -8.79 -8.62 26.11
CA PHE C 76 -8.47 -9.99 26.50
C PHE C 76 -9.24 -10.40 27.75
N ALA C 77 -9.32 -9.51 28.73
CA ALA C 77 -10.10 -9.80 29.93
C ALA C 77 -11.56 -10.02 29.58
N ALA C 78 -12.08 -9.25 28.61
CA ALA C 78 -13.45 -9.47 28.15
C ALA C 78 -13.58 -10.81 27.45
N GLN C 79 -12.58 -11.18 26.63
CA GLN C 79 -12.60 -12.49 26.00
C GLN C 79 -12.66 -13.59 27.05
N ALA C 80 -12.00 -13.40 28.19
CA ALA C 80 -11.99 -14.39 29.26
C ALA C 80 -13.31 -14.43 30.03
N GLY C 81 -14.19 -13.46 29.83
CA GLY C 81 -15.51 -13.50 30.43
C GLY C 81 -15.72 -12.57 31.61
N ALA C 82 -14.90 -11.54 31.77
CA ALA C 82 -15.08 -10.61 32.88
C ALA C 82 -16.43 -9.92 32.76
N ARG C 83 -17.01 -9.58 33.92
CA ARG C 83 -18.30 -8.92 33.95
C ARG C 83 -18.17 -7.41 33.77
N LYS C 84 -17.11 -6.82 34.31
CA LYS C 84 -16.90 -5.37 34.25
C LYS C 84 -15.41 -5.10 34.35
N ILE C 85 -14.90 -4.27 33.44
CA ILE C 85 -13.49 -3.92 33.40
C ILE C 85 -13.38 -2.41 33.46
N TYR C 86 -12.64 -1.90 34.44
CA TYR C 86 -12.31 -0.49 34.52
C TYR C 86 -10.94 -0.29 33.88
N ALA C 87 -10.91 0.42 32.76
CA ALA C 87 -9.68 0.64 32.00
C ALA C 87 -9.25 2.09 32.20
N VAL C 88 -8.14 2.29 32.90
CA VAL C 88 -7.65 3.62 33.26
C VAL C 88 -6.47 3.97 32.35
N GLU C 89 -6.52 5.16 31.75
CA GLU C 89 -5.48 5.61 30.85
C GLU C 89 -5.34 7.13 30.99
N ALA C 90 -4.11 7.59 31.23
CA ALA C 90 -3.86 9.00 31.48
C ALA C 90 -3.54 9.81 30.24
N SER C 91 -2.98 9.19 29.20
CA SER C 91 -2.67 9.92 27.98
C SER C 91 -3.94 10.10 27.15
N THR C 92 -3.80 10.84 26.04
CA THR C 92 -4.93 11.02 25.12
C THR C 92 -5.29 9.73 24.40
N MET C 93 -4.52 8.66 24.57
CA MET C 93 -4.92 7.36 24.05
C MET C 93 -6.26 6.92 24.61
N ALA C 94 -6.67 7.47 25.76
CA ALA C 94 -7.95 7.10 26.36
C ALA C 94 -9.11 7.37 25.41
N GLN C 95 -9.02 8.43 24.61
CA GLN C 95 -10.08 8.73 23.65
C GLN C 95 -10.14 7.67 22.55
N HIS C 96 -8.98 7.23 22.05
CA HIS C 96 -8.97 6.16 21.06
C HIS C 96 -9.45 4.85 21.66
N ALA C 97 -9.10 4.57 22.92
CA ALA C 97 -9.58 3.36 23.56
C ALA C 97 -11.10 3.35 23.66
N GLU C 98 -11.70 4.49 24.03
CA GLU C 98 -13.16 4.57 24.10
C GLU C 98 -13.78 4.29 22.74
N VAL C 99 -13.13 4.76 21.66
CA VAL C 99 -13.63 4.48 20.32
C VAL C 99 -13.64 2.98 20.07
N LEU C 100 -12.60 2.27 20.49
CA LEU C 100 -12.52 0.84 20.24
C LEU C 100 -13.54 0.07 21.08
N VAL C 101 -13.78 0.52 22.30
CA VAL C 101 -14.81 -0.12 23.12
C VAL C 101 -16.18 0.02 22.46
N LYS C 102 -16.45 1.18 21.87
CA LYS C 102 -17.72 1.37 21.18
C LYS C 102 -17.81 0.52 19.91
N SER C 103 -16.72 0.48 19.13
CA SER C 103 -16.75 -0.23 17.86
C SER C 103 -16.70 -1.74 18.02
N ASN C 104 -16.29 -2.24 19.18
CA ASN C 104 -16.31 -3.67 19.47
C ASN C 104 -17.53 -4.07 20.30
N ASN C 105 -18.49 -3.17 20.47
CA ASN C 105 -19.77 -3.48 21.14
C ASN C 105 -19.54 -4.01 22.56
N LEU C 106 -18.69 -3.33 23.31
CA LEU C 106 -18.36 -3.73 24.67
C LEU C 106 -18.58 -2.61 25.67
N THR C 107 -19.42 -1.62 25.34
CA THR C 107 -19.70 -0.54 26.29
C THR C 107 -20.40 -1.05 27.54
N ASP C 108 -21.05 -2.20 27.47
CA ASP C 108 -21.69 -2.79 28.64
C ASP C 108 -20.72 -3.51 29.56
N ARG C 109 -19.47 -3.71 29.14
CA ARG C 109 -18.50 -4.49 29.89
C ARG C 109 -17.23 -3.71 30.22
N ILE C 110 -16.77 -2.85 29.32
CA ILE C 110 -15.54 -2.08 29.51
C ILE C 110 -15.92 -0.61 29.65
N VAL C 111 -15.43 0.02 30.70
CA VAL C 111 -15.61 1.45 30.91
C VAL C 111 -14.23 2.09 30.94
N VAL C 112 -13.98 3.02 30.03
CA VAL C 112 -12.71 3.73 29.96
C VAL C 112 -12.77 4.93 30.90
N ILE C 113 -11.75 5.08 31.74
CA ILE C 113 -11.68 6.17 32.69
C ILE C 113 -10.43 6.99 32.40
N PRO C 114 -10.55 8.17 31.80
CA PRO C 114 -9.35 8.96 31.47
C PRO C 114 -8.76 9.61 32.72
N GLY C 115 -7.45 9.45 32.88
CA GLY C 115 -6.74 10.03 34.01
C GLY C 115 -5.70 9.10 34.61
N LYS C 116 -4.98 9.59 35.60
CA LYS C 116 -3.97 8.80 36.29
C LYS C 116 -4.63 7.94 37.37
N VAL C 117 -4.16 6.68 37.48
CA VAL C 117 -4.76 5.75 38.43
C VAL C 117 -4.61 6.26 39.86
N GLU C 118 -3.63 7.12 40.12
CA GLU C 118 -3.46 7.73 41.42
C GLU C 118 -4.45 8.86 41.69
N GLU C 119 -5.15 9.33 40.65
CA GLU C 119 -5.99 10.51 40.75
C GLU C 119 -7.46 10.27 40.47
N VAL C 120 -7.81 9.26 39.67
CA VAL C 120 -9.21 9.04 39.32
C VAL C 120 -9.95 8.39 40.49
N SER C 121 -11.27 8.45 40.43
CA SER C 121 -12.13 7.82 41.42
C SER C 121 -12.74 6.56 40.81
N LEU C 122 -12.50 5.41 41.44
CA LEU C 122 -13.14 4.18 41.02
C LEU C 122 -14.21 3.79 42.03
N PRO C 123 -15.37 3.29 41.58
CA PRO C 123 -16.49 3.10 42.51
C PRO C 123 -16.38 1.88 43.41
N GLU C 124 -15.71 0.81 42.97
CA GLU C 124 -15.77 -0.46 43.67
C GLU C 124 -14.41 -1.16 43.65
N GLN C 125 -14.27 -2.13 44.55
CA GLN C 125 -13.08 -2.97 44.58
C GLN C 125 -13.17 -4.04 43.49
N VAL C 126 -12.00 -4.48 43.03
CA VAL C 126 -11.91 -5.39 41.89
C VAL C 126 -11.33 -6.72 42.36
N ASP C 127 -11.57 -7.76 41.56
CA ASP C 127 -11.08 -9.09 41.86
C ASP C 127 -9.66 -9.33 41.34
N ILE C 128 -9.26 -8.61 40.30
CA ILE C 128 -7.95 -8.82 39.69
C ILE C 128 -7.55 -7.53 38.98
N ILE C 129 -6.27 -7.18 39.10
CA ILE C 129 -5.69 -6.03 38.42
C ILE C 129 -4.79 -6.58 37.32
N ILE C 130 -4.95 -6.05 36.11
CA ILE C 130 -4.07 -6.38 35.00
C ILE C 130 -3.35 -5.10 34.57
N SER C 131 -2.14 -5.28 34.06
CA SER C 131 -1.34 -4.14 33.62
C SER C 131 -0.08 -4.67 32.95
N GLU C 132 0.52 -3.81 32.14
CA GLU C 132 1.83 -4.07 31.53
C GLU C 132 2.68 -2.85 31.87
N PRO C 133 3.21 -2.81 33.08
CA PRO C 133 3.97 -1.61 33.54
C PRO C 133 5.48 -1.73 33.44
N MET C 134 6.01 -2.74 32.78
CA MET C 134 7.44 -2.99 32.76
C MET C 134 8.13 -2.10 31.73
N GLY C 135 9.24 -1.49 32.14
CA GLY C 135 10.13 -0.81 31.23
C GLY C 135 11.47 -1.54 31.11
N TYR C 136 12.43 -0.85 30.48
CA TYR C 136 13.79 -1.35 30.46
C TYR C 136 14.25 -1.68 31.88
N MET C 137 14.95 -2.81 32.02
CA MET C 137 15.40 -3.27 33.33
C MET C 137 14.24 -3.47 34.28
N LEU C 138 13.04 -3.67 33.74
CA LEU C 138 11.81 -3.85 34.50
C LEU C 138 11.30 -2.52 35.10
N PHE C 139 12.18 -1.78 35.77
CA PHE C 139 11.75 -0.68 36.63
C PHE C 139 11.69 0.67 35.93
N ASN C 140 12.28 0.81 34.74
CA ASN C 140 12.28 2.12 34.08
C ASN C 140 10.87 2.60 33.82
N GLU C 141 10.68 3.92 33.92
CA GLU C 141 9.40 4.61 33.76
C GLU C 141 8.65 4.68 35.09
N ARG C 142 9.02 3.81 36.04
CA ARG C 142 8.45 3.84 37.38
C ARG C 142 6.95 3.59 37.38
N MET C 143 6.46 2.85 36.38
CA MET C 143 5.04 2.57 36.30
C MET C 143 4.60 1.44 37.23
N LEU C 144 5.53 0.58 37.64
CA LEU C 144 5.19 -0.45 38.61
C LEU C 144 4.63 0.13 39.90
N GLU C 145 5.05 1.35 40.25
CA GLU C 145 4.50 2.00 41.43
C GLU C 145 3.03 2.38 41.24
N SER C 146 2.64 2.74 40.01
CA SER C 146 1.22 2.93 39.73
C SER C 146 0.48 1.60 39.81
N TYR C 147 1.09 0.54 39.30
CA TYR C 147 0.51 -0.79 39.39
C TYR C 147 0.27 -1.19 40.84
N LEU C 148 1.28 -1.02 41.69
CA LEU C 148 1.13 -1.37 43.10
C LEU C 148 0.20 -0.40 43.81
N HIS C 149 0.26 0.89 43.45
CA HIS C 149 -0.66 1.86 44.04
C HIS C 149 -2.11 1.45 43.80
N ALA C 150 -2.39 0.86 42.64
CA ALA C 150 -3.76 0.48 42.31
C ALA C 150 -4.32 -0.59 43.23
N LYS C 151 -3.48 -1.24 44.04
CA LYS C 151 -3.98 -2.27 44.94
C LYS C 151 -4.90 -1.72 46.02
N LYS C 152 -4.97 -0.40 46.19
CA LYS C 152 -5.96 0.17 47.07
C LYS C 152 -7.38 -0.15 46.61
N TYR C 153 -7.56 -0.56 45.35
CA TYR C 153 -8.84 -1.00 44.82
C TYR C 153 -8.96 -2.52 44.75
N LEU C 154 -7.99 -3.25 45.27
CA LEU C 154 -7.96 -4.71 45.15
C LEU C 154 -8.57 -5.35 46.39
N LYS C 155 -9.45 -6.32 46.17
CA LYS C 155 -10.02 -7.07 47.28
C LYS C 155 -8.93 -7.81 48.04
N PRO C 156 -9.13 -8.08 49.33
CA PRO C 156 -8.10 -8.83 50.08
C PRO C 156 -7.72 -10.15 49.43
N SER C 157 -8.64 -10.80 48.74
CA SER C 157 -8.38 -12.08 48.08
C SER C 157 -8.13 -11.94 46.59
N GLY C 158 -7.86 -10.72 46.12
CA GLY C 158 -7.67 -10.49 44.71
C GLY C 158 -6.30 -10.94 44.21
N ASN C 159 -6.12 -10.84 42.89
CA ASN C 159 -4.91 -11.29 42.24
C ASN C 159 -4.33 -10.18 41.37
N MET C 160 -3.09 -10.37 40.94
CA MET C 160 -2.35 -9.40 40.15
C MET C 160 -1.78 -10.10 38.92
N PHE C 161 -2.02 -9.54 37.74
CA PHE C 161 -1.52 -10.08 36.48
C PHE C 161 -0.72 -9.01 35.76
N PRO C 162 0.62 -9.08 35.76
CA PRO C 162 1.48 -10.14 36.30
C PRO C 162 1.50 -10.21 37.82
N THR C 163 1.80 -11.40 38.35
CA THR C 163 1.82 -11.61 39.80
C THR C 163 3.19 -11.32 40.40
N ILE C 164 4.28 -11.69 39.71
CA ILE C 164 5.63 -11.46 40.19
C ILE C 164 6.51 -11.01 39.04
N GLY C 165 7.60 -10.33 39.39
CA GLY C 165 8.61 -9.93 38.43
C GLY C 165 10.02 -10.23 38.92
N ASP C 166 10.83 -10.82 38.05
CA ASP C 166 12.22 -11.18 38.36
C ASP C 166 13.14 -10.37 37.46
N VAL C 167 14.03 -9.58 38.06
CA VAL C 167 15.10 -8.91 37.33
C VAL C 167 16.37 -9.75 37.49
N HIS C 168 17.06 -9.99 36.38
CA HIS C 168 18.24 -10.84 36.36
C HIS C 168 19.49 -10.01 36.08
N LEU C 169 20.54 -10.29 36.84
CA LEU C 169 21.85 -9.66 36.66
C LEU C 169 22.88 -10.71 36.32
N ALA C 170 23.76 -10.41 35.35
CA ALA C 170 24.85 -11.32 35.02
C ALA C 170 26.06 -10.54 34.53
N PRO C 171 27.27 -10.94 34.92
CA PRO C 171 28.47 -10.27 34.39
C PRO C 171 28.71 -10.67 32.94
N PHE C 172 29.29 -9.75 32.18
CA PHE C 172 29.56 -9.97 30.76
C PHE C 172 30.93 -9.43 30.40
N THR C 173 31.48 -9.96 29.31
CA THR C 173 32.70 -9.46 28.70
C THR C 173 32.37 -9.03 27.28
N ASP C 174 32.76 -7.80 26.93
CA ASP C 174 32.55 -7.28 25.58
C ASP C 174 33.64 -6.23 25.34
N GLU C 175 34.78 -6.69 24.84
CA GLU C 175 35.90 -5.78 24.60
C GLU C 175 35.53 -4.69 23.62
N GLN C 176 34.76 -5.03 22.57
CA GLN C 176 34.38 -4.04 21.58
C GLN C 176 33.51 -2.95 22.19
N LEU C 177 32.50 -3.35 22.98
CA LEU C 177 31.62 -2.36 23.59
C LEU C 177 32.40 -1.42 24.50
N TYR C 178 33.32 -1.96 25.30
CA TYR C 178 34.08 -1.12 26.21
C TYR C 178 35.00 -0.18 25.44
N MET C 179 35.67 -0.66 24.40
N MET C 179 35.68 -0.67 24.40
CA MET C 179 36.59 0.18 23.65
CA MET C 179 36.59 0.17 23.63
C MET C 179 35.85 1.22 22.82
C MET C 179 35.83 1.23 22.84
N GLU C 180 34.60 0.93 22.43
CA GLU C 180 33.83 1.88 21.64
C GLU C 180 33.64 3.21 22.38
N GLN C 181 33.52 3.17 23.70
CA GLN C 181 33.32 4.40 24.46
C GLN C 181 34.50 5.35 24.30
N PHE C 182 35.72 4.80 24.31
CA PHE C 182 36.91 5.63 24.17
C PHE C 182 37.15 6.04 22.73
N THR C 183 36.80 5.19 21.77
CA THR C 183 36.86 5.58 20.37
C THR C 183 35.98 6.80 20.11
N LYS C 184 34.77 6.82 20.68
CA LYS C 184 33.88 7.96 20.51
C LYS C 184 34.39 9.17 21.29
N ALA C 185 34.83 8.97 22.53
CA ALA C 185 35.29 10.09 23.35
C ALA C 185 36.60 10.66 22.83
N ASN C 186 37.43 9.84 22.18
CA ASN C 186 38.71 10.34 21.70
C ASN C 186 38.57 11.32 20.55
N PHE C 187 37.36 11.53 20.02
CA PHE C 187 37.14 12.64 19.10
C PHE C 187 37.65 13.94 19.72
N TRP C 188 37.46 14.10 21.03
CA TRP C 188 37.87 15.32 21.71
C TRP C 188 39.37 15.40 21.95
N TYR C 189 40.11 14.30 21.79
CA TYR C 189 41.53 14.28 22.11
C TYR C 189 42.34 14.55 20.83
N GLN C 190 42.20 15.79 20.34
CA GLN C 190 42.98 16.25 19.21
C GLN C 190 43.31 17.72 19.40
N PRO C 191 44.53 18.14 19.08
CA PRO C 191 44.97 19.50 19.43
C PRO C 191 44.52 20.58 18.47
N SER C 192 44.04 20.22 17.28
CA SER C 192 43.67 21.24 16.31
C SER C 192 42.52 20.72 15.44
N PHE C 193 41.34 20.63 16.04
CA PHE C 193 40.11 20.40 15.29
C PHE C 193 39.69 21.73 14.69
N HIS C 194 39.95 21.91 13.40
CA HIS C 194 39.74 23.19 12.74
C HIS C 194 40.42 24.32 13.51
N GLY C 195 41.61 24.02 14.04
CA GLY C 195 42.38 24.99 14.78
C GLY C 195 42.05 25.12 16.24
N VAL C 196 41.23 24.23 16.80
CA VAL C 196 40.82 24.29 18.20
C VAL C 196 41.32 23.06 18.92
N ASP C 197 41.92 23.25 20.09
CA ASP C 197 42.37 22.15 20.93
C ASP C 197 41.20 21.69 21.79
N LEU C 198 40.70 20.49 21.52
CA LEU C 198 39.52 19.95 22.19
C LEU C 198 39.87 19.04 23.36
N SER C 199 41.16 18.79 23.62
CA SER C 199 41.55 17.70 24.50
C SER C 199 41.06 17.89 25.93
N ALA C 200 40.85 19.14 26.36
CA ALA C 200 40.45 19.37 27.75
C ALA C 200 39.08 18.79 28.08
N LEU C 201 38.26 18.48 27.08
CA LEU C 201 36.92 17.95 27.30
C LEU C 201 36.85 16.43 27.17
N ARG C 202 37.96 15.76 26.86
CA ARG C 202 37.92 14.33 26.61
C ARG C 202 37.41 13.58 27.84
N GLY C 203 37.95 13.89 29.02
CA GLY C 203 37.50 13.21 30.23
C GLY C 203 36.01 13.37 30.47
N ALA C 204 35.49 14.59 30.27
CA ALA C 204 34.06 14.81 30.44
C ALA C 204 33.26 13.98 29.45
N ALA C 205 33.78 13.82 28.23
CA ALA C 205 33.11 13.00 27.23
C ALA C 205 33.06 11.54 27.66
N VAL C 206 34.19 11.00 28.11
CA VAL C 206 34.23 9.61 28.58
C VAL C 206 33.21 9.40 29.69
N ASP C 207 33.20 10.27 30.69
CA ASP C 207 32.27 10.13 31.79
C ASP C 207 30.83 10.10 31.29
N GLU C 208 30.51 10.98 30.34
CA GLU C 208 29.14 11.02 29.81
C GLU C 208 28.76 9.70 29.15
N TYR C 209 29.67 9.12 28.36
CA TYR C 209 29.35 7.87 27.66
C TYR C 209 29.17 6.72 28.65
N PHE C 210 30.00 6.65 29.70
CA PHE C 210 29.91 5.55 30.64
C PHE C 210 28.67 5.64 31.52
N ARG C 211 28.06 6.81 31.64
CA ARG C 211 26.85 6.97 32.43
C ARG C 211 25.59 6.53 31.69
N GLN C 212 25.70 6.06 30.44
CA GLN C 212 24.54 5.68 29.66
C GLN C 212 24.41 4.17 29.63
N PRO C 213 23.37 3.58 30.21
CA PRO C 213 23.13 2.15 29.99
C PRO C 213 22.91 1.89 28.50
N VAL C 214 23.39 0.75 28.05
CA VAL C 214 23.35 0.38 26.64
C VAL C 214 22.16 -0.55 26.43
N VAL C 215 21.21 -0.12 25.60
CA VAL C 215 20.05 -0.93 25.25
C VAL C 215 20.33 -1.59 23.91
N ASP C 216 20.44 -2.92 23.94
CA ASP C 216 20.53 -3.74 22.74
C ASP C 216 20.58 -5.20 23.18
N THR C 217 20.72 -6.12 22.23
CA THR C 217 20.86 -7.53 22.54
C THR C 217 22.28 -7.99 22.24
N PHE C 218 22.56 -9.24 22.60
CA PHE C 218 23.92 -9.75 22.51
C PHE C 218 23.88 -11.27 22.48
N ASP C 219 24.99 -11.85 22.05
CA ASP C 219 25.14 -13.30 22.08
C ASP C 219 25.29 -13.77 23.52
N ILE C 220 24.55 -14.81 23.90
CA ILE C 220 24.57 -15.29 25.27
C ILE C 220 25.96 -15.74 25.69
N ARG C 221 26.85 -15.97 24.73
CA ARG C 221 28.19 -16.46 25.05
C ARG C 221 29.08 -15.40 25.69
N ILE C 222 28.65 -14.13 25.74
CA ILE C 222 29.42 -13.12 26.46
C ILE C 222 29.18 -13.18 27.96
N LEU C 223 28.18 -13.93 28.41
CA LEU C 223 27.87 -14.01 29.84
C LEU C 223 28.85 -14.94 30.54
N MET C 224 29.33 -14.50 31.70
CA MET C 224 30.41 -15.18 32.41
C MET C 224 29.94 -15.86 33.68
N ALA C 225 28.65 -15.87 33.98
CA ALA C 225 28.14 -16.56 35.14
C ALA C 225 26.61 -16.63 35.04
N LYS C 226 26.04 -17.61 35.73
CA LYS C 226 24.59 -17.67 35.84
C LYS C 226 24.08 -16.39 36.50
N SER C 227 22.93 -15.91 36.04
CA SER C 227 22.43 -14.64 36.51
C SER C 227 22.04 -14.72 37.99
N VAL C 228 21.99 -13.55 38.62
CA VAL C 228 21.42 -13.40 39.96
C VAL C 228 20.04 -12.79 39.80
N LYS C 229 19.09 -13.30 40.58
CA LYS C 229 17.69 -12.96 40.45
C LYS C 229 17.21 -12.16 41.65
N TYR C 230 16.47 -11.09 41.38
CA TYR C 230 15.81 -10.30 42.41
C TYR C 230 14.32 -10.28 42.10
N THR C 231 13.52 -10.77 43.04
CA THR C 231 12.10 -11.04 42.82
C THR C 231 11.25 -9.98 43.51
N VAL C 232 10.29 -9.43 42.78
CA VAL C 232 9.28 -8.55 43.34
C VAL C 232 7.94 -9.28 43.26
N ASN C 233 7.35 -9.55 44.43
CA ASN C 233 6.03 -10.17 44.51
C ASN C 233 5.01 -9.04 44.53
N PHE C 234 4.34 -8.81 43.40
CA PHE C 234 3.42 -7.69 43.28
C PHE C 234 2.22 -7.82 44.19
N LEU C 235 1.92 -9.02 44.69
CA LEU C 235 0.81 -9.17 45.63
C LEU C 235 1.18 -8.73 47.04
N GLU C 236 2.45 -8.84 47.41
CA GLU C 236 2.90 -8.47 48.75
C GLU C 236 3.67 -7.16 48.76
N ALA C 237 4.18 -6.70 47.62
CA ALA C 237 5.01 -5.51 47.60
C ALA C 237 4.16 -4.26 47.80
N LYS C 238 4.79 -3.23 48.37
CA LYS C 238 4.22 -1.90 48.48
C LYS C 238 4.95 -0.99 47.51
N GLU C 239 4.26 0.06 47.03
CA GLU C 239 4.89 0.93 46.06
C GLU C 239 6.13 1.59 46.64
N GLY C 240 6.18 1.75 47.96
CA GLY C 240 7.39 2.25 48.60
C GLY C 240 8.57 1.31 48.48
N ASP C 241 8.32 0.02 48.20
CA ASP C 241 9.42 -0.93 48.05
C ASP C 241 10.22 -0.70 46.78
N LEU C 242 9.74 0.12 45.85
CA LEU C 242 10.40 0.35 44.58
C LEU C 242 11.16 1.67 44.53
N HIS C 243 11.18 2.45 45.62
CA HIS C 243 11.92 3.70 45.63
C HIS C 243 13.41 3.45 45.79
N ARG C 244 13.78 2.42 46.55
CA ARG C 244 15.17 2.03 46.72
C ARG C 244 15.24 0.51 46.58
N ILE C 245 15.91 0.05 45.54
CA ILE C 245 16.01 -1.36 45.23
C ILE C 245 17.48 -1.75 45.33
N GLU C 246 17.83 -2.47 46.40
CA GLU C 246 19.19 -2.91 46.62
C GLU C 246 19.30 -4.37 46.20
N ILE C 247 20.11 -4.63 45.18
CA ILE C 247 20.28 -5.98 44.66
C ILE C 247 21.70 -6.43 44.95
N PRO C 248 21.93 -7.15 46.05
CA PRO C 248 23.26 -7.72 46.29
C PRO C 248 23.47 -8.94 45.42
N PHE C 249 24.69 -9.09 44.91
CA PHE C 249 24.99 -10.18 44.02
C PHE C 249 26.32 -10.82 44.39
N LYS C 250 26.42 -12.12 44.14
CA LYS C 250 27.66 -12.88 44.30
C LYS C 250 27.68 -13.89 43.17
N PHE C 251 28.37 -13.56 42.08
CA PHE C 251 28.43 -14.43 40.92
C PHE C 251 29.54 -15.45 41.07
N HIS C 252 29.24 -16.68 40.71
CA HIS C 252 30.23 -17.75 40.64
C HIS C 252 30.66 -17.87 39.19
N MET C 253 31.88 -17.40 38.89
CA MET C 253 32.32 -17.26 37.51
C MET C 253 32.41 -18.61 36.83
N LEU C 254 31.70 -18.74 35.69
CA LEU C 254 31.80 -19.94 34.88
C LEU C 254 32.98 -19.88 33.92
N HIS C 255 33.43 -18.67 33.57
CA HIS C 255 34.52 -18.49 32.61
C HIS C 255 35.55 -17.55 33.19
N SER C 256 36.78 -17.66 32.68
CA SER C 256 37.87 -16.76 33.04
C SER C 256 37.94 -15.64 32.01
N GLY C 257 38.21 -14.43 32.47
CA GLY C 257 38.40 -13.31 31.59
C GLY C 257 38.09 -12.00 32.29
N LEU C 258 37.96 -10.95 31.48
CA LEU C 258 37.70 -9.60 31.98
C LEU C 258 36.21 -9.33 31.99
N VAL C 259 35.71 -8.88 33.13
CA VAL C 259 34.31 -8.50 33.29
C VAL C 259 34.19 -7.01 33.00
N HIS C 260 33.47 -6.65 31.94
CA HIS C 260 33.30 -5.25 31.56
C HIS C 260 32.05 -4.61 32.15
N GLY C 261 31.12 -5.38 32.68
CA GLY C 261 29.95 -4.80 33.30
C GLY C 261 28.90 -5.85 33.64
N LEU C 262 27.68 -5.38 33.85
CA LEU C 262 26.55 -6.23 34.21
C LEU C 262 25.47 -6.12 33.14
N ALA C 263 24.89 -7.27 32.79
CA ALA C 263 23.77 -7.34 31.86
C ALA C 263 22.48 -7.53 32.64
N PHE C 264 21.41 -6.91 32.15
CA PHE C 264 20.12 -6.91 32.83
C PHE C 264 19.03 -7.39 31.90
N TRP C 265 18.16 -8.24 32.43
CA TRP C 265 16.90 -8.57 31.78
C TRP C 265 15.89 -8.91 32.87
N PHE C 266 14.67 -9.23 32.48
CA PHE C 266 13.63 -9.47 33.47
C PHE C 266 12.61 -10.46 32.93
N ASP C 267 12.00 -11.19 33.86
CA ASP C 267 10.85 -12.04 33.60
C ASP C 267 9.68 -11.58 34.47
N VAL C 268 8.47 -11.84 33.99
CA VAL C 268 7.27 -11.67 34.80
C VAL C 268 6.46 -12.97 34.68
N ALA C 269 5.72 -13.27 35.74
CA ALA C 269 4.94 -14.50 35.81
C ALA C 269 3.50 -14.17 36.16
N PHE C 270 2.56 -14.76 35.41
CA PHE C 270 1.13 -14.66 35.68
C PHE C 270 0.72 -15.94 36.39
N ILE C 271 0.54 -15.86 37.70
CA ILE C 271 0.24 -17.03 38.52
C ILE C 271 -1.28 -17.08 38.67
N GLY C 272 -1.92 -17.87 37.81
CA GLY C 272 -3.36 -18.02 37.83
C GLY C 272 -3.80 -19.33 38.48
N SER C 273 -5.12 -19.52 38.51
CA SER C 273 -5.69 -20.71 39.14
C SER C 273 -5.44 -21.97 38.33
N ILE C 274 -5.32 -21.84 37.01
CA ILE C 274 -5.12 -23.00 36.15
C ILE C 274 -3.63 -23.24 35.90
N MET C 275 -2.86 -22.19 35.64
CA MET C 275 -1.45 -22.37 35.28
C MET C 275 -0.70 -21.06 35.44
N THR C 276 0.62 -21.19 35.53
CA THR C 276 1.52 -20.04 35.54
C THR C 276 2.10 -19.86 34.14
N VAL C 277 1.99 -18.64 33.62
CA VAL C 277 2.53 -18.29 32.30
C VAL C 277 3.66 -17.29 32.52
N TRP C 278 4.76 -17.48 31.78
CA TRP C 278 5.96 -16.69 31.94
C TRP C 278 6.20 -15.84 30.70
N LEU C 279 6.50 -14.56 30.91
CA LEU C 279 6.98 -13.67 29.86
C LEU C 279 8.43 -13.32 30.20
N SER C 280 9.35 -13.68 29.30
CA SER C 280 10.77 -13.50 29.53
C SER C 280 11.37 -12.59 28.46
N THR C 281 12.27 -11.70 28.90
CA THR C 281 13.07 -10.88 28.00
C THR C 281 14.53 -11.30 28.02
N ALA C 282 14.83 -12.54 28.42
CA ALA C 282 16.20 -12.99 28.53
C ALA C 282 16.84 -13.10 27.15
N PRO C 283 18.16 -12.97 27.07
CA PRO C 283 18.85 -13.11 25.77
C PRO C 283 18.80 -14.51 25.20
N THR C 284 18.41 -15.52 25.99
CA THR C 284 18.19 -16.86 25.48
C THR C 284 16.85 -17.01 24.80
N GLU C 285 15.95 -16.04 24.95
CA GLU C 285 14.61 -16.09 24.42
C GLU C 285 14.47 -15.18 23.20
N PRO C 286 13.42 -15.34 22.40
CA PRO C 286 13.23 -14.44 21.25
C PRO C 286 13.16 -12.98 21.69
N LEU C 287 13.73 -12.11 20.85
CA LEU C 287 13.86 -10.71 21.19
C LEU C 287 12.49 -10.06 21.41
N THR C 288 12.45 -9.09 22.33
CA THR C 288 11.28 -8.26 22.56
C THR C 288 11.67 -6.80 22.43
N HIS C 289 10.67 -5.92 22.46
CA HIS C 289 10.94 -4.50 22.35
C HIS C 289 11.65 -3.94 23.57
N TRP C 290 11.78 -4.73 24.65
CA TRP C 290 12.62 -4.33 25.78
C TRP C 290 14.10 -4.64 25.54
N TYR C 291 14.42 -5.50 24.57
CA TYR C 291 15.78 -5.93 24.33
C TYR C 291 16.42 -6.37 25.65
N GLN C 292 17.69 -6.02 25.85
CA GLN C 292 18.34 -6.15 27.14
C GLN C 292 19.11 -4.86 27.44
N VAL C 293 19.60 -4.75 28.66
CA VAL C 293 20.33 -3.57 29.11
C VAL C 293 21.67 -4.01 29.67
N ARG C 294 22.73 -3.28 29.33
CA ARG C 294 24.06 -3.51 29.86
C ARG C 294 24.61 -2.24 30.45
N CYS C 295 25.24 -2.36 31.63
CA CYS C 295 25.88 -1.26 32.32
C CYS C 295 27.36 -1.60 32.49
N LEU C 296 28.23 -0.71 32.00
CA LEU C 296 29.66 -0.95 32.05
C LEU C 296 30.26 -0.55 33.39
N PHE C 297 31.28 -1.29 33.81
CA PHE C 297 32.17 -0.82 34.85
C PHE C 297 33.15 0.20 34.26
N GLN C 298 33.56 1.15 35.09
CA GLN C 298 34.53 2.14 34.63
C GLN C 298 35.87 1.49 34.31
N SER C 299 36.20 0.40 35.01
CA SER C 299 37.41 -0.37 34.75
C SER C 299 37.06 -1.85 34.75
N PRO C 300 37.56 -2.63 33.80
CA PRO C 300 37.27 -4.06 33.81
C PRO C 300 37.94 -4.76 34.99
N LEU C 301 37.28 -5.82 35.45
CA LEU C 301 37.78 -6.66 36.53
C LEU C 301 38.16 -8.02 35.96
N PHE C 302 39.38 -8.49 36.26
CA PHE C 302 39.78 -9.83 35.87
C PHE C 302 39.24 -10.83 36.88
N ALA C 303 38.65 -11.91 36.38
CA ALA C 303 38.07 -12.93 37.23
C ALA C 303 38.33 -14.31 36.63
N LYS C 304 38.86 -15.21 37.44
CA LYS C 304 39.10 -16.59 37.02
C LYS C 304 37.84 -17.42 37.22
N ALA C 305 37.68 -18.43 36.37
CA ALA C 305 36.61 -19.40 36.57
C ALA C 305 36.73 -20.00 37.96
N GLY C 306 35.63 -19.97 38.71
CA GLY C 306 35.61 -20.39 40.09
C GLY C 306 35.74 -19.26 41.09
N ASP C 307 36.22 -18.10 40.66
CA ASP C 307 36.23 -16.93 41.53
C ASP C 307 34.81 -16.45 41.78
N THR C 308 34.68 -15.57 42.77
CA THR C 308 33.38 -14.99 43.11
C THR C 308 33.43 -13.48 42.90
N LEU C 309 32.46 -12.97 42.15
CA LEU C 309 32.32 -11.54 41.89
C LEU C 309 31.13 -11.05 42.72
N SER C 310 31.43 -10.31 43.78
CA SER C 310 30.42 -9.88 44.73
C SER C 310 30.28 -8.36 44.69
N GLY C 311 29.09 -7.89 45.05
CA GLY C 311 28.85 -6.46 45.09
C GLY C 311 27.38 -6.15 45.24
N THR C 312 27.01 -4.94 44.85
CA THR C 312 25.64 -4.46 44.99
C THR C 312 25.28 -3.64 43.77
N CYS C 313 24.03 -3.79 43.32
CA CYS C 313 23.42 -2.89 42.35
C CYS C 313 22.29 -2.17 43.07
N LEU C 314 22.47 -0.85 43.27
CA LEU C 314 21.50 -0.05 44.01
C LEU C 314 20.77 0.86 43.02
N LEU C 315 19.46 0.66 42.91
CA LEU C 315 18.61 1.47 42.04
C LEU C 315 17.87 2.48 42.90
N ILE C 316 18.06 3.77 42.59
CA ILE C 316 17.52 4.86 43.37
C ILE C 316 16.59 5.64 42.46
N ALA C 317 15.29 5.64 42.78
CA ALA C 317 14.31 6.32 41.95
C ALA C 317 14.53 7.83 41.99
N ASN C 318 14.30 8.48 40.85
CA ASN C 318 14.37 9.92 40.75
C ASN C 318 13.03 10.44 40.22
N LYS C 319 12.88 11.76 40.21
CA LYS C 319 11.63 12.37 39.79
C LYS C 319 11.51 12.53 38.28
N ARG C 320 12.44 11.96 37.51
CA ARG C 320 12.32 11.89 36.06
C ARG C 320 11.72 10.55 35.62
N GLN C 321 10.99 9.87 36.49
CA GLN C 321 10.35 8.60 36.18
C GLN C 321 11.37 7.53 35.79
N SER C 322 12.54 7.57 36.41
CA SER C 322 13.58 6.59 36.09
C SER C 322 14.39 6.36 37.36
N TYR C 323 15.60 5.82 37.19
CA TYR C 323 16.45 5.45 38.30
C TYR C 323 17.88 5.87 38.03
N ASP C 324 18.59 6.22 39.10
CA ASP C 324 20.04 6.31 39.08
C ASP C 324 20.59 4.96 39.52
N ILE C 325 21.46 4.37 38.70
CA ILE C 325 21.96 3.02 38.92
C ILE C 325 23.36 3.13 39.51
N SER C 326 23.56 2.55 40.68
CA SER C 326 24.86 2.50 41.34
C SER C 326 25.29 1.04 41.43
N ILE C 327 26.41 0.72 40.80
CA ILE C 327 26.95 -0.63 40.78
C ILE C 327 28.34 -0.61 41.39
N VAL C 328 28.54 -1.48 42.38
CA VAL C 328 29.85 -1.70 42.98
C VAL C 328 30.13 -3.20 42.92
N ALA C 329 31.32 -3.56 42.48
CA ALA C 329 31.68 -4.96 42.30
C ALA C 329 33.13 -5.16 42.68
N GLN C 330 33.43 -6.34 43.23
CA GLN C 330 34.81 -6.68 43.55
C GLN C 330 35.01 -8.18 43.32
N VAL C 331 36.23 -8.52 42.90
CA VAL C 331 36.64 -9.91 42.80
C VAL C 331 37.11 -10.34 44.19
N ASP C 332 36.36 -11.24 44.82
CA ASP C 332 36.64 -11.59 46.21
C ASP C 332 38.05 -12.16 46.38
N GLN C 333 38.47 -13.03 45.46
CA GLN C 333 39.78 -13.67 45.60
C GLN C 333 40.94 -12.72 45.37
N THR C 334 40.73 -11.62 44.64
CA THR C 334 41.80 -10.70 44.30
C THR C 334 41.66 -9.34 44.99
N GLY C 335 40.46 -8.95 45.40
CA GLY C 335 40.22 -7.62 45.90
C GLY C 335 40.12 -6.55 44.84
N SER C 336 40.23 -6.92 43.57
CA SER C 336 40.06 -5.94 42.48
C SER C 336 38.63 -5.40 42.51
N LYS C 337 38.51 -4.08 42.50
CA LYS C 337 37.25 -3.39 42.75
C LYS C 337 36.95 -2.43 41.62
N SER C 338 35.67 -2.29 41.28
CA SER C 338 35.23 -1.31 40.30
C SER C 338 33.80 -0.92 40.59
N SER C 339 33.42 0.26 40.09
CA SER C 339 32.08 0.80 40.31
C SER C 339 31.64 1.58 39.07
N ASN C 340 30.39 2.01 39.10
CA ASN C 340 29.87 2.94 38.10
C ASN C 340 28.53 3.47 38.60
N LEU C 341 28.15 4.62 38.06
CA LEU C 341 26.92 5.30 38.42
C LEU C 341 26.25 5.76 37.13
N LEU C 342 25.08 5.20 36.82
CA LEU C 342 24.46 5.37 35.52
C LEU C 342 23.10 6.05 35.64
N ASP C 343 22.70 6.70 34.54
CA ASP C 343 21.43 7.41 34.44
C ASP C 343 20.55 6.65 33.46
N LEU C 344 19.57 5.93 33.98
CA LEU C 344 18.74 5.07 33.15
C LEU C 344 17.72 5.86 32.31
N LYS C 345 17.49 7.13 32.64
CA LYS C 345 16.49 7.90 31.91
C LYS C 345 16.93 8.16 30.47
N ASN C 346 18.24 8.20 30.21
CA ASN C 346 18.78 8.51 28.89
C ASN C 346 19.75 7.42 28.47
N PRO C 347 19.25 6.26 28.09
CA PRO C 347 20.12 5.16 27.66
C PRO C 347 20.62 5.39 26.24
N PHE C 348 21.62 4.60 25.87
CA PHE C 348 22.16 4.60 24.52
C PHE C 348 21.58 3.42 23.76
N PHE C 349 20.83 3.71 22.69
CA PHE C 349 20.24 2.68 21.85
C PHE C 349 21.27 2.27 20.81
N ARG C 350 21.91 1.13 21.05
CA ARG C 350 23.01 0.65 20.22
C ARG C 350 22.57 -0.38 19.18
N TYR C 351 21.38 -0.95 19.34
CA TYR C 351 20.94 -2.03 18.47
C TYR C 351 20.82 -1.56 17.03
N THR C 352 21.15 -2.46 16.11
CA THR C 352 21.06 -2.19 14.67
C THR C 352 19.97 -3.05 14.04
N ARG D 9 7.58 36.41 31.05
CA ARG D 9 8.69 37.20 31.56
C ARG D 9 9.55 37.69 30.39
N SER D 10 10.25 36.76 29.74
CA SER D 10 11.07 37.07 28.58
C SER D 10 10.35 36.66 27.30
N VAL D 11 10.91 37.09 26.17
CA VAL D 11 10.34 36.74 24.87
C VAL D 11 10.39 35.24 24.67
N PHE D 12 11.46 34.59 25.14
CA PHE D 12 11.59 33.14 24.96
C PHE D 12 10.54 32.40 25.78
N SER D 13 10.42 32.73 27.07
CA SER D 13 9.51 32.00 27.94
C SER D 13 8.06 32.18 27.51
N GLU D 14 7.71 33.33 26.91
CA GLU D 14 6.34 33.57 26.52
C GLU D 14 5.94 32.74 25.29
N ARG D 15 6.90 32.36 24.46
CA ARG D 15 6.62 31.59 23.26
C ARG D 15 6.95 30.11 23.41
N THR D 16 7.37 29.66 24.58
CA THR D 16 7.87 28.31 24.76
C THR D 16 7.24 27.66 25.99
N GLU D 17 6.76 26.43 25.82
CA GLU D 17 6.37 25.62 26.96
C GLU D 17 7.59 25.19 27.75
N GLU D 18 7.47 25.17 29.08
CA GLU D 18 8.62 24.86 29.92
C GLU D 18 9.14 23.45 29.64
N SER D 19 8.25 22.47 29.51
CA SER D 19 8.69 21.10 29.27
C SER D 19 9.50 20.99 27.99
N SER D 20 9.05 21.68 26.93
CA SER D 20 9.79 21.69 25.68
C SER D 20 11.17 22.30 25.87
N ALA D 21 11.26 23.40 26.61
CA ALA D 21 12.55 24.06 26.83
C ALA D 21 13.48 23.20 27.66
N VAL D 22 12.96 22.54 28.70
CA VAL D 22 13.79 21.65 29.52
C VAL D 22 14.41 20.56 28.64
N GLN D 23 13.57 19.83 27.91
CA GLN D 23 14.06 18.79 27.02
C GLN D 23 15.04 19.34 26.00
N TYR D 24 14.72 20.52 25.45
CA TYR D 24 15.55 21.09 24.38
C TYR D 24 16.96 21.39 24.87
N PHE D 25 17.08 22.05 26.02
CA PHE D 25 18.41 22.45 26.50
C PHE D 25 19.15 21.31 27.20
N GLN D 26 18.42 20.34 27.76
CA GLN D 26 19.06 19.11 28.19
C GLN D 26 19.73 18.41 27.01
N PHE D 27 18.99 18.31 25.90
CA PHE D 27 19.53 17.68 24.69
C PHE D 27 20.87 18.29 24.30
N TYR D 28 20.92 19.61 24.14
CA TYR D 28 22.16 20.26 23.73
C TYR D 28 23.18 20.33 24.86
N GLY D 29 22.86 19.85 26.05
CA GLY D 29 23.83 19.74 27.12
C GLY D 29 24.73 18.53 27.02
N TYR D 30 24.52 17.65 26.03
CA TYR D 30 25.30 16.45 25.87
C TYR D 30 26.47 16.70 24.93
N LEU D 31 27.68 16.38 25.40
CA LEU D 31 28.86 16.49 24.54
C LEU D 31 28.73 15.62 23.30
N SER D 32 28.04 14.49 23.41
CA SER D 32 27.89 13.60 22.26
C SER D 32 27.09 14.26 21.15
N GLN D 33 26.13 15.12 21.49
CA GLN D 33 25.38 15.83 20.45
C GLN D 33 26.21 16.96 19.85
N GLN D 34 26.99 17.66 20.67
CA GLN D 34 27.93 18.62 20.13
C GLN D 34 28.93 17.95 19.20
N GLN D 35 29.46 16.80 19.60
CA GLN D 35 30.34 16.04 18.73
C GLN D 35 29.65 15.71 17.41
N ASN D 36 28.38 15.29 17.48
CA ASN D 36 27.64 14.99 16.26
C ASN D 36 27.60 16.18 15.31
N MET D 37 27.33 17.37 15.85
CA MET D 37 27.24 18.55 15.00
C MET D 37 28.62 18.98 14.50
N MET D 38 29.65 18.87 15.35
CA MET D 38 30.99 19.25 14.93
C MET D 38 31.52 18.33 13.85
N GLN D 39 31.13 17.06 13.85
CA GLN D 39 31.62 16.12 12.85
C GLN D 39 30.86 16.20 11.53
N ASP D 40 29.88 17.10 11.41
CA ASP D 40 29.32 17.45 10.11
C ASP D 40 30.35 18.34 9.42
N TYR D 41 31.25 17.70 8.66
CA TYR D 41 32.39 18.43 8.11
C TYR D 41 31.94 19.52 7.14
N VAL D 42 30.90 19.25 6.36
CA VAL D 42 30.37 20.26 5.44
C VAL D 42 29.93 21.50 6.21
N ARG D 43 29.13 21.31 7.26
CA ARG D 43 28.69 22.42 8.08
C ARG D 43 29.88 23.16 8.70
N THR D 44 30.66 22.44 9.51
CA THR D 44 31.74 23.08 10.25
C THR D 44 32.76 23.71 9.31
N GLY D 45 33.14 23.01 8.26
CA GLY D 45 34.11 23.56 7.31
C GLY D 45 33.59 24.78 6.59
N THR D 46 32.31 24.76 6.18
CA THR D 46 31.74 25.90 5.47
C THR D 46 31.66 27.12 6.36
N TYR D 47 31.27 26.94 7.62
CA TYR D 47 31.27 28.05 8.57
C TYR D 47 32.66 28.64 8.73
N GLN D 48 33.68 27.77 8.87
CA GLN D 48 35.04 28.26 9.02
C GLN D 48 35.49 29.02 7.78
N ARG D 49 35.20 28.47 6.59
CA ARG D 49 35.55 29.16 5.36
C ARG D 49 34.81 30.50 5.26
N ALA D 50 33.52 30.52 5.62
CA ALA D 50 32.76 31.76 5.55
C ALA D 50 33.35 32.83 6.47
N ILE D 51 33.85 32.43 7.63
CA ILE D 51 34.36 33.40 8.60
C ILE D 51 35.79 33.81 8.26
N LEU D 52 36.65 32.84 7.95
CA LEU D 52 38.05 33.17 7.70
C LEU D 52 38.22 33.87 6.35
N GLN D 53 37.52 33.41 5.30
CA GLN D 53 37.60 34.10 4.02
C GLN D 53 37.08 35.53 4.10
N ASN D 54 36.28 35.85 5.11
CA ASN D 54 35.82 37.21 5.37
C ASN D 54 36.43 37.74 6.66
N HIS D 55 37.73 37.53 6.84
CA HIS D 55 38.39 37.90 8.10
C HIS D 55 38.26 39.40 8.38
N THR D 56 38.11 40.22 7.33
CA THR D 56 38.00 41.66 7.54
C THR D 56 36.70 42.06 8.21
N ASP D 57 35.64 41.25 8.07
CA ASP D 57 34.39 41.51 8.77
C ASP D 57 34.47 41.16 10.25
N PHE D 58 35.59 40.60 10.71
CA PHE D 58 35.78 40.27 12.11
C PHE D 58 36.99 40.95 12.73
N LYS D 59 37.98 41.34 11.94
CA LYS D 59 39.23 41.87 12.47
C LYS D 59 38.97 43.06 13.37
N ASP D 60 39.32 42.93 14.65
CA ASP D 60 39.20 44.00 15.64
C ASP D 60 37.76 44.45 15.84
N LYS D 61 36.79 43.57 15.56
CA LYS D 61 35.38 43.86 15.73
C LYS D 61 34.85 43.19 17.00
N ILE D 62 33.68 43.64 17.43
CA ILE D 62 32.95 43.01 18.53
C ILE D 62 31.96 42.03 17.93
N VAL D 63 31.92 40.81 18.48
CA VAL D 63 31.14 39.72 17.90
C VAL D 63 30.18 39.18 18.95
N LEU D 64 28.98 38.84 18.51
CA LEU D 64 28.01 38.10 19.31
C LEU D 64 27.76 36.76 18.63
N ASP D 65 27.99 35.67 19.36
CA ASP D 65 27.71 34.32 18.89
C ASP D 65 26.49 33.81 19.65
N VAL D 66 25.35 33.72 18.96
CA VAL D 66 24.10 33.32 19.59
C VAL D 66 24.04 31.80 19.61
N GLY D 67 24.02 31.23 20.81
CA GLY D 67 24.00 29.78 20.95
C GLY D 67 25.32 29.15 20.56
N CYS D 68 26.37 29.47 21.30
CA CYS D 68 27.72 29.06 20.91
C CYS D 68 27.97 27.58 21.12
N GLY D 69 27.15 26.91 21.93
CA GLY D 69 27.36 25.49 22.18
C GLY D 69 28.76 25.25 22.71
N SER D 70 29.54 24.44 21.98
CA SER D 70 30.91 24.19 22.36
C SER D 70 31.80 25.40 22.17
N GLY D 71 31.35 26.40 21.40
CA GLY D 71 32.12 27.59 21.15
C GLY D 71 32.88 27.60 19.83
N ILE D 72 32.63 26.63 18.96
CA ILE D 72 33.46 26.47 17.76
C ILE D 72 33.40 27.71 16.88
N LEU D 73 32.21 28.29 16.71
CA LEU D 73 32.07 29.48 15.88
C LEU D 73 32.82 30.65 16.48
N SER D 74 32.79 30.79 17.81
CA SER D 74 33.55 31.85 18.47
C SER D 74 35.03 31.69 18.22
N PHE D 75 35.54 30.45 18.25
CA PHE D 75 36.95 30.21 17.96
C PHE D 75 37.29 30.62 16.52
N PHE D 76 36.38 30.33 15.58
CA PHE D 76 36.59 30.80 14.21
C PHE D 76 36.66 32.32 14.17
N ALA D 77 35.75 33.00 14.87
CA ALA D 77 35.80 34.46 14.92
C ALA D 77 37.11 34.95 15.53
N ALA D 78 37.59 34.26 16.56
CA ALA D 78 38.88 34.61 17.15
C ALA D 78 40.01 34.39 16.16
N GLN D 79 39.98 33.28 15.43
CA GLN D 79 40.99 33.04 14.40
C GLN D 79 40.99 34.17 13.38
N ALA D 80 39.83 34.74 13.08
CA ALA D 80 39.71 35.82 12.11
C ALA D 80 40.10 37.18 12.68
N GLY D 81 40.48 37.26 13.94
CA GLY D 81 41.02 38.48 14.51
C GLY D 81 40.06 39.32 15.32
N ALA D 82 38.92 38.77 15.74
CA ALA D 82 37.96 39.57 16.51
C ALA D 82 38.58 40.04 17.81
N ARG D 83 38.24 41.28 18.20
CA ARG D 83 38.76 41.83 19.45
C ARG D 83 38.04 41.22 20.65
N LYS D 84 36.74 40.98 20.53
CA LYS D 84 35.94 40.53 21.66
C LYS D 84 34.74 39.78 21.11
N ILE D 85 34.53 38.56 21.60
CA ILE D 85 33.42 37.72 21.19
C ILE D 85 32.59 37.39 22.42
N TYR D 86 31.35 37.86 22.44
CA TYR D 86 30.39 37.46 23.46
C TYR D 86 29.66 36.20 22.99
N ALA D 87 29.84 35.11 23.71
CA ALA D 87 29.32 33.81 23.33
C ALA D 87 28.21 33.42 24.30
N VAL D 88 26.97 33.53 23.85
CA VAL D 88 25.81 33.28 24.69
C VAL D 88 25.35 31.83 24.50
N GLU D 89 25.17 31.12 25.61
CA GLU D 89 24.74 29.73 25.57
C GLU D 89 23.90 29.42 26.80
N ALA D 90 22.71 28.85 26.57
CA ALA D 90 21.75 28.63 27.64
C ALA D 90 21.87 27.25 28.29
N SER D 91 22.34 26.25 27.56
CA SER D 91 22.47 24.92 28.14
C SER D 91 23.73 24.84 29.00
N THR D 92 23.85 23.74 29.74
CA THR D 92 25.03 23.50 30.56
C THR D 92 26.30 23.34 29.73
N MET D 93 26.18 23.26 28.40
CA MET D 93 27.35 23.25 27.54
C MET D 93 28.20 24.51 27.73
N ALA D 94 27.60 25.59 28.24
CA ALA D 94 28.33 26.84 28.45
C ALA D 94 29.55 26.64 29.33
N GLN D 95 29.47 25.70 30.29
CA GLN D 95 30.62 25.46 31.16
C GLN D 95 31.71 24.67 30.43
N HIS D 96 31.33 23.76 29.55
CA HIS D 96 32.33 23.06 28.74
C HIS D 96 33.01 24.02 27.78
N ALA D 97 32.25 24.98 27.22
CA ALA D 97 32.85 25.98 26.34
C ALA D 97 33.87 26.83 27.08
N GLU D 98 33.58 27.17 28.33
CA GLU D 98 34.54 27.96 29.11
C GLU D 98 35.83 27.17 29.34
N VAL D 99 35.71 25.86 29.55
CA VAL D 99 36.91 25.04 29.69
C VAL D 99 37.75 25.13 28.42
N LEU D 100 37.12 25.11 27.25
CA LEU D 100 37.87 25.19 26.00
C LEU D 100 38.48 26.57 25.80
N VAL D 101 37.77 27.63 26.21
CA VAL D 101 38.33 28.97 26.11
C VAL D 101 39.63 29.07 26.90
N LYS D 102 39.64 28.50 28.11
CA LYS D 102 40.84 28.56 28.95
C LYS D 102 41.96 27.71 28.38
N SER D 103 41.67 26.46 28.00
CA SER D 103 42.72 25.58 27.50
C SER D 103 43.28 26.04 26.17
N ASN D 104 42.58 26.92 25.45
CA ASN D 104 43.07 27.49 24.21
C ASN D 104 43.62 28.90 24.38
N ASN D 105 43.70 29.39 25.62
CA ASN D 105 44.34 30.68 25.92
C ASN D 105 43.69 31.82 25.15
N LEU D 106 42.35 31.84 25.14
CA LEU D 106 41.59 32.87 24.45
C LEU D 106 40.63 33.59 25.40
N THR D 107 40.96 33.59 26.70
CA THR D 107 40.12 34.29 27.68
C THR D 107 40.05 35.78 27.40
N ASP D 108 41.04 36.34 26.71
CA ASP D 108 41.07 37.76 26.40
C ASP D 108 40.21 38.12 25.20
N ARG D 109 39.57 37.14 24.54
CA ARG D 109 38.80 37.44 23.33
C ARG D 109 37.43 36.76 23.32
N ILE D 110 37.28 35.62 23.98
CA ILE D 110 36.01 34.91 24.05
C ILE D 110 35.47 35.02 25.47
N VAL D 111 34.28 35.60 25.61
CA VAL D 111 33.61 35.74 26.90
C VAL D 111 32.31 34.95 26.81
N VAL D 112 32.20 33.88 27.58
CA VAL D 112 31.01 33.04 27.59
C VAL D 112 29.97 33.67 28.52
N ILE D 113 28.77 33.91 27.99
CA ILE D 113 27.66 34.46 28.78
C ILE D 113 26.63 33.34 28.97
N PRO D 114 26.53 32.75 30.16
CA PRO D 114 25.55 31.68 30.36
C PRO D 114 24.13 32.24 30.44
N GLY D 115 23.23 31.68 29.62
CA GLY D 115 21.84 32.07 29.65
C GLY D 115 21.22 32.20 28.28
N LYS D 116 19.92 32.49 28.24
CA LYS D 116 19.23 32.69 26.98
C LYS D 116 19.49 34.09 26.44
N VAL D 117 19.71 34.18 25.12
CA VAL D 117 20.01 35.46 24.51
C VAL D 117 18.89 36.46 24.72
N GLU D 118 17.66 35.99 24.96
CA GLU D 118 16.54 36.87 25.25
C GLU D 118 16.54 37.37 26.69
N GLU D 119 17.47 36.91 27.54
CA GLU D 119 17.44 37.24 28.96
C GLU D 119 18.76 37.76 29.50
N VAL D 120 19.89 37.58 28.81
CA VAL D 120 21.18 38.02 29.33
C VAL D 120 21.38 39.50 29.03
N SER D 121 22.35 40.09 29.72
CA SER D 121 22.77 41.46 29.49
C SER D 121 24.17 41.48 28.92
N LEU D 122 24.39 42.31 27.88
CA LEU D 122 25.71 42.44 27.31
C LEU D 122 26.28 43.83 27.59
N PRO D 123 27.60 43.97 27.70
CA PRO D 123 28.17 45.29 28.05
C PRO D 123 28.07 46.32 26.93
N GLU D 124 27.99 45.90 25.67
CA GLU D 124 28.09 46.84 24.57
C GLU D 124 27.36 46.28 23.35
N GLN D 125 27.16 47.14 22.36
CA GLN D 125 26.66 46.72 21.07
C GLN D 125 27.77 46.01 20.29
N VAL D 126 27.35 45.17 19.35
CA VAL D 126 28.29 44.32 18.60
C VAL D 126 28.26 44.73 17.13
N ASP D 127 29.37 44.43 16.45
CA ASP D 127 29.51 44.76 15.04
C ASP D 127 28.92 43.69 14.12
N ILE D 128 28.91 42.44 14.56
CA ILE D 128 28.44 41.33 13.73
C ILE D 128 27.90 40.24 14.63
N ILE D 129 26.82 39.59 14.19
CA ILE D 129 26.22 38.47 14.88
C ILE D 129 26.49 37.20 14.09
N ILE D 130 26.97 36.17 14.76
CA ILE D 130 27.17 34.86 14.16
C ILE D 130 26.32 33.85 14.93
N SER D 131 25.88 32.82 14.22
CA SER D 131 25.04 31.79 14.82
C SER D 131 24.83 30.68 13.80
N GLU D 132 24.40 29.52 14.31
CA GLU D 132 23.96 28.40 13.49
C GLU D 132 22.56 28.04 13.99
N PRO D 133 21.56 28.83 13.63
CA PRO D 133 20.18 28.60 14.15
C PRO D 133 19.28 27.77 13.26
N MET D 134 19.81 27.13 12.21
CA MET D 134 18.98 26.40 11.27
C MET D 134 18.66 25.01 11.80
N GLY D 135 17.38 24.64 11.74
CA GLY D 135 16.94 23.29 12.00
C GLY D 135 16.44 22.62 10.73
N TYR D 136 15.83 21.44 10.93
CA TYR D 136 15.17 20.77 9.82
C TYR D 136 14.19 21.72 9.14
N MET D 137 14.18 21.69 7.81
CA MET D 137 13.32 22.58 7.04
C MET D 137 13.61 24.04 7.37
N LEU D 138 14.85 24.29 7.81
CA LEU D 138 15.32 25.62 8.21
C LEU D 138 14.72 26.10 9.54
N PHE D 139 13.39 26.01 9.67
CA PHE D 139 12.71 26.73 10.75
C PHE D 139 12.51 25.90 12.03
N ASN D 140 12.69 24.59 11.97
CA ASN D 140 12.48 23.78 13.17
C ASN D 140 13.42 24.25 14.28
N GLU D 141 12.93 24.18 15.52
CA GLU D 141 13.58 24.60 16.76
C GLU D 141 13.37 26.07 17.05
N ARG D 142 12.88 26.86 16.08
CA ARG D 142 12.56 28.27 16.29
C ARG D 142 13.76 29.07 16.79
N MET D 143 14.97 28.62 16.49
CA MET D 143 16.15 29.35 16.92
C MET D 143 16.41 30.59 16.07
N LEU D 144 15.84 30.65 14.87
CA LEU D 144 15.95 31.86 14.05
C LEU D 144 15.38 33.07 14.76
N GLU D 145 14.32 32.88 15.56
CA GLU D 145 13.76 33.99 16.31
C GLU D 145 14.73 34.50 17.37
N SER D 146 15.45 33.59 18.02
CA SER D 146 16.50 34.02 18.94
C SER D 146 17.60 34.76 18.18
N TYR D 147 17.95 34.27 16.99
CA TYR D 147 18.95 34.93 16.16
C TYR D 147 18.51 36.35 15.82
N LEU D 148 17.26 36.51 15.39
CA LEU D 148 16.76 37.84 15.06
C LEU D 148 16.59 38.70 16.31
N HIS D 149 16.17 38.09 17.42
CA HIS D 149 16.01 38.85 18.65
C HIS D 149 17.32 39.46 19.11
N ALA D 150 18.45 38.80 18.82
CA ALA D 150 19.75 39.31 19.19
C ALA D 150 20.13 40.60 18.48
N LYS D 151 19.38 40.98 17.43
CA LYS D 151 19.69 42.21 16.71
C LYS D 151 19.52 43.44 17.58
N LYS D 152 18.82 43.32 18.72
CA LYS D 152 18.77 44.43 19.67
C LYS D 152 20.15 44.84 20.15
N TYR D 153 21.15 43.96 20.01
CA TYR D 153 22.52 44.26 20.37
C TYR D 153 23.38 44.66 19.17
N LEU D 154 22.79 44.74 17.99
CA LEU D 154 23.56 44.98 16.77
C LEU D 154 23.62 46.48 16.48
N LYS D 155 24.81 46.96 16.16
CA LYS D 155 24.97 48.35 15.76
C LYS D 155 24.18 48.63 14.49
N PRO D 156 23.89 49.91 14.20
CA PRO D 156 23.04 50.22 13.05
C PRO D 156 23.51 49.62 11.74
N SER D 157 24.82 49.63 11.46
CA SER D 157 25.34 49.12 10.21
C SER D 157 26.03 47.76 10.37
N GLY D 158 25.69 47.02 11.41
CA GLY D 158 26.29 45.72 11.63
C GLY D 158 25.82 44.69 10.61
N ASN D 159 26.48 43.53 10.65
CA ASN D 159 26.25 42.44 9.71
C ASN D 159 25.82 41.20 10.47
N MET D 160 25.37 40.20 9.72
CA MET D 160 24.92 38.94 10.30
C MET D 160 25.42 37.77 9.46
N PHE D 161 25.93 36.75 10.13
CA PHE D 161 26.47 35.55 9.49
C PHE D 161 25.75 34.33 10.06
N PRO D 162 24.85 33.67 9.33
CA PRO D 162 24.46 33.91 7.93
C PRO D 162 23.64 35.17 7.74
N THR D 163 23.63 35.68 6.51
CA THR D 163 22.93 36.92 6.19
C THR D 163 21.52 36.66 5.69
N ILE D 164 21.34 35.66 4.83
CA ILE D 164 20.03 35.30 4.31
C ILE D 164 19.88 33.79 4.36
N GLY D 165 18.64 33.34 4.24
CA GLY D 165 18.33 31.94 4.14
C GLY D 165 17.28 31.68 3.07
N ASP D 166 17.54 30.73 2.19
CA ASP D 166 16.61 30.38 1.12
C ASP D 166 16.00 29.02 1.42
N VAL D 167 14.67 28.97 1.44
CA VAL D 167 13.94 27.71 1.53
C VAL D 167 13.50 27.32 0.12
N HIS D 168 13.85 26.10 -0.29
CA HIS D 168 13.47 25.58 -1.59
C HIS D 168 12.38 24.53 -1.45
N LEU D 169 11.41 24.57 -2.37
CA LEU D 169 10.31 23.62 -2.42
C LEU D 169 10.24 23.03 -3.81
N ALA D 170 9.92 21.73 -3.89
CA ALA D 170 9.74 21.13 -5.20
C ALA D 170 8.88 19.88 -5.07
N PRO D 171 8.00 19.59 -6.03
CA PRO D 171 7.23 18.35 -5.98
C PRO D 171 8.07 17.15 -6.38
N PHE D 172 7.77 16.02 -5.74
CA PHE D 172 8.52 14.79 -5.96
C PHE D 172 7.56 13.63 -6.14
N THR D 173 8.07 12.56 -6.75
CA THR D 173 7.37 11.29 -6.87
C THR D 173 8.19 10.21 -6.18
N ASP D 174 7.56 9.48 -5.25
CA ASP D 174 8.22 8.39 -4.57
C ASP D 174 7.18 7.41 -4.04
N GLU D 175 6.71 6.51 -4.91
CA GLU D 175 5.62 5.61 -4.53
C GLU D 175 6.04 4.66 -3.42
N GLN D 176 7.32 4.35 -3.31
CA GLN D 176 7.78 3.42 -2.27
C GLN D 176 7.66 4.07 -0.89
N LEU D 177 8.03 5.34 -0.78
CA LEU D 177 7.86 6.04 0.50
C LEU D 177 6.38 6.14 0.87
N TYR D 178 5.53 6.48 -0.09
CA TYR D 178 4.10 6.59 0.18
C TYR D 178 3.53 5.26 0.66
N MET D 179 3.81 4.19 -0.08
CA MET D 179 3.33 2.87 0.32
C MET D 179 3.91 2.44 1.66
N GLU D 180 5.13 2.88 1.95
CA GLU D 180 5.75 2.52 3.23
C GLU D 180 4.99 3.13 4.40
N GLN D 181 4.61 4.40 4.29
CA GLN D 181 3.83 5.03 5.36
C GLN D 181 2.40 4.50 5.39
N PHE D 182 1.83 4.16 4.23
CA PHE D 182 0.52 3.54 4.20
C PHE D 182 0.55 2.15 4.80
N THR D 183 1.64 1.40 4.58
CA THR D 183 1.76 0.07 5.15
C THR D 183 1.77 0.13 6.68
N LYS D 184 2.47 1.11 7.25
CA LYS D 184 2.49 1.25 8.70
C LYS D 184 1.10 1.56 9.24
N ALA D 185 0.38 2.48 8.58
CA ALA D 185 -0.98 2.81 9.00
C ALA D 185 -1.96 1.68 8.76
N ASN D 186 -1.65 0.79 7.81
CA ASN D 186 -2.54 -0.34 7.52
C ASN D 186 -2.75 -1.23 8.74
N PHE D 187 -1.85 -1.16 9.72
CA PHE D 187 -2.01 -1.93 10.94
C PHE D 187 -3.37 -1.68 11.59
N TRP D 188 -3.84 -0.43 11.55
CA TRP D 188 -5.07 -0.05 12.20
C TRP D 188 -6.30 -0.26 11.31
N TYR D 189 -6.16 -1.03 10.22
CA TYR D 189 -7.29 -1.51 9.45
C TYR D 189 -7.74 -2.91 9.87
N GLN D 190 -6.96 -3.59 10.70
CA GLN D 190 -7.23 -4.98 11.03
C GLN D 190 -8.62 -5.13 11.65
N PRO D 191 -9.46 -6.05 11.17
CA PRO D 191 -10.76 -6.28 11.82
C PRO D 191 -10.69 -7.23 13.00
N SER D 192 -9.59 -7.96 13.17
CA SER D 192 -9.47 -8.91 14.27
C SER D 192 -8.02 -9.13 14.68
N PHE D 193 -7.42 -8.11 15.29
CA PHE D 193 -6.08 -8.24 15.88
C PHE D 193 -6.22 -8.90 17.24
N HIS D 194 -5.82 -10.17 17.34
CA HIS D 194 -6.04 -10.96 18.55
C HIS D 194 -7.51 -10.92 18.96
N GLY D 195 -8.40 -10.86 17.97
CA GLY D 195 -9.82 -10.81 18.21
C GLY D 195 -10.41 -9.43 18.42
N VAL D 196 -9.63 -8.38 18.19
CA VAL D 196 -10.06 -7.01 18.45
C VAL D 196 -10.11 -6.26 17.12
N ASP D 197 -11.23 -5.56 16.88
CA ASP D 197 -11.43 -4.78 15.67
C ASP D 197 -10.81 -3.41 15.86
N LEU D 198 -9.75 -3.11 15.12
CA LEU D 198 -9.06 -1.83 15.21
C LEU D 198 -9.50 -0.85 14.12
N SER D 199 -10.34 -1.28 13.19
CA SER D 199 -10.59 -0.49 11.98
C SER D 199 -11.16 0.88 12.29
N ALA D 200 -11.86 1.03 13.42
CA ALA D 200 -12.43 2.34 13.75
C ALA D 200 -11.37 3.42 13.83
N LEU D 201 -10.12 3.06 14.08
CA LEU D 201 -9.04 4.02 14.23
C LEU D 201 -8.20 4.19 12.98
N ARG D 202 -8.58 3.56 11.86
CA ARG D 202 -7.79 3.66 10.64
C ARG D 202 -7.59 5.12 10.23
N GLY D 203 -8.65 5.93 10.33
CA GLY D 203 -8.53 7.33 9.97
C GLY D 203 -7.50 8.06 10.83
N ALA D 204 -7.55 7.83 12.14
CA ALA D 204 -6.64 8.52 13.05
C ALA D 204 -5.19 8.11 12.81
N ALA D 205 -4.97 6.82 12.52
CA ALA D 205 -3.60 6.36 12.30
C ALA D 205 -3.01 6.97 11.04
N VAL D 206 -3.76 6.98 9.94
CA VAL D 206 -3.30 7.61 8.70
C VAL D 206 -2.97 9.08 8.94
N ASP D 207 -3.84 9.78 9.67
CA ASP D 207 -3.58 11.19 9.95
C ASP D 207 -2.30 11.35 10.74
N GLU D 208 -2.02 10.45 11.68
CA GLU D 208 -0.83 10.58 12.51
C GLU D 208 0.43 10.27 11.72
N TYR D 209 0.43 9.16 10.98
CA TYR D 209 1.64 8.77 10.24
C TYR D 209 1.99 9.78 9.17
N PHE D 210 0.98 10.38 8.52
CA PHE D 210 1.24 11.34 7.47
C PHE D 210 1.49 12.75 8.00
N ARG D 211 1.34 12.98 9.29
CA ARG D 211 1.76 14.23 9.90
C ARG D 211 3.27 14.33 10.05
N GLN D 212 3.99 13.23 9.87
CA GLN D 212 5.43 13.21 10.11
C GLN D 212 6.19 13.65 8.86
N PRO D 213 6.96 14.73 8.93
CA PRO D 213 7.91 14.99 7.83
C PRO D 213 8.94 13.89 7.76
N VAL D 214 9.29 13.48 6.55
CA VAL D 214 10.24 12.41 6.32
C VAL D 214 11.62 13.02 6.12
N VAL D 215 12.54 12.73 7.05
CA VAL D 215 13.89 13.27 6.99
C VAL D 215 14.81 12.20 6.43
N ASP D 216 15.42 12.50 5.29
CA ASP D 216 16.39 11.63 4.63
C ASP D 216 16.80 12.31 3.33
N THR D 217 17.62 11.64 2.53
CA THR D 217 18.00 12.18 1.23
C THR D 217 17.38 11.34 0.12
N PHE D 218 17.46 11.85 -1.10
CA PHE D 218 16.82 11.21 -2.24
C PHE D 218 17.55 11.62 -3.51
N ASP D 219 17.37 10.82 -4.55
CA ASP D 219 17.91 11.15 -5.86
C ASP D 219 17.12 12.30 -6.46
N ILE D 220 17.83 13.24 -7.09
CA ILE D 220 17.20 14.43 -7.64
C ILE D 220 16.22 14.09 -8.76
N ARG D 221 16.33 12.91 -9.36
CA ARG D 221 15.45 12.55 -10.47
C ARG D 221 14.01 12.33 -10.04
N ILE D 222 13.72 12.27 -8.73
CA ILE D 222 12.33 12.15 -8.29
C ILE D 222 11.61 13.48 -8.31
N LEU D 223 12.33 14.59 -8.51
CA LEU D 223 11.71 15.91 -8.51
C LEU D 223 11.08 16.17 -9.87
N MET D 224 9.85 16.68 -9.85
CA MET D 224 9.05 16.84 -11.06
C MET D 224 8.96 18.28 -11.55
N ALA D 225 9.62 19.22 -10.88
CA ALA D 225 9.63 20.60 -11.33
C ALA D 225 10.81 21.33 -10.70
N LYS D 226 11.22 22.41 -11.34
CA LYS D 226 12.23 23.28 -10.75
C LYS D 226 11.71 23.87 -9.45
N SER D 227 12.59 23.98 -8.46
CA SER D 227 12.17 24.36 -7.13
C SER D 227 11.72 25.81 -7.08
N VAL D 228 10.93 26.13 -6.05
CA VAL D 228 10.48 27.49 -5.77
C VAL D 228 11.20 27.97 -4.53
N LYS D 229 11.61 29.23 -4.53
CA LYS D 229 12.51 29.77 -3.52
C LYS D 229 11.78 30.79 -2.66
N TYR D 230 11.91 30.66 -1.34
CA TYR D 230 11.39 31.63 -0.39
C TYR D 230 12.57 32.14 0.44
N THR D 231 12.84 33.44 0.37
CA THR D 231 14.03 34.03 0.95
C THR D 231 13.68 34.78 2.23
N VAL D 232 14.47 34.55 3.28
CA VAL D 232 14.38 35.30 4.52
C VAL D 232 15.67 36.10 4.66
N ASN D 233 15.53 37.41 4.76
CA ASN D 233 16.68 38.33 4.90
C ASN D 233 16.86 38.62 6.39
N PHE D 234 17.85 37.97 7.00
CA PHE D 234 18.04 38.10 8.44
C PHE D 234 18.42 39.52 8.85
N LEU D 235 18.98 40.31 7.94
CA LEU D 235 19.25 41.72 8.25
C LEU D 235 17.97 42.52 8.36
N GLU D 236 16.95 42.19 7.57
CA GLU D 236 15.70 42.94 7.55
C GLU D 236 14.59 42.29 8.37
N ALA D 237 14.59 40.97 8.49
CA ALA D 237 13.47 40.28 9.11
C ALA D 237 13.36 40.61 10.59
N LYS D 238 12.13 40.62 11.09
CA LYS D 238 11.83 40.75 12.51
C LYS D 238 11.39 39.39 13.03
N GLU D 239 11.70 39.12 14.30
CA GLU D 239 11.37 37.82 14.88
C GLU D 239 9.86 37.55 14.75
N GLY D 240 9.04 38.57 14.89
CA GLY D 240 7.61 38.40 14.69
C GLY D 240 7.25 37.87 13.32
N ASP D 241 8.08 38.17 12.31
CA ASP D 241 7.81 37.72 10.95
C ASP D 241 7.82 36.19 10.83
N LEU D 242 8.37 35.48 11.81
CA LEU D 242 8.51 34.04 11.75
C LEU D 242 7.41 33.30 12.50
N HIS D 243 6.43 34.02 13.04
CA HIS D 243 5.32 33.35 13.72
C HIS D 243 4.39 32.68 12.72
N ARG D 244 4.15 33.33 11.58
CA ARG D 244 3.24 32.81 10.55
C ARG D 244 3.91 33.02 9.20
N ILE D 245 4.41 31.94 8.61
CA ILE D 245 5.16 32.00 7.35
C ILE D 245 4.27 31.38 6.28
N GLU D 246 3.87 32.19 5.30
CA GLU D 246 3.00 31.75 4.22
C GLU D 246 3.82 31.76 2.93
N ILE D 247 4.10 30.57 2.39
CA ILE D 247 4.94 30.43 1.21
C ILE D 247 4.08 30.00 0.04
N PRO D 248 3.68 30.91 -0.84
CA PRO D 248 2.94 30.50 -2.04
C PRO D 248 3.89 29.94 -3.10
N PHE D 249 3.36 29.01 -3.88
CA PHE D 249 4.17 28.35 -4.90
C PHE D 249 3.34 28.09 -6.15
N LYS D 250 4.02 28.10 -7.29
CA LYS D 250 3.43 27.75 -8.58
C LYS D 250 4.51 27.03 -9.38
N PHE D 251 4.39 25.71 -9.50
CA PHE D 251 5.36 24.90 -10.22
C PHE D 251 4.87 24.66 -11.64
N HIS D 252 5.80 24.66 -12.59
CA HIS D 252 5.51 24.25 -13.96
C HIS D 252 6.08 22.84 -14.14
N MET D 253 5.18 21.86 -14.20
CA MET D 253 5.60 20.47 -14.19
C MET D 253 6.46 20.13 -15.39
N LEU D 254 7.63 19.54 -15.13
CA LEU D 254 8.53 19.10 -16.18
C LEU D 254 8.33 17.65 -16.57
N HIS D 255 7.78 16.82 -15.67
CA HIS D 255 7.50 15.43 -15.93
C HIS D 255 6.06 15.12 -15.56
N SER D 256 5.49 14.14 -16.25
CA SER D 256 4.14 13.66 -15.95
C SER D 256 4.23 12.52 -14.95
N GLY D 257 3.25 12.45 -14.06
CA GLY D 257 3.15 11.35 -13.13
C GLY D 257 2.46 11.79 -11.84
N LEU D 258 2.58 10.94 -10.83
CA LEU D 258 2.00 11.20 -9.53
C LEU D 258 2.94 12.06 -8.70
N VAL D 259 2.40 13.12 -8.12
CA VAL D 259 3.10 13.95 -7.15
C VAL D 259 2.71 13.45 -5.77
N HIS D 260 3.67 12.88 -5.04
CA HIS D 260 3.40 12.32 -3.73
C HIS D 260 3.61 13.31 -2.59
N GLY D 261 4.21 14.47 -2.86
CA GLY D 261 4.38 15.47 -1.85
C GLY D 261 5.36 16.53 -2.28
N LEU D 262 5.76 17.35 -1.30
CA LEU D 262 6.72 18.42 -1.52
C LEU D 262 8.02 18.13 -0.77
N ALA D 263 9.15 18.38 -1.44
CA ALA D 263 10.46 18.22 -0.84
C ALA D 263 11.03 19.59 -0.47
N PHE D 264 11.65 19.67 0.70
CA PHE D 264 12.17 20.92 1.23
C PHE D 264 13.65 20.79 1.51
N TRP D 265 14.39 21.88 1.25
CA TRP D 265 15.76 22.03 1.68
C TRP D 265 16.03 23.52 1.78
N PHE D 266 17.22 23.89 2.24
CA PHE D 266 17.51 25.32 2.44
C PHE D 266 18.97 25.62 2.17
N ASP D 267 19.21 26.85 1.72
CA ASP D 267 20.55 27.41 1.59
C ASP D 267 20.63 28.65 2.47
N VAL D 268 21.79 28.85 3.11
CA VAL D 268 22.09 30.09 3.81
C VAL D 268 23.36 30.66 3.19
N ALA D 269 23.41 32.00 3.12
CA ALA D 269 24.53 32.70 2.50
C ALA D 269 25.19 33.59 3.55
N PHE D 270 26.52 33.55 3.58
CA PHE D 270 27.31 34.48 4.39
C PHE D 270 27.83 35.55 3.45
N ILE D 271 27.17 36.70 3.45
CA ILE D 271 27.48 37.79 2.52
C ILE D 271 28.48 38.69 3.23
N GLY D 272 29.77 38.46 2.96
CA GLY D 272 30.84 39.19 3.60
C GLY D 272 31.50 40.19 2.66
N SER D 273 32.39 40.99 3.24
CA SER D 273 33.06 42.03 2.47
C SER D 273 33.95 41.46 1.39
N ILE D 274 34.55 40.29 1.63
CA ILE D 274 35.49 39.71 0.67
C ILE D 274 34.81 38.78 -0.30
N MET D 275 33.84 37.98 0.16
CA MET D 275 33.15 37.07 -0.74
C MET D 275 31.90 36.54 -0.07
N THR D 276 31.00 36.01 -0.89
CA THR D 276 29.77 35.38 -0.42
C THR D 276 29.97 33.87 -0.41
N VAL D 277 29.76 33.26 0.75
CA VAL D 277 29.95 31.83 0.94
C VAL D 277 28.58 31.20 1.21
N TRP D 278 28.27 30.13 0.50
CA TRP D 278 26.98 29.46 0.59
C TRP D 278 27.11 28.14 1.33
N LEU D 279 26.17 27.89 2.23
CA LEU D 279 26.00 26.59 2.87
C LEU D 279 24.67 26.02 2.40
N SER D 280 24.72 24.92 1.65
CA SER D 280 23.55 24.35 1.00
C SER D 280 23.29 22.95 1.53
N THR D 281 22.01 22.64 1.77
CA THR D 281 21.56 21.28 2.07
C THR D 281 20.77 20.68 0.92
N ALA D 282 20.97 21.18 -0.29
CA ALA D 282 20.23 20.67 -1.45
C ALA D 282 20.65 19.24 -1.76
N PRO D 283 19.76 18.46 -2.39
CA PRO D 283 20.10 17.06 -2.71
C PRO D 283 21.15 16.93 -3.82
N THR D 284 21.44 18.01 -4.55
CA THR D 284 22.54 18.01 -5.50
C THR D 284 23.90 18.20 -4.83
N GLU D 285 23.92 18.53 -3.55
CA GLU D 285 25.13 18.88 -2.82
C GLU D 285 25.49 17.81 -1.79
N PRO D 286 26.71 17.82 -1.29
CA PRO D 286 27.09 16.82 -0.29
C PRO D 286 26.16 16.84 0.92
N LEU D 287 25.87 15.64 1.43
CA LEU D 287 24.88 15.50 2.49
C LEU D 287 25.35 16.17 3.78
N THR D 288 24.40 16.74 4.50
CA THR D 288 24.63 17.32 5.82
C THR D 288 23.75 16.61 6.83
N HIS D 289 23.97 16.92 8.12
CA HIS D 289 23.12 16.34 9.15
C HIS D 289 21.69 16.85 9.08
N TRP D 290 21.42 17.88 8.28
CA TRP D 290 20.04 18.30 8.02
C TRP D 290 19.36 17.43 6.96
N TYR D 291 20.12 16.74 6.12
CA TYR D 291 19.56 15.95 5.04
C TYR D 291 18.59 16.81 4.24
N GLN D 292 17.50 16.21 3.76
CA GLN D 292 16.38 16.95 3.19
C GLN D 292 15.10 16.49 3.90
N VAL D 293 14.03 17.24 3.67
CA VAL D 293 12.75 16.96 4.31
C VAL D 293 11.68 16.86 3.23
N ARG D 294 10.79 15.88 3.38
CA ARG D 294 9.69 15.67 2.44
C ARG D 294 8.39 15.55 3.22
N CYS D 295 7.39 16.31 2.80
CA CYS D 295 6.05 16.25 3.36
C CYS D 295 5.13 15.53 2.38
N LEU D 296 4.59 14.40 2.80
CA LEU D 296 3.75 13.58 1.94
C LEU D 296 2.32 14.14 1.90
N PHE D 297 1.71 14.05 0.72
CA PHE D 297 0.26 14.16 0.62
C PHE D 297 -0.37 12.84 1.06
N GLN D 298 -1.53 12.94 1.72
CA GLN D 298 -2.25 11.73 2.07
C GLN D 298 -2.69 10.97 0.83
N SER D 299 -2.95 11.68 -0.26
CA SER D 299 -3.33 11.08 -1.53
C SER D 299 -2.53 11.79 -2.62
N PRO D 300 -1.90 11.07 -3.54
CA PRO D 300 -1.11 11.73 -4.57
C PRO D 300 -1.97 12.44 -5.60
N LEU D 301 -1.36 13.43 -6.26
CA LEU D 301 -2.00 14.18 -7.33
C LEU D 301 -1.35 13.80 -8.65
N PHE D 302 -2.17 13.58 -9.67
CA PHE D 302 -1.64 13.34 -11.01
C PHE D 302 -1.54 14.66 -11.76
N ALA D 303 -0.44 14.81 -12.50
CA ALA D 303 -0.23 15.98 -13.35
C ALA D 303 0.59 15.56 -14.56
N LYS D 304 0.26 16.13 -15.71
CA LYS D 304 1.04 15.94 -16.92
C LYS D 304 2.03 17.09 -17.07
N ALA D 305 3.13 16.81 -17.76
CA ALA D 305 4.10 17.85 -18.06
C ALA D 305 3.40 19.01 -18.75
N GLY D 306 3.76 20.23 -18.34
CA GLY D 306 3.09 21.43 -18.81
C GLY D 306 2.00 21.92 -17.90
N ASP D 307 1.46 21.07 -17.03
CA ASP D 307 0.51 21.52 -16.03
C ASP D 307 1.21 22.39 -14.99
N THR D 308 0.42 23.12 -14.23
CA THR D 308 0.92 23.94 -13.14
C THR D 308 0.35 23.46 -11.82
N LEU D 309 1.21 23.36 -10.81
CA LEU D 309 0.85 22.96 -9.46
C LEU D 309 0.97 24.18 -8.56
N SER D 310 -0.16 24.66 -8.06
CA SER D 310 -0.21 25.90 -7.29
C SER D 310 -0.72 25.60 -5.89
N GLY D 311 -0.36 26.46 -4.95
CA GLY D 311 -0.88 26.35 -3.60
C GLY D 311 -0.07 27.16 -2.62
N THR D 312 -0.13 26.74 -1.37
CA THR D 312 0.48 27.47 -0.27
C THR D 312 1.04 26.50 0.75
N CYS D 313 2.20 26.84 1.29
CA CYS D 313 2.79 26.15 2.43
C CYS D 313 2.75 27.13 3.60
N LEU D 314 1.93 26.82 4.60
CA LEU D 314 1.71 27.71 5.73
C LEU D 314 2.33 27.09 6.97
N LEU D 315 3.28 27.80 7.57
CA LEU D 315 3.98 27.34 8.77
C LEU D 315 3.57 28.22 9.94
N ILE D 316 2.98 27.61 10.96
CA ILE D 316 2.53 28.31 12.16
C ILE D 316 3.42 27.88 13.31
N ALA D 317 4.16 28.83 13.88
CA ALA D 317 5.01 28.54 15.02
C ALA D 317 4.18 28.15 16.23
N ASN D 318 4.60 27.11 16.92
CA ASN D 318 3.91 26.63 18.11
C ASN D 318 4.80 26.79 19.33
N LYS D 319 4.21 26.56 20.51
CA LYS D 319 4.91 26.75 21.77
C LYS D 319 5.86 25.60 22.10
N ARG D 320 5.98 24.61 21.21
CA ARG D 320 6.94 23.52 21.37
C ARG D 320 8.19 23.73 20.53
N GLN D 321 8.52 24.99 20.22
CA GLN D 321 9.75 25.32 19.48
C GLN D 321 9.77 24.64 18.12
N SER D 322 8.62 24.54 17.48
CA SER D 322 8.54 23.93 16.16
C SER D 322 7.44 24.64 15.39
N TYR D 323 6.92 23.99 14.35
CA TYR D 323 5.91 24.59 13.48
C TYR D 323 4.84 23.57 13.15
N ASP D 324 3.62 24.07 12.97
CA ASP D 324 2.54 23.30 12.37
C ASP D 324 2.49 23.67 10.89
N ILE D 325 2.69 22.68 10.03
CA ILE D 325 2.84 22.90 8.60
C ILE D 325 1.54 22.52 7.92
N SER D 326 0.95 23.47 7.21
CA SER D 326 -0.23 23.22 6.39
C SER D 326 0.16 23.40 4.93
N ILE D 327 0.00 22.36 4.13
CA ILE D 327 0.33 22.37 2.71
C ILE D 327 -0.95 22.13 1.93
N VAL D 328 -1.31 23.07 1.08
CA VAL D 328 -2.44 22.95 0.17
C VAL D 328 -1.90 23.11 -1.25
N ALA D 329 -2.11 22.09 -2.07
CA ALA D 329 -1.59 22.08 -3.43
C ALA D 329 -2.70 21.69 -4.39
N GLN D 330 -2.64 22.25 -5.60
CA GLN D 330 -3.72 22.07 -6.56
C GLN D 330 -3.13 22.03 -7.97
N VAL D 331 -3.57 21.06 -8.76
CA VAL D 331 -3.29 21.05 -10.19
C VAL D 331 -4.30 21.99 -10.84
N ASP D 332 -3.80 23.09 -11.41
CA ASP D 332 -4.68 24.17 -11.84
C ASP D 332 -5.60 23.72 -12.98
N GLN D 333 -5.09 22.89 -13.88
CA GLN D 333 -5.86 22.54 -15.07
C GLN D 333 -7.04 21.63 -14.76
N THR D 334 -6.95 20.84 -13.69
CA THR D 334 -7.96 19.84 -13.38
C THR D 334 -8.71 20.07 -12.08
N GLY D 335 -8.22 20.94 -11.20
CA GLY D 335 -8.83 21.12 -9.91
C GLY D 335 -8.51 20.05 -8.89
N SER D 336 -7.61 19.13 -9.21
CA SER D 336 -7.20 18.11 -8.26
C SER D 336 -6.44 18.77 -7.12
N LYS D 337 -6.98 18.68 -5.91
CA LYS D 337 -6.45 19.37 -4.74
C LYS D 337 -6.00 18.37 -3.70
N SER D 338 -4.92 18.70 -2.99
CA SER D 338 -4.43 17.87 -1.91
C SER D 338 -4.03 18.75 -0.74
N SER D 339 -4.38 18.32 0.47
CA SER D 339 -4.07 19.05 1.68
C SER D 339 -3.37 18.11 2.65
N ASN D 340 -2.63 18.70 3.58
CA ASN D 340 -2.04 17.92 4.65
C ASN D 340 -1.56 18.86 5.75
N LEU D 341 -1.70 18.40 6.98
CA LEU D 341 -1.16 19.07 8.15
C LEU D 341 -0.03 18.21 8.70
N LEU D 342 1.11 18.83 8.99
CA LEU D 342 2.28 18.09 9.43
C LEU D 342 2.82 18.68 10.72
N ASP D 343 3.36 17.80 11.56
CA ASP D 343 3.91 18.17 12.85
C ASP D 343 5.43 18.08 12.74
N LEU D 344 6.07 19.22 12.48
CA LEU D 344 7.51 19.24 12.27
C LEU D 344 8.29 18.84 13.50
N LYS D 345 7.69 18.92 14.69
CA LYS D 345 8.43 18.61 15.92
C LYS D 345 8.85 17.15 15.95
N ASN D 346 8.02 16.25 15.41
CA ASN D 346 8.23 14.80 15.51
C ASN D 346 8.30 14.20 14.12
N PRO D 347 9.46 14.27 13.47
CA PRO D 347 9.61 13.71 12.13
C PRO D 347 9.98 12.24 12.14
N PHE D 348 9.92 11.63 10.95
CA PHE D 348 10.28 10.24 10.74
C PHE D 348 11.68 10.20 10.11
N PHE D 349 12.65 9.72 10.89
CA PHE D 349 14.03 9.60 10.41
C PHE D 349 14.16 8.30 9.64
N ARG D 350 14.23 8.40 8.31
CA ARG D 350 14.21 7.24 7.43
C ARG D 350 15.60 6.80 6.99
N TYR D 351 16.58 7.70 7.02
N TYR D 351 16.58 7.69 6.98
CA TYR D 351 17.94 7.40 6.61
CA TYR D 351 17.92 7.34 6.52
C TYR D 351 18.53 6.25 7.41
C TYR D 351 18.46 6.13 7.30
#